data_3DP5
# 
_entry.id   3DP5 
# 
_audit_conform.dict_name       mmcif_pdbx.dic 
_audit_conform.dict_version    5.397 
_audit_conform.dict_location   http://mmcif.pdb.org/dictionaries/ascii/mmcif_pdbx.dic 
# 
loop_
_database_2.database_id 
_database_2.database_code 
_database_2.pdbx_database_accession 
_database_2.pdbx_DOI 
PDB   3DP5         pdb_00003dp5 10.2210/pdb3dp5/pdb 
RCSB  RCSB048315   ?            ?                   
WWPDB D_1000048315 ?            ?                   
# 
loop_
_pdbx_audit_revision_history.ordinal 
_pdbx_audit_revision_history.data_content_type 
_pdbx_audit_revision_history.major_revision 
_pdbx_audit_revision_history.minor_revision 
_pdbx_audit_revision_history.revision_date 
1 'Structure model' 1 0 2008-09-02 
2 'Structure model' 1 1 2011-07-13 
3 'Structure model' 2 0 2019-10-02 
4 'Structure model' 2 1 2024-10-30 
# 
_pdbx_audit_revision_details.ordinal             1 
_pdbx_audit_revision_details.revision_ordinal    1 
_pdbx_audit_revision_details.data_content_type   'Structure model' 
_pdbx_audit_revision_details.provider            repository 
_pdbx_audit_revision_details.type                'Initial release' 
_pdbx_audit_revision_details.description         ? 
_pdbx_audit_revision_details.details             ? 
# 
loop_
_pdbx_audit_revision_group.ordinal 
_pdbx_audit_revision_group.revision_ordinal 
_pdbx_audit_revision_group.data_content_type 
_pdbx_audit_revision_group.group 
1  2 'Structure model' 'Version format compliance' 
2  3 'Structure model' 'Atomic model'              
3  3 'Structure model' 'Data collection'           
4  3 'Structure model' 'Derived calculations'      
5  3 'Structure model' 'Non-polymer description'   
6  3 'Structure model' 'Structure summary'         
7  4 'Structure model' 'Data collection'           
8  4 'Structure model' 'Database references'       
9  4 'Structure model' 'Derived calculations'      
10 4 'Structure model' 'Structure summary'         
# 
loop_
_pdbx_audit_revision_category.ordinal 
_pdbx_audit_revision_category.revision_ordinal 
_pdbx_audit_revision_category.data_content_type 
_pdbx_audit_revision_category.category 
1  3 'Structure model' atom_site                 
2  3 'Structure model' chem_comp                 
3  3 'Structure model' entity                    
4  3 'Structure model' pdbx_entity_nonpoly       
5  3 'Structure model' pdbx_nonpoly_scheme       
6  3 'Structure model' pdbx_struct_conn_angle    
7  3 'Structure model' struct_conn               
8  4 'Structure model' chem_comp_atom            
9  4 'Structure model' chem_comp_bond            
10 4 'Structure model' database_2                
11 4 'Structure model' pdbx_entry_details        
12 4 'Structure model' pdbx_modification_feature 
13 4 'Structure model' struct_conn               
14 4 'Structure model' struct_conn_type          
15 4 'Structure model' struct_ref_seq_dif        
16 4 'Structure model' struct_site               
# 
loop_
_pdbx_audit_revision_item.ordinal 
_pdbx_audit_revision_item.revision_ordinal 
_pdbx_audit_revision_item.data_content_type 
_pdbx_audit_revision_item.item 
1  3 'Structure model' '_atom_site.B_iso_or_equiv'                   
2  3 'Structure model' '_atom_site.Cartn_x'                          
3  3 'Structure model' '_atom_site.Cartn_y'                          
4  3 'Structure model' '_atom_site.Cartn_z'                          
5  3 'Structure model' '_atom_site.auth_atom_id'                     
6  3 'Structure model' '_atom_site.auth_comp_id'                     
7  3 'Structure model' '_atom_site.label_atom_id'                    
8  3 'Structure model' '_atom_site.label_comp_id'                    
9  3 'Structure model' '_atom_site.type_symbol'                      
10 3 'Structure model' '_chem_comp.formula'                          
11 3 'Structure model' '_chem_comp.formula_weight'                   
12 3 'Structure model' '_chem_comp.id'                               
13 3 'Structure model' '_chem_comp.name'                             
14 3 'Structure model' '_chem_comp.pdbx_synonyms'                    
15 3 'Structure model' '_entity.formula_weight'                      
16 3 'Structure model' '_entity.pdbx_description'                    
17 3 'Structure model' '_pdbx_entity_nonpoly.comp_id'                
18 3 'Structure model' '_pdbx_entity_nonpoly.name'                   
19 3 'Structure model' '_pdbx_nonpoly_scheme.mon_id'                 
20 3 'Structure model' '_pdbx_nonpoly_scheme.pdb_mon_id'             
21 3 'Structure model' '_pdbx_struct_conn_angle.ptnr1_auth_comp_id'  
22 3 'Structure model' '_pdbx_struct_conn_angle.ptnr1_label_comp_id' 
23 3 'Structure model' '_pdbx_struct_conn_angle.ptnr2_auth_comp_id'  
24 3 'Structure model' '_pdbx_struct_conn_angle.ptnr2_label_comp_id' 
25 3 'Structure model' '_pdbx_struct_conn_angle.ptnr3_auth_comp_id'  
26 3 'Structure model' '_pdbx_struct_conn_angle.ptnr3_label_comp_id' 
27 3 'Structure model' '_struct_conn.pdbx_leaving_atom_flag'         
28 3 'Structure model' '_struct_conn.ptnr2_auth_comp_id'             
29 3 'Structure model' '_struct_conn.ptnr2_label_comp_id'            
30 4 'Structure model' '_database_2.pdbx_DOI'                        
31 4 'Structure model' '_database_2.pdbx_database_accession'         
32 4 'Structure model' '_struct_conn.conn_type_id'                   
33 4 'Structure model' '_struct_conn.id'                             
34 4 'Structure model' '_struct_conn.pdbx_dist_value'                
35 4 'Structure model' '_struct_conn.pdbx_leaving_atom_flag'         
36 4 'Structure model' '_struct_conn.ptnr1_auth_comp_id'             
37 4 'Structure model' '_struct_conn.ptnr1_auth_seq_id'              
38 4 'Structure model' '_struct_conn.ptnr1_label_atom_id'            
39 4 'Structure model' '_struct_conn.ptnr1_label_comp_id'            
40 4 'Structure model' '_struct_conn.ptnr1_label_seq_id'             
41 4 'Structure model' '_struct_conn.ptnr2_label_atom_id'            
42 4 'Structure model' '_struct_conn_type.id'                        
43 4 'Structure model' '_struct_ref_seq_dif.details'                 
44 4 'Structure model' '_struct_site.pdbx_auth_asym_id'              
45 4 'Structure model' '_struct_site.pdbx_auth_comp_id'              
46 4 'Structure model' '_struct_site.pdbx_auth_seq_id'               
# 
_pdbx_database_status.status_code                     REL 
_pdbx_database_status.entry_id                        3DP5 
_pdbx_database_status.recvd_initial_deposition_date   2008-07-07 
_pdbx_database_status.deposit_site                    RCSB 
_pdbx_database_status.process_site                    PDBJ 
_pdbx_database_status.status_code_sf                  REL 
_pdbx_database_status.status_code_mr                  ? 
_pdbx_database_status.SG_entry                        ? 
_pdbx_database_status.pdb_format_compatible           Y 
_pdbx_database_status.status_code_cs                  ? 
_pdbx_database_status.methods_development_category    ? 
_pdbx_database_status.status_code_nmr_data            ? 
# 
loop_
_audit_author.name 
_audit_author.pdbx_ordinal 
'Lukat, P.'    1 
'Hoffmann, M.' 2 
'Einsle, O.'   3 
# 
_citation.id                        primary 
_citation.title                     
'Crystal packing of the c(6)-type cytochrome OmcF from Geobacter sulfurreducens is mediated by an N-terminal Strep-tag II' 
_citation.journal_abbrev            'ACTA CRYSTALLOGR.,SECT.D' 
_citation.journal_volume            64 
_citation.page_first                919 
_citation.page_last                 926 
_citation.year                      2008 
_citation.journal_id_ASTM           ABCRE6 
_citation.country                   DK 
_citation.journal_id_ISSN           0907-4449 
_citation.journal_id_CSD            0766 
_citation.book_publisher            ? 
_citation.pdbx_database_id_PubMed   18703839 
_citation.pdbx_database_id_DOI      10.1107/S0907444908021306 
# 
loop_
_citation_author.citation_id 
_citation_author.name 
_citation_author.ordinal 
_citation_author.identifier_ORCID 
primary 'Lukat, P.'    1 ? 
primary 'Hoffmann, M.' 2 ? 
primary 'Einsle, O.'   3 ? 
# 
loop_
_entity.id 
_entity.type 
_entity.src_method 
_entity.pdbx_description 
_entity.formula_weight 
_entity.pdbx_number_of_molecules 
_entity.pdbx_ec 
_entity.pdbx_mutation 
_entity.pdbx_fragment 
_entity.details 
1 polymer     man 'Cytochrome c family protein' 10351.609 1   ? ? 'UNP residues 26-104, OmcF' ? 
2 non-polymer syn 'SULFATE ION'                 96.063    1   ? ? ?                           ? 
3 non-polymer syn 'HEME C'                      618.503   1   ? ? ?                           ? 
4 water       nat water                         18.015    117 ? ? ?                           ? 
# 
_entity_name_com.entity_id   1 
_entity_name_com.name        OmcF 
# 
_entity_poly.entity_id                      1 
_entity_poly.type                           'polypeptide(L)' 
_entity_poly.nstd_linkage                   no 
_entity_poly.nstd_monomer                   no 
_entity_poly.pdbx_seq_one_letter_code       
;AASWSHPQFEKGAETAVPNSGGGELFATHCAGCHPQGGNTVHPEKTLARARREANGIRTVRDVAAYIRNPGPGMPAFGEA
MIPPADALKIGEYVVASFP
;
_entity_poly.pdbx_seq_one_letter_code_can   
;AASWSHPQFEKGAETAVPNSGGGELFATHCAGCHPQGGNTVHPEKTLARARREANGIRTVRDVAAYIRNPGPGMPAFGEA
MIPPADALKIGEYVVASFP
;
_entity_poly.pdbx_strand_id                 A 
_entity_poly.pdbx_target_identifier         ? 
# 
loop_
_pdbx_entity_nonpoly.entity_id 
_pdbx_entity_nonpoly.name 
_pdbx_entity_nonpoly.comp_id 
2 'SULFATE ION' SO4 
3 'HEME C'      HEC 
4 water         HOH 
# 
loop_
_entity_poly_seq.entity_id 
_entity_poly_seq.num 
_entity_poly_seq.mon_id 
_entity_poly_seq.hetero 
1 1  ALA n 
1 2  ALA n 
1 3  SER n 
1 4  TRP n 
1 5  SER n 
1 6  HIS n 
1 7  PRO n 
1 8  GLN n 
1 9  PHE n 
1 10 GLU n 
1 11 LYS n 
1 12 GLY n 
1 13 ALA n 
1 14 GLU n 
1 15 THR n 
1 16 ALA n 
1 17 VAL n 
1 18 PRO n 
1 19 ASN n 
1 20 SER n 
1 21 GLY n 
1 22 GLY n 
1 23 GLY n 
1 24 GLU n 
1 25 LEU n 
1 26 PHE n 
1 27 ALA n 
1 28 THR n 
1 29 HIS n 
1 30 CYS n 
1 31 ALA n 
1 32 GLY n 
1 33 CYS n 
1 34 HIS n 
1 35 PRO n 
1 36 GLN n 
1 37 GLY n 
1 38 GLY n 
1 39 ASN n 
1 40 THR n 
1 41 VAL n 
1 42 HIS n 
1 43 PRO n 
1 44 GLU n 
1 45 LYS n 
1 46 THR n 
1 47 LEU n 
1 48 ALA n 
1 49 ARG n 
1 50 ALA n 
1 51 ARG n 
1 52 ARG n 
1 53 GLU n 
1 54 ALA n 
1 55 ASN n 
1 56 GLY n 
1 57 ILE n 
1 58 ARG n 
1 59 THR n 
1 60 VAL n 
1 61 ARG n 
1 62 ASP n 
1 63 VAL n 
1 64 ALA n 
1 65 ALA n 
1 66 TYR n 
1 67 ILE n 
1 68 ARG n 
1 69 ASN n 
1 70 PRO n 
1 71 GLY n 
1 72 PRO n 
1 73 GLY n 
1 74 MET n 
1 75 PRO n 
1 76 ALA n 
1 77 PHE n 
1 78 GLY n 
1 79 GLU n 
1 80 ALA n 
1 81 MET n 
1 82 ILE n 
1 83 PRO n 
1 84 PRO n 
1 85 ALA n 
1 86 ASP n 
1 87 ALA n 
1 88 LEU n 
1 89 LYS n 
1 90 ILE n 
1 91 GLY n 
1 92 GLU n 
1 93 TYR n 
1 94 VAL n 
1 95 VAL n 
1 96 ALA n 
1 97 SER n 
1 98 PHE n 
1 99 PRO n 
# 
_entity_src_gen.entity_id                          1 
_entity_src_gen.pdbx_src_id                        1 
_entity_src_gen.pdbx_alt_source_flag               sample 
_entity_src_gen.pdbx_seq_type                      ? 
_entity_src_gen.pdbx_beg_seq_num                   ? 
_entity_src_gen.pdbx_end_seq_num                   ? 
_entity_src_gen.gene_src_common_name               ? 
_entity_src_gen.gene_src_genus                     ? 
_entity_src_gen.pdbx_gene_src_gene                 GSU2432 
_entity_src_gen.gene_src_species                   ? 
_entity_src_gen.gene_src_strain                    PCA 
_entity_src_gen.gene_src_tissue                    ? 
_entity_src_gen.gene_src_tissue_fraction           ? 
_entity_src_gen.gene_src_details                   'Coexpression with the CCM-system on pEC86 plasmid' 
_entity_src_gen.pdbx_gene_src_fragment             ? 
_entity_src_gen.pdbx_gene_src_scientific_name      'Geobacter sulfurreducens' 
_entity_src_gen.pdbx_gene_src_ncbi_taxonomy_id     35554 
_entity_src_gen.pdbx_gene_src_variant              ? 
_entity_src_gen.pdbx_gene_src_cell_line            ? 
_entity_src_gen.pdbx_gene_src_atcc                 ? 
_entity_src_gen.pdbx_gene_src_organ                ? 
_entity_src_gen.pdbx_gene_src_organelle            ? 
_entity_src_gen.pdbx_gene_src_cell                 ? 
_entity_src_gen.pdbx_gene_src_cellular_location    ? 
_entity_src_gen.host_org_common_name               ? 
_entity_src_gen.pdbx_host_org_scientific_name      'Escherichia coli' 
_entity_src_gen.pdbx_host_org_ncbi_taxonomy_id     562 
_entity_src_gen.host_org_genus                     ? 
_entity_src_gen.pdbx_host_org_gene                 ? 
_entity_src_gen.pdbx_host_org_organ                ? 
_entity_src_gen.host_org_species                   ? 
_entity_src_gen.pdbx_host_org_tissue               ? 
_entity_src_gen.pdbx_host_org_tissue_fraction      ? 
_entity_src_gen.pdbx_host_org_strain               'Bl21(DE3)' 
_entity_src_gen.pdbx_host_org_variant              ? 
_entity_src_gen.pdbx_host_org_cell_line            ? 
_entity_src_gen.pdbx_host_org_atcc                 ? 
_entity_src_gen.pdbx_host_org_culture_collection   ? 
_entity_src_gen.pdbx_host_org_cell                 ? 
_entity_src_gen.pdbx_host_org_organelle            ? 
_entity_src_gen.pdbx_host_org_cellular_location    ? 
_entity_src_gen.pdbx_host_org_vector_type          plasmid 
_entity_src_gen.pdbx_host_org_vector               ? 
_entity_src_gen.host_org_details                   ? 
_entity_src_gen.expression_system_id               ? 
_entity_src_gen.plasmid_name                       'pET22b(+)' 
_entity_src_gen.plasmid_details                    'Modified with N-terminal Strep-tag II' 
_entity_src_gen.pdbx_description                   ? 
# 
loop_
_chem_comp.id 
_chem_comp.type 
_chem_comp.mon_nstd_flag 
_chem_comp.name 
_chem_comp.pdbx_synonyms 
_chem_comp.formula 
_chem_comp.formula_weight 
ALA 'L-peptide linking' y ALANINE         ? 'C3 H7 N O2'       89.093  
ARG 'L-peptide linking' y ARGININE        ? 'C6 H15 N4 O2 1'   175.209 
ASN 'L-peptide linking' y ASPARAGINE      ? 'C4 H8 N2 O3'      132.118 
ASP 'L-peptide linking' y 'ASPARTIC ACID' ? 'C4 H7 N O4'       133.103 
CYS 'L-peptide linking' y CYSTEINE        ? 'C3 H7 N O2 S'     121.158 
GLN 'L-peptide linking' y GLUTAMINE       ? 'C5 H10 N2 O3'     146.144 
GLU 'L-peptide linking' y 'GLUTAMIC ACID' ? 'C5 H9 N O4'       147.129 
GLY 'peptide linking'   y GLYCINE         ? 'C2 H5 N O2'       75.067  
HEC non-polymer         . 'HEME C'        ? 'C34 H34 Fe N4 O4' 618.503 
HIS 'L-peptide linking' y HISTIDINE       ? 'C6 H10 N3 O2 1'   156.162 
HOH non-polymer         . WATER           ? 'H2 O'             18.015  
ILE 'L-peptide linking' y ISOLEUCINE      ? 'C6 H13 N O2'      131.173 
LEU 'L-peptide linking' y LEUCINE         ? 'C6 H13 N O2'      131.173 
LYS 'L-peptide linking' y LYSINE          ? 'C6 H15 N2 O2 1'   147.195 
MET 'L-peptide linking' y METHIONINE      ? 'C5 H11 N O2 S'    149.211 
PHE 'L-peptide linking' y PHENYLALANINE   ? 'C9 H11 N O2'      165.189 
PRO 'L-peptide linking' y PROLINE         ? 'C5 H9 N O2'       115.130 
SER 'L-peptide linking' y SERINE          ? 'C3 H7 N O3'       105.093 
SO4 non-polymer         . 'SULFATE ION'   ? 'O4 S -2'          96.063  
THR 'L-peptide linking' y THREONINE       ? 'C4 H9 N O3'       119.119 
TRP 'L-peptide linking' y TRYPTOPHAN      ? 'C11 H12 N2 O2'    204.225 
TYR 'L-peptide linking' y TYROSINE        ? 'C9 H11 N O3'      181.189 
VAL 'L-peptide linking' y VALINE          ? 'C5 H11 N O2'      117.146 
# 
loop_
_pdbx_poly_seq_scheme.asym_id 
_pdbx_poly_seq_scheme.entity_id 
_pdbx_poly_seq_scheme.seq_id 
_pdbx_poly_seq_scheme.mon_id 
_pdbx_poly_seq_scheme.ndb_seq_num 
_pdbx_poly_seq_scheme.pdb_seq_num 
_pdbx_poly_seq_scheme.auth_seq_num 
_pdbx_poly_seq_scheme.pdb_mon_id 
_pdbx_poly_seq_scheme.auth_mon_id 
_pdbx_poly_seq_scheme.pdb_strand_id 
_pdbx_poly_seq_scheme.pdb_ins_code 
_pdbx_poly_seq_scheme.hetero 
A 1 1  ALA 1  -20 -20 ALA ALA A . n 
A 1 2  ALA 2  -19 -19 ALA ALA A . n 
A 1 3  SER 3  -18 -18 SER SER A . n 
A 1 4  TRP 4  -17 -17 TRP TRP A . n 
A 1 5  SER 5  -16 -16 SER SER A . n 
A 1 6  HIS 6  -15 -15 HIS HIS A . n 
A 1 7  PRO 7  -14 -14 PRO PRO A . n 
A 1 8  GLN 8  -13 -13 GLN GLN A . n 
A 1 9  PHE 9  -12 -12 PHE PHE A . n 
A 1 10 GLU 10 -11 -11 GLU GLU A . n 
A 1 11 LYS 11 -10 -10 LYS LYS A . n 
A 1 12 GLY 12 -9  -9  GLY GLY A . n 
A 1 13 ALA 13 -8  -8  ALA ALA A . n 
A 1 14 GLU 14 -7  -7  GLU GLU A . n 
A 1 15 THR 15 -6  -6  THR THR A . n 
A 1 16 ALA 16 -5  -5  ALA ALA A . n 
A 1 17 VAL 17 -4  -4  VAL VAL A . n 
A 1 18 PRO 18 -3  -3  PRO PRO A . n 
A 1 19 ASN 19 -2  -2  ASN ASN A . n 
A 1 20 SER 20 -1  -1  SER SER A . n 
A 1 21 GLY 21 26  26  GLY GLY A . n 
A 1 22 GLY 22 27  27  GLY GLY A . n 
A 1 23 GLY 23 28  28  GLY GLY A . n 
A 1 24 GLU 24 29  29  GLU GLU A . n 
A 1 25 LEU 25 30  30  LEU LEU A . n 
A 1 26 PHE 26 31  31  PHE PHE A . n 
A 1 27 ALA 27 32  32  ALA ALA A . n 
A 1 28 THR 28 33  33  THR THR A . n 
A 1 29 HIS 29 34  34  HIS HIS A . n 
A 1 30 CYS 30 35  35  CYS CYS A . n 
A 1 31 ALA 31 36  36  ALA ALA A . n 
A 1 32 GLY 32 37  37  GLY GLY A . n 
A 1 33 CYS 33 38  38  CYS CYS A . n 
A 1 34 HIS 34 39  39  HIS HIS A . n 
A 1 35 PRO 35 40  40  PRO PRO A . n 
A 1 36 GLN 36 41  41  GLN GLN A . n 
A 1 37 GLY 37 42  42  GLY GLY A . n 
A 1 38 GLY 38 43  43  GLY GLY A . n 
A 1 39 ASN 39 44  44  ASN ASN A . n 
A 1 40 THR 40 45  45  THR THR A . n 
A 1 41 VAL 41 46  46  VAL VAL A . n 
A 1 42 HIS 42 47  47  HIS HIS A . n 
A 1 43 PRO 43 48  48  PRO PRO A . n 
A 1 44 GLU 44 49  49  GLU GLU A . n 
A 1 45 LYS 45 50  50  LYS LYS A . n 
A 1 46 THR 46 51  51  THR THR A . n 
A 1 47 LEU 47 52  52  LEU LEU A . n 
A 1 48 ALA 48 53  53  ALA ALA A . n 
A 1 49 ARG 49 54  54  ARG ARG A . n 
A 1 50 ALA 50 55  55  ALA ALA A . n 
A 1 51 ARG 51 56  56  ARG ARG A . n 
A 1 52 ARG 52 57  57  ARG ARG A . n 
A 1 53 GLU 53 58  58  GLU GLU A . n 
A 1 54 ALA 54 59  59  ALA ALA A . n 
A 1 55 ASN 55 60  60  ASN ASN A . n 
A 1 56 GLY 56 61  61  GLY GLY A . n 
A 1 57 ILE 57 62  62  ILE ILE A . n 
A 1 58 ARG 58 63  63  ARG ARG A . n 
A 1 59 THR 59 64  64  THR THR A . n 
A 1 60 VAL 60 65  65  VAL VAL A . n 
A 1 61 ARG 61 66  66  ARG ARG A . n 
A 1 62 ASP 62 67  67  ASP ASP A . n 
A 1 63 VAL 63 68  68  VAL VAL A . n 
A 1 64 ALA 64 69  69  ALA ALA A . n 
A 1 65 ALA 65 70  70  ALA ALA A . n 
A 1 66 TYR 66 71  71  TYR TYR A . n 
A 1 67 ILE 67 72  72  ILE ILE A . n 
A 1 68 ARG 68 73  73  ARG ARG A . n 
A 1 69 ASN 69 74  74  ASN ASN A . n 
A 1 70 PRO 70 75  75  PRO PRO A . n 
A 1 71 GLY 71 76  76  GLY GLY A . n 
A 1 72 PRO 72 77  77  PRO PRO A . n 
A 1 73 GLY 73 78  78  GLY GLY A . n 
A 1 74 MET 74 79  79  MET MET A . n 
A 1 75 PRO 75 80  80  PRO PRO A . n 
A 1 76 ALA 76 81  81  ALA ALA A . n 
A 1 77 PHE 77 82  82  PHE PHE A . n 
A 1 78 GLY 78 83  83  GLY GLY A . n 
A 1 79 GLU 79 84  84  GLU GLU A . n 
A 1 80 ALA 80 85  85  ALA ALA A . n 
A 1 81 MET 81 86  86  MET MET A . n 
A 1 82 ILE 82 87  87  ILE ILE A . n 
A 1 83 PRO 83 88  88  PRO PRO A . n 
A 1 84 PRO 84 89  89  PRO PRO A . n 
A 1 85 ALA 85 90  90  ALA ALA A . n 
A 1 86 ASP 86 91  91  ASP ASP A . n 
A 1 87 ALA 87 92  92  ALA ALA A . n 
A 1 88 LEU 88 93  93  LEU LEU A . n 
A 1 89 LYS 89 94  94  LYS LYS A . n 
A 1 90 ILE 90 95  95  ILE ILE A . n 
A 1 91 GLY 91 96  96  GLY GLY A . n 
A 1 92 GLU 92 97  97  GLU GLU A . n 
A 1 93 TYR 93 98  98  TYR TYR A . n 
A 1 94 VAL 94 99  99  VAL VAL A . n 
A 1 95 VAL 95 100 100 VAL VAL A . n 
A 1 96 ALA 96 101 101 ALA ALA A . n 
A 1 97 SER 97 102 102 SER SER A . n 
A 1 98 PHE 98 103 103 PHE PHE A . n 
A 1 99 PRO 99 104 104 PRO PRO A . n 
# 
loop_
_pdbx_nonpoly_scheme.asym_id 
_pdbx_nonpoly_scheme.entity_id 
_pdbx_nonpoly_scheme.mon_id 
_pdbx_nonpoly_scheme.ndb_seq_num 
_pdbx_nonpoly_scheme.pdb_seq_num 
_pdbx_nonpoly_scheme.auth_seq_num 
_pdbx_nonpoly_scheme.pdb_mon_id 
_pdbx_nonpoly_scheme.auth_mon_id 
_pdbx_nonpoly_scheme.pdb_strand_id 
_pdbx_nonpoly_scheme.pdb_ins_code 
B 2 SO4 1   1   1   SO4 SO4 A . 
C 3 HEC 1   122 122 HEC HEM A . 
D 4 HOH 1   123 1   HOH HOH A . 
D 4 HOH 2   124 2   HOH HOH A . 
D 4 HOH 3   125 3   HOH HOH A . 
D 4 HOH 4   126 4   HOH HOH A . 
D 4 HOH 5   127 5   HOH HOH A . 
D 4 HOH 6   128 6   HOH HOH A . 
D 4 HOH 7   129 7   HOH HOH A . 
D 4 HOH 8   130 8   HOH HOH A . 
D 4 HOH 9   131 9   HOH HOH A . 
D 4 HOH 10  132 10  HOH HOH A . 
D 4 HOH 11  133 11  HOH HOH A . 
D 4 HOH 12  134 12  HOH HOH A . 
D 4 HOH 13  135 13  HOH HOH A . 
D 4 HOH 14  136 14  HOH HOH A . 
D 4 HOH 15  137 15  HOH HOH A . 
D 4 HOH 16  138 16  HOH HOH A . 
D 4 HOH 17  139 17  HOH HOH A . 
D 4 HOH 18  140 18  HOH HOH A . 
D 4 HOH 19  141 19  HOH HOH A . 
D 4 HOH 20  142 20  HOH HOH A . 
D 4 HOH 21  143 21  HOH HOH A . 
D 4 HOH 22  144 22  HOH HOH A . 
D 4 HOH 23  145 23  HOH HOH A . 
D 4 HOH 24  146 24  HOH HOH A . 
D 4 HOH 25  147 25  HOH HOH A . 
D 4 HOH 26  148 26  HOH HOH A . 
D 4 HOH 27  149 27  HOH HOH A . 
D 4 HOH 28  150 28  HOH HOH A . 
D 4 HOH 29  151 29  HOH HOH A . 
D 4 HOH 30  152 30  HOH HOH A . 
D 4 HOH 31  153 31  HOH HOH A . 
D 4 HOH 32  154 32  HOH HOH A . 
D 4 HOH 33  155 33  HOH HOH A . 
D 4 HOH 34  156 34  HOH HOH A . 
D 4 HOH 35  157 35  HOH HOH A . 
D 4 HOH 36  158 36  HOH HOH A . 
D 4 HOH 37  159 37  HOH HOH A . 
D 4 HOH 38  160 38  HOH HOH A . 
D 4 HOH 39  161 39  HOH HOH A . 
D 4 HOH 40  162 40  HOH HOH A . 
D 4 HOH 41  163 41  HOH HOH A . 
D 4 HOH 42  164 42  HOH HOH A . 
D 4 HOH 43  165 43  HOH HOH A . 
D 4 HOH 44  166 44  HOH HOH A . 
D 4 HOH 45  167 45  HOH HOH A . 
D 4 HOH 46  168 46  HOH HOH A . 
D 4 HOH 47  169 47  HOH HOH A . 
D 4 HOH 48  170 48  HOH HOH A . 
D 4 HOH 49  171 49  HOH HOH A . 
D 4 HOH 50  172 50  HOH HOH A . 
D 4 HOH 51  173 51  HOH HOH A . 
D 4 HOH 52  174 52  HOH HOH A . 
D 4 HOH 53  175 53  HOH HOH A . 
D 4 HOH 54  176 54  HOH HOH A . 
D 4 HOH 55  177 55  HOH HOH A . 
D 4 HOH 56  178 56  HOH HOH A . 
D 4 HOH 57  179 57  HOH HOH A . 
D 4 HOH 58  180 58  HOH HOH A . 
D 4 HOH 59  181 59  HOH HOH A . 
D 4 HOH 60  182 60  HOH HOH A . 
D 4 HOH 61  183 61  HOH HOH A . 
D 4 HOH 62  184 62  HOH HOH A . 
D 4 HOH 63  185 63  HOH HOH A . 
D 4 HOH 64  186 64  HOH HOH A . 
D 4 HOH 65  187 65  HOH HOH A . 
D 4 HOH 66  188 66  HOH HOH A . 
D 4 HOH 67  189 67  HOH HOH A . 
D 4 HOH 68  190 68  HOH HOH A . 
D 4 HOH 69  191 69  HOH HOH A . 
D 4 HOH 70  192 70  HOH HOH A . 
D 4 HOH 71  193 71  HOH HOH A . 
D 4 HOH 72  194 72  HOH HOH A . 
D 4 HOH 73  195 73  HOH HOH A . 
D 4 HOH 74  196 74  HOH HOH A . 
D 4 HOH 75  197 75  HOH HOH A . 
D 4 HOH 76  198 76  HOH HOH A . 
D 4 HOH 77  199 77  HOH HOH A . 
D 4 HOH 78  200 78  HOH HOH A . 
D 4 HOH 79  202 80  HOH HOH A . 
D 4 HOH 80  203 81  HOH HOH A . 
D 4 HOH 81  204 82  HOH HOH A . 
D 4 HOH 82  205 83  HOH HOH A . 
D 4 HOH 83  206 84  HOH HOH A . 
D 4 HOH 84  207 85  HOH HOH A . 
D 4 HOH 85  208 86  HOH HOH A . 
D 4 HOH 86  209 87  HOH HOH A . 
D 4 HOH 87  210 88  HOH HOH A . 
D 4 HOH 88  211 89  HOH HOH A . 
D 4 HOH 89  212 90  HOH HOH A . 
D 4 HOH 90  213 91  HOH HOH A . 
D 4 HOH 91  215 93  HOH HOH A . 
D 4 HOH 92  216 94  HOH HOH A . 
D 4 HOH 93  217 95  HOH HOH A . 
D 4 HOH 94  218 96  HOH HOH A . 
D 4 HOH 95  219 97  HOH HOH A . 
D 4 HOH 96  221 99  HOH HOH A . 
D 4 HOH 97  222 100 HOH HOH A . 
D 4 HOH 98  223 101 HOH HOH A . 
D 4 HOH 99  224 102 HOH HOH A . 
D 4 HOH 100 225 103 HOH HOH A . 
D 4 HOH 101 226 104 HOH HOH A . 
D 4 HOH 102 227 105 HOH HOH A . 
D 4 HOH 103 228 106 HOH HOH A . 
D 4 HOH 104 229 107 HOH HOH A . 
D 4 HOH 105 230 108 HOH HOH A . 
D 4 HOH 106 231 109 HOH HOH A . 
D 4 HOH 107 232 110 HOH HOH A . 
D 4 HOH 108 233 111 HOH HOH A . 
D 4 HOH 109 234 112 HOH HOH A . 
D 4 HOH 110 235 113 HOH HOH A . 
D 4 HOH 111 236 114 HOH HOH A . 
D 4 HOH 112 237 115 HOH HOH A . 
D 4 HOH 113 238 116 HOH HOH A . 
D 4 HOH 114 239 117 HOH HOH A . 
D 4 HOH 115 240 118 HOH HOH A . 
D 4 HOH 116 241 119 HOH HOH A . 
D 4 HOH 117 242 120 HOH HOH A . 
# 
loop_
_software.name 
_software.classification 
_software.version 
_software.citation_id 
_software.pdbx_ordinal 
REFMAC    refinement        5.2.0019 ? 1 
MAR345dtb 'data collection' .        ? 2 
DENZO     'data reduction'  .        ? 3 
SCALEPACK 'data scaling'    .        ? 4 
SHARP     phasing           .        ? 5 
# 
_cell.entry_id           3DP5 
_cell.length_a           53.475 
_cell.length_b           40.125 
_cell.length_c           42.085 
_cell.angle_alpha        90.00 
_cell.angle_beta         90.00 
_cell.angle_gamma        90.00 
_cell.Z_PDB              4 
_cell.pdbx_unique_axis   ? 
_cell.length_a_esd       ? 
_cell.length_b_esd       ? 
_cell.length_c_esd       ? 
_cell.angle_alpha_esd    ? 
_cell.angle_beta_esd     ? 
_cell.angle_gamma_esd    ? 
# 
_symmetry.entry_id                         3DP5 
_symmetry.space_group_name_H-M             'P 21 21 2' 
_symmetry.pdbx_full_space_group_name_H-M   ? 
_symmetry.cell_setting                     ? 
_symmetry.Int_Tables_number                18 
_symmetry.space_group_name_Hall            ? 
# 
_exptl.entry_id          3DP5 
_exptl.method            'X-RAY DIFFRACTION' 
_exptl.crystals_number   1 
# 
_exptl_crystal.id                    1 
_exptl_crystal.density_meas          ? 
_exptl_crystal.density_Matthews      2.18 
_exptl_crystal.density_percent_sol   43.60 
_exptl_crystal.description           ? 
_exptl_crystal.F_000                 ? 
_exptl_crystal.preparation           ? 
# 
_exptl_crystal_grow.crystal_id      1 
_exptl_crystal_grow.method          'VAPOR DIFFUSION, SITTING DROP' 
_exptl_crystal_grow.temp            293 
_exptl_crystal_grow.temp_details    ? 
_exptl_crystal_grow.pH              7.5 
_exptl_crystal_grow.pdbx_details    
'1.4-1.8M ammonium sulfate, 2% PEG400, 100mM HEPES/NaOH, pH7.5, VAPOR DIFFUSION, SITTING DROP, temperature 293K' 
_exptl_crystal_grow.pdbx_pH_range   . 
# 
_diffrn.id                     1 
_diffrn.ambient_temp           100 
_diffrn.ambient_temp_details   ? 
_diffrn.crystal_id             1 
# 
_diffrn_detector.diffrn_id              1 
_diffrn_detector.detector               'IMAGE PLATE' 
_diffrn_detector.type                   'MAR scanner 345 mm plate' 
_diffrn_detector.pdbx_collection_date   2007-02-15 
_diffrn_detector.details                mirrors 
# 
_diffrn_radiation.diffrn_id                        1 
_diffrn_radiation.wavelength_id                    1 
_diffrn_radiation.pdbx_monochromatic_or_laue_m_l   M 
_diffrn_radiation.monochromator                    'Osmic Blue' 
_diffrn_radiation.pdbx_diffrn_protocol             'SINGLE WAVELENGTH' 
_diffrn_radiation.pdbx_scattering_type             x-ray 
# 
_diffrn_radiation_wavelength.id           1 
_diffrn_radiation_wavelength.wavelength   1.5418 
_diffrn_radiation_wavelength.wt           1.0 
# 
_diffrn_source.diffrn_id                   1 
_diffrn_source.source                      'ROTATING ANODE' 
_diffrn_source.type                        'RIGAKU MICROMAX-007' 
_diffrn_source.pdbx_synchrotron_site       ? 
_diffrn_source.pdbx_synchrotron_beamline   ? 
_diffrn_source.pdbx_wavelength             ? 
_diffrn_source.pdbx_wavelength_list        1.5418 
# 
_reflns.entry_id                     3DP5 
_reflns.observed_criterion_sigma_F   2.0 
_reflns.observed_criterion_sigma_I   2.0 
_reflns.d_resolution_high            1.86 
_reflns.d_resolution_low             33.08 
_reflns.number_all                   ? 
_reflns.number_obs                   8066 
_reflns.percent_possible_obs         99.7 
_reflns.pdbx_Rmerge_I_obs            ? 
_reflns.pdbx_Rsym_value              0.1050 
_reflns.pdbx_netI_over_sigmaI        23.50 
_reflns.B_iso_Wilson_estimate        21.934 
_reflns.pdbx_redundancy              21.78 
_reflns.R_free_details               ? 
_reflns.limit_h_max                  ? 
_reflns.limit_h_min                  ? 
_reflns.limit_k_max                  ? 
_reflns.limit_k_min                  ? 
_reflns.limit_l_max                  ? 
_reflns.limit_l_min                  ? 
_reflns.observed_criterion_F_max     ? 
_reflns.observed_criterion_F_min     ? 
_reflns.pdbx_chi_squared             ? 
_reflns.pdbx_scaling_rejects         ? 
_reflns.pdbx_diffrn_id               1 
_reflns.pdbx_ordinal                 1 
# 
_reflns_shell.d_res_high             1.86 
_reflns_shell.d_res_low              1.96 
_reflns_shell.percent_possible_all   98.5 
_reflns_shell.Rmerge_I_obs           0.4952 
_reflns_shell.pdbx_Rsym_value        0.4952 
_reflns_shell.meanI_over_sigI_obs    6.060 
_reflns_shell.pdbx_redundancy        16.04 
_reflns_shell.percent_possible_obs   ? 
_reflns_shell.number_unique_all      394 
_reflns_shell.number_measured_all    ? 
_reflns_shell.number_measured_obs    ? 
_reflns_shell.number_unique_obs      ? 
_reflns_shell.pdbx_chi_squared       ? 
_reflns_shell.pdbx_diffrn_id         ? 
_reflns_shell.pdbx_ordinal           1 
# 
_refine.entry_id                                 3DP5 
_refine.ls_number_reflns_obs                     7669 
_refine.ls_number_reflns_all                     7684 
_refine.pdbx_ls_sigma_I                          2 
_refine.pdbx_ls_sigma_F                          2 
_refine.pdbx_data_cutoff_high_absF               ? 
_refine.pdbx_data_cutoff_low_absF                ? 
_refine.pdbx_data_cutoff_high_rms_absF           ? 
_refine.ls_d_res_low                             33.08 
_refine.ls_d_res_high                            1.86 
_refine.ls_percent_reflns_obs                    99.68 
_refine.ls_R_factor_obs                          0.17236 
_refine.ls_R_factor_all                          ? 
_refine.ls_R_factor_R_work                       0.17045 
_refine.ls_R_factor_R_free                       0.20987 
_refine.ls_R_factor_R_free_error                 ? 
_refine.ls_R_factor_R_free_error_details         ? 
_refine.ls_percent_reflns_R_free                 4.6 
_refine.ls_number_reflns_R_free                  371 
_refine.ls_number_parameters                     ? 
_refine.ls_number_restraints                     ? 
_refine.occupancy_min                            ? 
_refine.occupancy_max                            ? 
_refine.correlation_coeff_Fo_to_Fc               0.959 
_refine.correlation_coeff_Fo_to_Fc_free          0.943 
_refine.B_iso_mean                               21.934 
_refine.aniso_B[1][1]                            0.32 
_refine.aniso_B[2][2]                            -0.50 
_refine.aniso_B[3][3]                            0.18 
_refine.aniso_B[1][2]                            0.00 
_refine.aniso_B[1][3]                            0.00 
_refine.aniso_B[2][3]                            0.00 
_refine.solvent_model_details                    MASK 
_refine.solvent_model_param_ksol                 ? 
_refine.solvent_model_param_bsol                 ? 
_refine.pdbx_solvent_vdw_probe_radii             1.20 
_refine.pdbx_solvent_ion_probe_radii             0.80 
_refine.pdbx_solvent_shrinkage_radii             0.80 
_refine.pdbx_ls_cross_valid_method               THROUGHOUT 
_refine.details                                  'HYDROGENS HAVE BEEN ADDED IN THE RIDING POSITIONS' 
_refine.pdbx_starting_model                      ? 
_refine.pdbx_method_to_determine_struct          SAD 
_refine.pdbx_isotropic_thermal_model             ? 
_refine.pdbx_stereochemistry_target_values       'MAXIMUM LIKELIHOOD' 
_refine.pdbx_stereochem_target_val_spec_case     ? 
_refine.pdbx_R_Free_selection_details            RANDOM 
_refine.pdbx_overall_ESU_R                       0.153 
_refine.pdbx_overall_ESU_R_Free                  0.136 
_refine.overall_SU_ML                            0.096 
_refine.overall_SU_B                             3.128 
_refine.ls_redundancy_reflns_obs                 ? 
_refine.B_iso_min                                ? 
_refine.B_iso_max                                ? 
_refine.overall_SU_R_Cruickshank_DPI             ? 
_refine.overall_SU_R_free                        ? 
_refine.ls_wR_factor_R_free                      ? 
_refine.ls_wR_factor_R_work                      ? 
_refine.overall_FOM_free_R_set                   ? 
_refine.overall_FOM_work_R_set                   ? 
_refine.pdbx_overall_phase_error                 ? 
_refine.pdbx_refine_id                           'X-RAY DIFFRACTION' 
_refine.pdbx_diffrn_id                           1 
_refine.pdbx_TLS_residual_ADP_flag               ? 
_refine.pdbx_overall_SU_R_free_Cruickshank_DPI   ? 
_refine.pdbx_overall_SU_R_Blow_DPI               ? 
_refine.pdbx_overall_SU_R_free_Blow_DPI          ? 
# 
_refine_hist.pdbx_refine_id                   'X-RAY DIFFRACTION' 
_refine_hist.cycle_id                         LAST 
_refine_hist.pdbx_number_atoms_protein        739 
_refine_hist.pdbx_number_atoms_nucleic_acid   0 
_refine_hist.pdbx_number_atoms_ligand         48 
_refine_hist.number_atoms_solvent             120 
_refine_hist.number_atoms_total               907 
_refine_hist.d_res_high                       1.86 
_refine_hist.d_res_low                        33.08 
# 
loop_
_refine_ls_restr.type 
_refine_ls_restr.dev_ideal 
_refine_ls_restr.dev_ideal_target 
_refine_ls_restr.weight 
_refine_ls_restr.number 
_refine_ls_restr.pdbx_refine_id 
_refine_ls_restr.pdbx_restraint_function 
r_bond_refined_d         0.018  0.022  ? 815  'X-RAY DIFFRACTION' ? 
r_angle_refined_deg      1.776  2.117  ? 1125 'X-RAY DIFFRACTION' ? 
r_dihedral_angle_1_deg   21.004 5.000  ? 100  'X-RAY DIFFRACTION' ? 
r_dihedral_angle_2_deg   34.602 22.424 ? 33   'X-RAY DIFFRACTION' ? 
r_dihedral_angle_3_deg   13.139 15.000 ? 105  'X-RAY DIFFRACTION' ? 
r_dihedral_angle_4_deg   23.240 15.000 ? 7    'X-RAY DIFFRACTION' ? 
r_chiral_restr           0.133  0.200  ? 106  'X-RAY DIFFRACTION' ? 
r_gen_planes_refined     0.009  0.020  ? 661  'X-RAY DIFFRACTION' ? 
r_nbd_refined            0.264  0.200  ? 406  'X-RAY DIFFRACTION' ? 
r_nbtor_refined          0.304  0.200  ? 547  'X-RAY DIFFRACTION' ? 
r_xyhbond_nbd_refined    0.228  0.200  ? 92   'X-RAY DIFFRACTION' ? 
r_symmetry_vdw_refined   0.228  0.200  ? 87   'X-RAY DIFFRACTION' ? 
r_symmetry_hbond_refined 0.195  0.200  ? 37   'X-RAY DIFFRACTION' ? 
r_mcbond_it              0.983  1.500  ? 513  'X-RAY DIFFRACTION' ? 
r_mcangle_it             1.420  2.000  ? 795  'X-RAY DIFFRACTION' ? 
r_scbond_it              2.283  3.000  ? 349  'X-RAY DIFFRACTION' ? 
r_scangle_it             3.389  4.500  ? 328  'X-RAY DIFFRACTION' ? 
# 
_refine_ls_shell.pdbx_total_number_of_bins_used   20 
_refine_ls_shell.d_res_high                       1.857 
_refine_ls_shell.d_res_low                        1.906 
_refine_ls_shell.number_reflns_R_work             536 
_refine_ls_shell.R_factor_R_work                  0.26 
_refine_ls_shell.percent_reflns_obs               96.56 
_refine_ls_shell.R_factor_R_free                  0.445 
_refine_ls_shell.R_factor_R_free_error            ? 
_refine_ls_shell.percent_reflns_R_free            ? 
_refine_ls_shell.number_reflns_R_free             25 
_refine_ls_shell.number_reflns_all                ? 
_refine_ls_shell.R_factor_all                     ? 
_refine_ls_shell.number_reflns_obs                327 
_refine_ls_shell.redundancy_reflns_obs            ? 
_refine_ls_shell.pdbx_refine_id                   'X-RAY DIFFRACTION' 
# 
_struct.entry_id                  3DP5 
_struct.title                     'Crystal structure of Geobacter sulfurreducens OmcF with N-terminal Strep-tag II' 
_struct.pdbx_model_details        ? 
_struct.pdbx_CASP_flag            ? 
_struct.pdbx_model_type_details   ? 
# 
_struct_keywords.entry_id        3DP5 
_struct_keywords.pdbx_keywords   'ELECTRON TRANSPORT' 
_struct_keywords.text            
'c-type cytochrome, Fe SAD phasing, dissimilatory metal reduction, Geobacter sulfurreducens, ELECTRON TRANSPORT' 
# 
loop_
_struct_asym.id 
_struct_asym.pdbx_blank_PDB_chainid_flag 
_struct_asym.pdbx_modified 
_struct_asym.entity_id 
_struct_asym.details 
A N N 1 ? 
B N N 2 ? 
C N N 3 ? 
D N N 4 ? 
# 
_struct_ref.id                         1 
_struct_ref.db_name                    UNP 
_struct_ref.db_code                    Q74AE4_GEOSL 
_struct_ref.pdbx_db_accession          Q74AE4 
_struct_ref.entity_id                  1 
_struct_ref.pdbx_seq_one_letter_code   GGGELFATHCAGCHPQGGNTVHPEKTLARARREANGIRTVRDVAAYIRNPGPGMPAFGEAMIPPADALKIGEYVVASFP 
_struct_ref.pdbx_align_begin           26 
_struct_ref.pdbx_db_isoform            ? 
# 
_struct_ref_seq.align_id                      1 
_struct_ref_seq.ref_id                        1 
_struct_ref_seq.pdbx_PDB_id_code              3DP5 
_struct_ref_seq.pdbx_strand_id                A 
_struct_ref_seq.seq_align_beg                 21 
_struct_ref_seq.pdbx_seq_align_beg_ins_code   ? 
_struct_ref_seq.seq_align_end                 99 
_struct_ref_seq.pdbx_seq_align_end_ins_code   ? 
_struct_ref_seq.pdbx_db_accession             Q74AE4 
_struct_ref_seq.db_align_beg                  26 
_struct_ref_seq.pdbx_db_align_beg_ins_code    ? 
_struct_ref_seq.db_align_end                  104 
_struct_ref_seq.pdbx_db_align_end_ins_code    ? 
_struct_ref_seq.pdbx_auth_seq_align_beg       26 
_struct_ref_seq.pdbx_auth_seq_align_end       104 
# 
loop_
_struct_ref_seq_dif.align_id 
_struct_ref_seq_dif.pdbx_pdb_id_code 
_struct_ref_seq_dif.mon_id 
_struct_ref_seq_dif.pdbx_pdb_strand_id 
_struct_ref_seq_dif.seq_num 
_struct_ref_seq_dif.pdbx_pdb_ins_code 
_struct_ref_seq_dif.pdbx_seq_db_name 
_struct_ref_seq_dif.pdbx_seq_db_accession_code 
_struct_ref_seq_dif.db_mon_id 
_struct_ref_seq_dif.pdbx_seq_db_seq_num 
_struct_ref_seq_dif.details 
_struct_ref_seq_dif.pdbx_auth_seq_num 
_struct_ref_seq_dif.pdbx_ordinal 
1 3DP5 ALA A 1  ? UNP Q74AE4 ? ? 'expression tag' -20 1  
1 3DP5 ALA A 2  ? UNP Q74AE4 ? ? 'expression tag' -19 2  
1 3DP5 SER A 3  ? UNP Q74AE4 ? ? 'expression tag' -18 3  
1 3DP5 TRP A 4  ? UNP Q74AE4 ? ? 'expression tag' -17 4  
1 3DP5 SER A 5  ? UNP Q74AE4 ? ? 'expression tag' -16 5  
1 3DP5 HIS A 6  ? UNP Q74AE4 ? ? 'expression tag' -15 6  
1 3DP5 PRO A 7  ? UNP Q74AE4 ? ? 'expression tag' -14 7  
1 3DP5 GLN A 8  ? UNP Q74AE4 ? ? 'expression tag' -13 8  
1 3DP5 PHE A 9  ? UNP Q74AE4 ? ? 'expression tag' -12 9  
1 3DP5 GLU A 10 ? UNP Q74AE4 ? ? 'expression tag' -11 10 
1 3DP5 LYS A 11 ? UNP Q74AE4 ? ? 'expression tag' -10 11 
1 3DP5 GLY A 12 ? UNP Q74AE4 ? ? 'expression tag' -9  12 
1 3DP5 ALA A 13 ? UNP Q74AE4 ? ? 'expression tag' -8  13 
1 3DP5 GLU A 14 ? UNP Q74AE4 ? ? 'expression tag' -7  14 
1 3DP5 THR A 15 ? UNP Q74AE4 ? ? 'expression tag' -6  15 
1 3DP5 ALA A 16 ? UNP Q74AE4 ? ? 'expression tag' -5  16 
1 3DP5 VAL A 17 ? UNP Q74AE4 ? ? 'expression tag' -4  17 
1 3DP5 PRO A 18 ? UNP Q74AE4 ? ? 'expression tag' -3  18 
1 3DP5 ASN A 19 ? UNP Q74AE4 ? ? 'expression tag' -2  19 
1 3DP5 SER A 20 ? UNP Q74AE4 ? ? 'expression tag' -1  20 
# 
_pdbx_struct_assembly.id                   1 
_pdbx_struct_assembly.details              author_and_software_defined_assembly 
_pdbx_struct_assembly.method_details       PISA 
_pdbx_struct_assembly.oligomeric_details   monomeric 
_pdbx_struct_assembly.oligomeric_count     1 
# 
_pdbx_struct_assembly_gen.assembly_id       1 
_pdbx_struct_assembly_gen.oper_expression   1 
_pdbx_struct_assembly_gen.asym_id_list      A,B,C,D 
# 
_pdbx_struct_oper_list.id                   1 
_pdbx_struct_oper_list.type                 'identity operation' 
_pdbx_struct_oper_list.name                 1_555 
_pdbx_struct_oper_list.symmetry_operation   x,y,z 
_pdbx_struct_oper_list.matrix[1][1]         1.0000000000 
_pdbx_struct_oper_list.matrix[1][2]         0.0000000000 
_pdbx_struct_oper_list.matrix[1][3]         0.0000000000 
_pdbx_struct_oper_list.vector[1]            0.0000000000 
_pdbx_struct_oper_list.matrix[2][1]         0.0000000000 
_pdbx_struct_oper_list.matrix[2][2]         1.0000000000 
_pdbx_struct_oper_list.matrix[2][3]         0.0000000000 
_pdbx_struct_oper_list.vector[2]            0.0000000000 
_pdbx_struct_oper_list.matrix[3][1]         0.0000000000 
_pdbx_struct_oper_list.matrix[3][2]         0.0000000000 
_pdbx_struct_oper_list.matrix[3][3]         1.0000000000 
_pdbx_struct_oper_list.vector[3]            0.0000000000 
# 
_struct_biol.id        1 
_struct_biol.details   ? 
# 
loop_
_struct_conf.conf_type_id 
_struct_conf.id 
_struct_conf.pdbx_PDB_helix_id 
_struct_conf.beg_label_comp_id 
_struct_conf.beg_label_asym_id 
_struct_conf.beg_label_seq_id 
_struct_conf.pdbx_beg_PDB_ins_code 
_struct_conf.end_label_comp_id 
_struct_conf.end_label_asym_id 
_struct_conf.end_label_seq_id 
_struct_conf.pdbx_end_PDB_ins_code 
_struct_conf.beg_auth_comp_id 
_struct_conf.beg_auth_asym_id 
_struct_conf.beg_auth_seq_id 
_struct_conf.end_auth_comp_id 
_struct_conf.end_auth_asym_id 
_struct_conf.end_auth_seq_id 
_struct_conf.pdbx_PDB_helix_class 
_struct_conf.details 
_struct_conf.pdbx_PDB_helix_length 
HELX_P HELX_P1 1 GLY A 12 ? ALA A 16 ? GLY A -9 ALA A -5  5 ? 5  
HELX_P HELX_P2 2 GLY A 21 ? CYS A 30 ? GLY A 26 CYS A 35  1 ? 10 
HELX_P HELX_P3 3 HIS A 34 ? GLY A 38 ? HIS A 39 GLY A 43  5 ? 5  
HELX_P HELX_P4 4 ALA A 48 ? ASN A 55 ? ALA A 53 ASN A 60  1 ? 8  
HELX_P HELX_P5 5 THR A 59 ? ILE A 67 ? THR A 64 ILE A 72  1 ? 9  
HELX_P HELX_P6 6 PRO A 83 ? PHE A 98 ? PRO A 88 PHE A 103 1 ? 16 
# 
_struct_conf_type.id          HELX_P 
_struct_conf_type.criteria    ? 
_struct_conf_type.reference   ? 
# 
loop_
_struct_conn.id 
_struct_conn.conn_type_id 
_struct_conn.pdbx_leaving_atom_flag 
_struct_conn.pdbx_PDB_id 
_struct_conn.ptnr1_label_asym_id 
_struct_conn.ptnr1_label_comp_id 
_struct_conn.ptnr1_label_seq_id 
_struct_conn.ptnr1_label_atom_id 
_struct_conn.pdbx_ptnr1_label_alt_id 
_struct_conn.pdbx_ptnr1_PDB_ins_code 
_struct_conn.pdbx_ptnr1_standard_comp_id 
_struct_conn.ptnr1_symmetry 
_struct_conn.ptnr2_label_asym_id 
_struct_conn.ptnr2_label_comp_id 
_struct_conn.ptnr2_label_seq_id 
_struct_conn.ptnr2_label_atom_id 
_struct_conn.pdbx_ptnr2_label_alt_id 
_struct_conn.pdbx_ptnr2_PDB_ins_code 
_struct_conn.ptnr1_auth_asym_id 
_struct_conn.ptnr1_auth_comp_id 
_struct_conn.ptnr1_auth_seq_id 
_struct_conn.ptnr2_auth_asym_id 
_struct_conn.ptnr2_auth_comp_id 
_struct_conn.ptnr2_auth_seq_id 
_struct_conn.ptnr2_symmetry 
_struct_conn.pdbx_ptnr3_label_atom_id 
_struct_conn.pdbx_ptnr3_label_seq_id 
_struct_conn.pdbx_ptnr3_label_comp_id 
_struct_conn.pdbx_ptnr3_label_asym_id 
_struct_conn.pdbx_ptnr3_label_alt_id 
_struct_conn.pdbx_ptnr3_PDB_ins_code 
_struct_conn.details 
_struct_conn.pdbx_dist_value 
_struct_conn.pdbx_value_order 
_struct_conn.pdbx_role 
covale1 covale none ? A CYS 30 SG  ? ? ? 1_555 C HEC . CAB ? ? A CYS 35 A HEC 122 1_555 ? ? ? ? ? ? ? 1.951 ? ? 
covale2 covale none ? A CYS 33 SG  ? ? ? 1_555 C HEC . CAC ? ? A CYS 38 A HEC 122 1_555 ? ? ? ? ? ? ? 2.114 ? ? 
metalc1 metalc ?    ? A HIS 34 NE2 ? ? ? 1_555 C HEC . FE  ? ? A HIS 39 A HEC 122 1_555 ? ? ? ? ? ? ? 2.042 ? ? 
metalc2 metalc ?    ? A MET 74 SD  ? ? ? 1_555 C HEC . FE  ? ? A MET 79 A HEC 122 1_555 ? ? ? ? ? ? ? 2.377 ? ? 
# 
loop_
_struct_conn_type.id 
_struct_conn_type.criteria 
_struct_conn_type.reference 
covale ? ? 
metalc ? ? 
# 
loop_
_pdbx_struct_conn_angle.id 
_pdbx_struct_conn_angle.ptnr1_label_atom_id 
_pdbx_struct_conn_angle.ptnr1_label_alt_id 
_pdbx_struct_conn_angle.ptnr1_label_asym_id 
_pdbx_struct_conn_angle.ptnr1_label_comp_id 
_pdbx_struct_conn_angle.ptnr1_label_seq_id 
_pdbx_struct_conn_angle.ptnr1_auth_atom_id 
_pdbx_struct_conn_angle.ptnr1_auth_asym_id 
_pdbx_struct_conn_angle.ptnr1_auth_comp_id 
_pdbx_struct_conn_angle.ptnr1_auth_seq_id 
_pdbx_struct_conn_angle.ptnr1_PDB_ins_code 
_pdbx_struct_conn_angle.ptnr1_symmetry 
_pdbx_struct_conn_angle.ptnr2_label_atom_id 
_pdbx_struct_conn_angle.ptnr2_label_alt_id 
_pdbx_struct_conn_angle.ptnr2_label_asym_id 
_pdbx_struct_conn_angle.ptnr2_label_comp_id 
_pdbx_struct_conn_angle.ptnr2_label_seq_id 
_pdbx_struct_conn_angle.ptnr2_auth_atom_id 
_pdbx_struct_conn_angle.ptnr2_auth_asym_id 
_pdbx_struct_conn_angle.ptnr2_auth_comp_id 
_pdbx_struct_conn_angle.ptnr2_auth_seq_id 
_pdbx_struct_conn_angle.ptnr2_PDB_ins_code 
_pdbx_struct_conn_angle.ptnr2_symmetry 
_pdbx_struct_conn_angle.ptnr3_label_atom_id 
_pdbx_struct_conn_angle.ptnr3_label_alt_id 
_pdbx_struct_conn_angle.ptnr3_label_asym_id 
_pdbx_struct_conn_angle.ptnr3_label_comp_id 
_pdbx_struct_conn_angle.ptnr3_label_seq_id 
_pdbx_struct_conn_angle.ptnr3_auth_atom_id 
_pdbx_struct_conn_angle.ptnr3_auth_asym_id 
_pdbx_struct_conn_angle.ptnr3_auth_comp_id 
_pdbx_struct_conn_angle.ptnr3_auth_seq_id 
_pdbx_struct_conn_angle.ptnr3_PDB_ins_code 
_pdbx_struct_conn_angle.ptnr3_symmetry 
_pdbx_struct_conn_angle.value 
_pdbx_struct_conn_angle.value_esd 
1  NE2 ? A HIS 34 ? A HIS 39  ? 1_555 FE ? C HEC . ? A HEC 122 ? 1_555 NA ? C HEC .  ? A HEC 122 ? 1_555 89.5  ? 
2  NE2 ? A HIS 34 ? A HIS 39  ? 1_555 FE ? C HEC . ? A HEC 122 ? 1_555 NB ? C HEC .  ? A HEC 122 ? 1_555 88.7  ? 
3  NA  ? C HEC .  ? A HEC 122 ? 1_555 FE ? C HEC . ? A HEC 122 ? 1_555 NB ? C HEC .  ? A HEC 122 ? 1_555 89.9  ? 
4  NE2 ? A HIS 34 ? A HIS 39  ? 1_555 FE ? C HEC . ? A HEC 122 ? 1_555 NC ? C HEC .  ? A HEC 122 ? 1_555 89.3  ? 
5  NA  ? C HEC .  ? A HEC 122 ? 1_555 FE ? C HEC . ? A HEC 122 ? 1_555 NC ? C HEC .  ? A HEC 122 ? 1_555 178.6 ? 
6  NB  ? C HEC .  ? A HEC 122 ? 1_555 FE ? C HEC . ? A HEC 122 ? 1_555 NC ? C HEC .  ? A HEC 122 ? 1_555 89.4  ? 
7  NE2 ? A HIS 34 ? A HIS 39  ? 1_555 FE ? C HEC . ? A HEC 122 ? 1_555 ND ? C HEC .  ? A HEC 122 ? 1_555 87.6  ? 
8  NA  ? C HEC .  ? A HEC 122 ? 1_555 FE ? C HEC . ? A HEC 122 ? 1_555 ND ? C HEC .  ? A HEC 122 ? 1_555 90.3  ? 
9  NB  ? C HEC .  ? A HEC 122 ? 1_555 FE ? C HEC . ? A HEC 122 ? 1_555 ND ? C HEC .  ? A HEC 122 ? 1_555 176.4 ? 
10 NC  ? C HEC .  ? A HEC 122 ? 1_555 FE ? C HEC . ? A HEC 122 ? 1_555 ND ? C HEC .  ? A HEC 122 ? 1_555 90.3  ? 
11 NE2 ? A HIS 34 ? A HIS 39  ? 1_555 FE ? C HEC . ? A HEC 122 ? 1_555 SD ? A MET 74 ? A MET 79  ? 1_555 176.2 ? 
12 NA  ? C HEC .  ? A HEC 122 ? 1_555 FE ? C HEC . ? A HEC 122 ? 1_555 SD ? A MET 74 ? A MET 79  ? 1_555 87.3  ? 
13 NB  ? C HEC .  ? A HEC 122 ? 1_555 FE ? C HEC . ? A HEC 122 ? 1_555 SD ? A MET 74 ? A MET 79  ? 1_555 93.4  ? 
14 NC  ? C HEC .  ? A HEC 122 ? 1_555 FE ? C HEC . ? A HEC 122 ? 1_555 SD ? A MET 74 ? A MET 79  ? 1_555 93.9  ? 
15 ND  ? C HEC .  ? A HEC 122 ? 1_555 FE ? C HEC . ? A HEC 122 ? 1_555 SD ? A MET 74 ? A MET 79  ? 1_555 90.3  ? 
# 
loop_
_pdbx_modification_feature.ordinal 
_pdbx_modification_feature.label_comp_id 
_pdbx_modification_feature.label_asym_id 
_pdbx_modification_feature.label_seq_id 
_pdbx_modification_feature.label_alt_id 
_pdbx_modification_feature.modified_residue_label_comp_id 
_pdbx_modification_feature.modified_residue_label_asym_id 
_pdbx_modification_feature.modified_residue_label_seq_id 
_pdbx_modification_feature.modified_residue_label_alt_id 
_pdbx_modification_feature.auth_comp_id 
_pdbx_modification_feature.auth_asym_id 
_pdbx_modification_feature.auth_seq_id 
_pdbx_modification_feature.PDB_ins_code 
_pdbx_modification_feature.symmetry 
_pdbx_modification_feature.modified_residue_auth_comp_id 
_pdbx_modification_feature.modified_residue_auth_asym_id 
_pdbx_modification_feature.modified_residue_auth_seq_id 
_pdbx_modification_feature.modified_residue_PDB_ins_code 
_pdbx_modification_feature.modified_residue_symmetry 
_pdbx_modification_feature.comp_id_linking_atom 
_pdbx_modification_feature.modified_residue_id_linking_atom 
_pdbx_modification_feature.modified_residue_id 
_pdbx_modification_feature.ref_pcm_id 
_pdbx_modification_feature.ref_comp_id 
_pdbx_modification_feature.type 
_pdbx_modification_feature.category 
1 HEC C . ? CYS A 30 ? HEC A 122 ? 1_555 CYS A 35 ? 1_555 CAB SG CYS 2 HEC None Heme/heme-like 
2 HEC C . ? CYS A 33 ? HEC A 122 ? 1_555 CYS A 38 ? 1_555 CAC SG CYS 3 HEC None Heme/heme-like 
# 
loop_
_struct_site.id 
_struct_site.pdbx_evidence_code 
_struct_site.pdbx_auth_asym_id 
_struct_site.pdbx_auth_comp_id 
_struct_site.pdbx_auth_seq_id 
_struct_site.pdbx_auth_ins_code 
_struct_site.pdbx_num_residues 
_struct_site.details 
AC1 Software A SO4 1 ? 11 'BINDING SITE FOR RESIDUE SO4 A 1'   
AC2 Software ? ?   ? ? 21 'BINDING SITE FOR RESIDUE HEM A 122' 
# 
loop_
_struct_site_gen.id 
_struct_site_gen.site_id 
_struct_site_gen.pdbx_num_res 
_struct_site_gen.label_comp_id 
_struct_site_gen.label_asym_id 
_struct_site_gen.label_seq_id 
_struct_site_gen.pdbx_auth_ins_code 
_struct_site_gen.auth_comp_id 
_struct_site_gen.auth_asym_id 
_struct_site_gen.auth_seq_id 
_struct_site_gen.label_atom_id 
_struct_site_gen.label_alt_id 
_struct_site_gen.symmetry 
_struct_site_gen.details 
1  AC1 11 ARG A 51 ? ARG A 56  . ? 4_457 ? 
2  AC1 11 ALA A 54 ? ALA A 59  . ? 4_457 ? 
3  AC1 11 GLY A 78 ? GLY A 83  . ? 1_555 ? 
4  AC1 11 GLU A 79 ? GLU A 84  . ? 1_555 ? 
5  AC1 11 ALA A 80 ? ALA A 85  . ? 1_555 ? 
6  AC1 11 MET A 81 ? MET A 86  . ? 1_555 ? 
7  AC1 11 HOH D .  ? HOH A 133 . ? 1_555 ? 
8  AC1 11 HOH D .  ? HOH A 163 . ? 4_457 ? 
9  AC1 11 HOH D .  ? HOH A 169 . ? 1_555 ? 
10 AC1 11 HOH D .  ? HOH A 174 . ? 1_555 ? 
11 AC1 11 HOH D .  ? HOH A 237 . ? 1_555 ? 
12 AC2 21 HIS A 6  ? HIS A -15 . ? 2_656 ? 
13 AC2 21 HIS A 29 ? HIS A 34  . ? 1_555 ? 
14 AC2 21 CYS A 30 ? CYS A 35  . ? 1_555 ? 
15 AC2 21 CYS A 33 ? CYS A 38  . ? 1_555 ? 
16 AC2 21 HIS A 34 ? HIS A 39  . ? 1_555 ? 
17 AC2 21 ASN A 39 ? ASN A 44  . ? 1_555 ? 
18 AC2 21 HIS A 42 ? HIS A 47  . ? 1_555 ? 
19 AC2 21 LYS A 45 ? LYS A 50  . ? 1_555 ? 
20 AC2 21 LEU A 47 ? LEU A 52  . ? 1_555 ? 
21 AC2 21 ASN A 55 ? ASN A 60  . ? 1_555 ? 
22 AC2 21 ILE A 57 ? ILE A 62  . ? 1_555 ? 
23 AC2 21 TYR A 66 ? TYR A 71  . ? 1_555 ? 
24 AC2 21 PRO A 72 ? PRO A 77  . ? 1_555 ? 
25 AC2 21 GLY A 73 ? GLY A 78  . ? 1_555 ? 
26 AC2 21 MET A 74 ? MET A 79  . ? 1_555 ? 
27 AC2 21 ILE A 90 ? ILE A 95  . ? 1_555 ? 
28 AC2 21 HOH D .  ? HOH A 129 . ? 3_657 ? 
29 AC2 21 HOH D .  ? HOH A 136 . ? 1_555 ? 
30 AC2 21 HOH D .  ? HOH A 144 . ? 2_656 ? 
31 AC2 21 HOH D .  ? HOH A 195 . ? 3_657 ? 
32 AC2 21 HOH D .  ? HOH A 217 . ? 1_555 ? 
# 
_pdbx_entry_details.entry_id                   3DP5 
_pdbx_entry_details.compound_details           ? 
_pdbx_entry_details.source_details             ? 
_pdbx_entry_details.nonpolymer_details         ? 
_pdbx_entry_details.sequence_details           ? 
_pdbx_entry_details.has_ligand_of_interest     ? 
_pdbx_entry_details.has_protein_modification   Y 
# 
loop_
_pdbx_validate_close_contact.id 
_pdbx_validate_close_contact.PDB_model_num 
_pdbx_validate_close_contact.auth_atom_id_1 
_pdbx_validate_close_contact.auth_asym_id_1 
_pdbx_validate_close_contact.auth_comp_id_1 
_pdbx_validate_close_contact.auth_seq_id_1 
_pdbx_validate_close_contact.PDB_ins_code_1 
_pdbx_validate_close_contact.label_alt_id_1 
_pdbx_validate_close_contact.auth_atom_id_2 
_pdbx_validate_close_contact.auth_asym_id_2 
_pdbx_validate_close_contact.auth_comp_id_2 
_pdbx_validate_close_contact.auth_seq_id_2 
_pdbx_validate_close_contact.PDB_ins_code_2 
_pdbx_validate_close_contact.label_alt_id_2 
_pdbx_validate_close_contact.dist 
1 1 NH1 A ARG 66 ? B O A HOH 238 ? ? 1.69 
2 1 NE  A ARG 66 ? B O A HOH 168 ? ? 2.10 
3 1 OE1 A GLN 41 ? ? O A HOH 229 ? ? 2.15 
# 
loop_
_pdbx_validate_torsion.id 
_pdbx_validate_torsion.PDB_model_num 
_pdbx_validate_torsion.auth_comp_id 
_pdbx_validate_torsion.auth_asym_id 
_pdbx_validate_torsion.auth_seq_id 
_pdbx_validate_torsion.PDB_ins_code 
_pdbx_validate_torsion.label_alt_id 
_pdbx_validate_torsion.phi 
_pdbx_validate_torsion.psi 
1 1 ASN A 44 ? ? -162.15 109.64 
2 1 LYS A 50 ? ? -109.31 61.81  
3 1 ASN A 74 ? ? -157.30 65.68  
# 
_pdbx_validate_peptide_omega.id               1 
_pdbx_validate_peptide_omega.PDB_model_num    1 
_pdbx_validate_peptide_omega.auth_comp_id_1   GLY 
_pdbx_validate_peptide_omega.auth_asym_id_1   A 
_pdbx_validate_peptide_omega.auth_seq_id_1    83 
_pdbx_validate_peptide_omega.PDB_ins_code_1   ? 
_pdbx_validate_peptide_omega.label_alt_id_1   ? 
_pdbx_validate_peptide_omega.auth_comp_id_2   GLU 
_pdbx_validate_peptide_omega.auth_asym_id_2   A 
_pdbx_validate_peptide_omega.auth_seq_id_2    84 
_pdbx_validate_peptide_omega.PDB_ins_code_2   ? 
_pdbx_validate_peptide_omega.label_alt_id_2   ? 
_pdbx_validate_peptide_omega.omega            -130.95 
# 
loop_
_chem_comp_atom.comp_id 
_chem_comp_atom.atom_id 
_chem_comp_atom.type_symbol 
_chem_comp_atom.pdbx_aromatic_flag 
_chem_comp_atom.pdbx_stereo_config 
_chem_comp_atom.pdbx_ordinal 
ALA N    N  N N 1   
ALA CA   C  N S 2   
ALA C    C  N N 3   
ALA O    O  N N 4   
ALA CB   C  N N 5   
ALA OXT  O  N N 6   
ALA H    H  N N 7   
ALA H2   H  N N 8   
ALA HA   H  N N 9   
ALA HB1  H  N N 10  
ALA HB2  H  N N 11  
ALA HB3  H  N N 12  
ALA HXT  H  N N 13  
ARG N    N  N N 14  
ARG CA   C  N S 15  
ARG C    C  N N 16  
ARG O    O  N N 17  
ARG CB   C  N N 18  
ARG CG   C  N N 19  
ARG CD   C  N N 20  
ARG NE   N  N N 21  
ARG CZ   C  N N 22  
ARG NH1  N  N N 23  
ARG NH2  N  N N 24  
ARG OXT  O  N N 25  
ARG H    H  N N 26  
ARG H2   H  N N 27  
ARG HA   H  N N 28  
ARG HB2  H  N N 29  
ARG HB3  H  N N 30  
ARG HG2  H  N N 31  
ARG HG3  H  N N 32  
ARG HD2  H  N N 33  
ARG HD3  H  N N 34  
ARG HE   H  N N 35  
ARG HH11 H  N N 36  
ARG HH12 H  N N 37  
ARG HH21 H  N N 38  
ARG HH22 H  N N 39  
ARG HXT  H  N N 40  
ASN N    N  N N 41  
ASN CA   C  N S 42  
ASN C    C  N N 43  
ASN O    O  N N 44  
ASN CB   C  N N 45  
ASN CG   C  N N 46  
ASN OD1  O  N N 47  
ASN ND2  N  N N 48  
ASN OXT  O  N N 49  
ASN H    H  N N 50  
ASN H2   H  N N 51  
ASN HA   H  N N 52  
ASN HB2  H  N N 53  
ASN HB3  H  N N 54  
ASN HD21 H  N N 55  
ASN HD22 H  N N 56  
ASN HXT  H  N N 57  
ASP N    N  N N 58  
ASP CA   C  N S 59  
ASP C    C  N N 60  
ASP O    O  N N 61  
ASP CB   C  N N 62  
ASP CG   C  N N 63  
ASP OD1  O  N N 64  
ASP OD2  O  N N 65  
ASP OXT  O  N N 66  
ASP H    H  N N 67  
ASP H2   H  N N 68  
ASP HA   H  N N 69  
ASP HB2  H  N N 70  
ASP HB3  H  N N 71  
ASP HD2  H  N N 72  
ASP HXT  H  N N 73  
CYS N    N  N N 74  
CYS CA   C  N R 75  
CYS C    C  N N 76  
CYS O    O  N N 77  
CYS CB   C  N N 78  
CYS SG   S  N N 79  
CYS OXT  O  N N 80  
CYS H    H  N N 81  
CYS H2   H  N N 82  
CYS HA   H  N N 83  
CYS HB2  H  N N 84  
CYS HB3  H  N N 85  
CYS HG   H  N N 86  
CYS HXT  H  N N 87  
GLN N    N  N N 88  
GLN CA   C  N S 89  
GLN C    C  N N 90  
GLN O    O  N N 91  
GLN CB   C  N N 92  
GLN CG   C  N N 93  
GLN CD   C  N N 94  
GLN OE1  O  N N 95  
GLN NE2  N  N N 96  
GLN OXT  O  N N 97  
GLN H    H  N N 98  
GLN H2   H  N N 99  
GLN HA   H  N N 100 
GLN HB2  H  N N 101 
GLN HB3  H  N N 102 
GLN HG2  H  N N 103 
GLN HG3  H  N N 104 
GLN HE21 H  N N 105 
GLN HE22 H  N N 106 
GLN HXT  H  N N 107 
GLU N    N  N N 108 
GLU CA   C  N S 109 
GLU C    C  N N 110 
GLU O    O  N N 111 
GLU CB   C  N N 112 
GLU CG   C  N N 113 
GLU CD   C  N N 114 
GLU OE1  O  N N 115 
GLU OE2  O  N N 116 
GLU OXT  O  N N 117 
GLU H    H  N N 118 
GLU H2   H  N N 119 
GLU HA   H  N N 120 
GLU HB2  H  N N 121 
GLU HB3  H  N N 122 
GLU HG2  H  N N 123 
GLU HG3  H  N N 124 
GLU HE2  H  N N 125 
GLU HXT  H  N N 126 
GLY N    N  N N 127 
GLY CA   C  N N 128 
GLY C    C  N N 129 
GLY O    O  N N 130 
GLY OXT  O  N N 131 
GLY H    H  N N 132 
GLY H2   H  N N 133 
GLY HA2  H  N N 134 
GLY HA3  H  N N 135 
GLY HXT  H  N N 136 
HEC FE   FE N N 137 
HEC CHA  C  N N 138 
HEC CHB  C  N N 139 
HEC CHC  C  N N 140 
HEC CHD  C  N N 141 
HEC NA   N  Y N 142 
HEC C1A  C  Y N 143 
HEC C2A  C  Y N 144 
HEC C3A  C  Y N 145 
HEC C4A  C  Y N 146 
HEC CMA  C  N N 147 
HEC CAA  C  N N 148 
HEC CBA  C  N N 149 
HEC CGA  C  N N 150 
HEC O1A  O  N N 151 
HEC O2A  O  N N 152 
HEC NB   N  Y N 153 
HEC C1B  C  Y N 154 
HEC C2B  C  Y N 155 
HEC C3B  C  Y N 156 
HEC C4B  C  Y N 157 
HEC CMB  C  N N 158 
HEC CAB  C  N N 159 
HEC CBB  C  N N 160 
HEC NC   N  Y N 161 
HEC C1C  C  Y N 162 
HEC C2C  C  Y N 163 
HEC C3C  C  Y N 164 
HEC C4C  C  Y N 165 
HEC CMC  C  N N 166 
HEC CAC  C  N N 167 
HEC CBC  C  N N 168 
HEC ND   N  Y N 169 
HEC C1D  C  Y N 170 
HEC C2D  C  Y N 171 
HEC C3D  C  Y N 172 
HEC C4D  C  Y N 173 
HEC CMD  C  N N 174 
HEC CAD  C  N N 175 
HEC CBD  C  N N 176 
HEC CGD  C  N N 177 
HEC O1D  O  N N 178 
HEC O2D  O  N N 179 
HEC HHA  H  N N 180 
HEC HHB  H  N N 181 
HEC HHC  H  N N 182 
HEC HHD  H  N N 183 
HEC HMA1 H  N N 184 
HEC HMA2 H  N N 185 
HEC HMA3 H  N N 186 
HEC HAA1 H  N N 187 
HEC HAA2 H  N N 188 
HEC HBA1 H  N N 189 
HEC HBA2 H  N N 190 
HEC H2A  H  N N 191 
HEC HMB1 H  N N 192 
HEC HMB2 H  N N 193 
HEC HMB3 H  N N 194 
HEC HAB  H  N N 195 
HEC HBB1 H  N N 196 
HEC HBB2 H  N N 197 
HEC HBB3 H  N N 198 
HEC HMC1 H  N N 199 
HEC HMC2 H  N N 200 
HEC HMC3 H  N N 201 
HEC HAC  H  N N 202 
HEC HBC1 H  N N 203 
HEC HBC2 H  N N 204 
HEC HBC3 H  N N 205 
HEC HMD1 H  N N 206 
HEC HMD2 H  N N 207 
HEC HMD3 H  N N 208 
HEC HAD1 H  N N 209 
HEC HAD2 H  N N 210 
HEC HBD1 H  N N 211 
HEC HBD2 H  N N 212 
HEC H2D  H  N N 213 
HIS N    N  N N 214 
HIS CA   C  N S 215 
HIS C    C  N N 216 
HIS O    O  N N 217 
HIS CB   C  N N 218 
HIS CG   C  Y N 219 
HIS ND1  N  Y N 220 
HIS CD2  C  Y N 221 
HIS CE1  C  Y N 222 
HIS NE2  N  Y N 223 
HIS OXT  O  N N 224 
HIS H    H  N N 225 
HIS H2   H  N N 226 
HIS HA   H  N N 227 
HIS HB2  H  N N 228 
HIS HB3  H  N N 229 
HIS HD1  H  N N 230 
HIS HD2  H  N N 231 
HIS HE1  H  N N 232 
HIS HE2  H  N N 233 
HIS HXT  H  N N 234 
HOH O    O  N N 235 
HOH H1   H  N N 236 
HOH H2   H  N N 237 
ILE N    N  N N 238 
ILE CA   C  N S 239 
ILE C    C  N N 240 
ILE O    O  N N 241 
ILE CB   C  N S 242 
ILE CG1  C  N N 243 
ILE CG2  C  N N 244 
ILE CD1  C  N N 245 
ILE OXT  O  N N 246 
ILE H    H  N N 247 
ILE H2   H  N N 248 
ILE HA   H  N N 249 
ILE HB   H  N N 250 
ILE HG12 H  N N 251 
ILE HG13 H  N N 252 
ILE HG21 H  N N 253 
ILE HG22 H  N N 254 
ILE HG23 H  N N 255 
ILE HD11 H  N N 256 
ILE HD12 H  N N 257 
ILE HD13 H  N N 258 
ILE HXT  H  N N 259 
LEU N    N  N N 260 
LEU CA   C  N S 261 
LEU C    C  N N 262 
LEU O    O  N N 263 
LEU CB   C  N N 264 
LEU CG   C  N N 265 
LEU CD1  C  N N 266 
LEU CD2  C  N N 267 
LEU OXT  O  N N 268 
LEU H    H  N N 269 
LEU H2   H  N N 270 
LEU HA   H  N N 271 
LEU HB2  H  N N 272 
LEU HB3  H  N N 273 
LEU HG   H  N N 274 
LEU HD11 H  N N 275 
LEU HD12 H  N N 276 
LEU HD13 H  N N 277 
LEU HD21 H  N N 278 
LEU HD22 H  N N 279 
LEU HD23 H  N N 280 
LEU HXT  H  N N 281 
LYS N    N  N N 282 
LYS CA   C  N S 283 
LYS C    C  N N 284 
LYS O    O  N N 285 
LYS CB   C  N N 286 
LYS CG   C  N N 287 
LYS CD   C  N N 288 
LYS CE   C  N N 289 
LYS NZ   N  N N 290 
LYS OXT  O  N N 291 
LYS H    H  N N 292 
LYS H2   H  N N 293 
LYS HA   H  N N 294 
LYS HB2  H  N N 295 
LYS HB3  H  N N 296 
LYS HG2  H  N N 297 
LYS HG3  H  N N 298 
LYS HD2  H  N N 299 
LYS HD3  H  N N 300 
LYS HE2  H  N N 301 
LYS HE3  H  N N 302 
LYS HZ1  H  N N 303 
LYS HZ2  H  N N 304 
LYS HZ3  H  N N 305 
LYS HXT  H  N N 306 
MET N    N  N N 307 
MET CA   C  N S 308 
MET C    C  N N 309 
MET O    O  N N 310 
MET CB   C  N N 311 
MET CG   C  N N 312 
MET SD   S  N N 313 
MET CE   C  N N 314 
MET OXT  O  N N 315 
MET H    H  N N 316 
MET H2   H  N N 317 
MET HA   H  N N 318 
MET HB2  H  N N 319 
MET HB3  H  N N 320 
MET HG2  H  N N 321 
MET HG3  H  N N 322 
MET HE1  H  N N 323 
MET HE2  H  N N 324 
MET HE3  H  N N 325 
MET HXT  H  N N 326 
PHE N    N  N N 327 
PHE CA   C  N S 328 
PHE C    C  N N 329 
PHE O    O  N N 330 
PHE CB   C  N N 331 
PHE CG   C  Y N 332 
PHE CD1  C  Y N 333 
PHE CD2  C  Y N 334 
PHE CE1  C  Y N 335 
PHE CE2  C  Y N 336 
PHE CZ   C  Y N 337 
PHE OXT  O  N N 338 
PHE H    H  N N 339 
PHE H2   H  N N 340 
PHE HA   H  N N 341 
PHE HB2  H  N N 342 
PHE HB3  H  N N 343 
PHE HD1  H  N N 344 
PHE HD2  H  N N 345 
PHE HE1  H  N N 346 
PHE HE2  H  N N 347 
PHE HZ   H  N N 348 
PHE HXT  H  N N 349 
PRO N    N  N N 350 
PRO CA   C  N S 351 
PRO C    C  N N 352 
PRO O    O  N N 353 
PRO CB   C  N N 354 
PRO CG   C  N N 355 
PRO CD   C  N N 356 
PRO OXT  O  N N 357 
PRO H    H  N N 358 
PRO HA   H  N N 359 
PRO HB2  H  N N 360 
PRO HB3  H  N N 361 
PRO HG2  H  N N 362 
PRO HG3  H  N N 363 
PRO HD2  H  N N 364 
PRO HD3  H  N N 365 
PRO HXT  H  N N 366 
SER N    N  N N 367 
SER CA   C  N S 368 
SER C    C  N N 369 
SER O    O  N N 370 
SER CB   C  N N 371 
SER OG   O  N N 372 
SER OXT  O  N N 373 
SER H    H  N N 374 
SER H2   H  N N 375 
SER HA   H  N N 376 
SER HB2  H  N N 377 
SER HB3  H  N N 378 
SER HG   H  N N 379 
SER HXT  H  N N 380 
SO4 S    S  N N 381 
SO4 O1   O  N N 382 
SO4 O2   O  N N 383 
SO4 O3   O  N N 384 
SO4 O4   O  N N 385 
THR N    N  N N 386 
THR CA   C  N S 387 
THR C    C  N N 388 
THR O    O  N N 389 
THR CB   C  N R 390 
THR OG1  O  N N 391 
THR CG2  C  N N 392 
THR OXT  O  N N 393 
THR H    H  N N 394 
THR H2   H  N N 395 
THR HA   H  N N 396 
THR HB   H  N N 397 
THR HG1  H  N N 398 
THR HG21 H  N N 399 
THR HG22 H  N N 400 
THR HG23 H  N N 401 
THR HXT  H  N N 402 
TRP N    N  N N 403 
TRP CA   C  N S 404 
TRP C    C  N N 405 
TRP O    O  N N 406 
TRP CB   C  N N 407 
TRP CG   C  Y N 408 
TRP CD1  C  Y N 409 
TRP CD2  C  Y N 410 
TRP NE1  N  Y N 411 
TRP CE2  C  Y N 412 
TRP CE3  C  Y N 413 
TRP CZ2  C  Y N 414 
TRP CZ3  C  Y N 415 
TRP CH2  C  Y N 416 
TRP OXT  O  N N 417 
TRP H    H  N N 418 
TRP H2   H  N N 419 
TRP HA   H  N N 420 
TRP HB2  H  N N 421 
TRP HB3  H  N N 422 
TRP HD1  H  N N 423 
TRP HE1  H  N N 424 
TRP HE3  H  N N 425 
TRP HZ2  H  N N 426 
TRP HZ3  H  N N 427 
TRP HH2  H  N N 428 
TRP HXT  H  N N 429 
TYR N    N  N N 430 
TYR CA   C  N S 431 
TYR C    C  N N 432 
TYR O    O  N N 433 
TYR CB   C  N N 434 
TYR CG   C  Y N 435 
TYR CD1  C  Y N 436 
TYR CD2  C  Y N 437 
TYR CE1  C  Y N 438 
TYR CE2  C  Y N 439 
TYR CZ   C  Y N 440 
TYR OH   O  N N 441 
TYR OXT  O  N N 442 
TYR H    H  N N 443 
TYR H2   H  N N 444 
TYR HA   H  N N 445 
TYR HB2  H  N N 446 
TYR HB3  H  N N 447 
TYR HD1  H  N N 448 
TYR HD2  H  N N 449 
TYR HE1  H  N N 450 
TYR HE2  H  N N 451 
TYR HH   H  N N 452 
TYR HXT  H  N N 453 
VAL N    N  N N 454 
VAL CA   C  N S 455 
VAL C    C  N N 456 
VAL O    O  N N 457 
VAL CB   C  N N 458 
VAL CG1  C  N N 459 
VAL CG2  C  N N 460 
VAL OXT  O  N N 461 
VAL H    H  N N 462 
VAL H2   H  N N 463 
VAL HA   H  N N 464 
VAL HB   H  N N 465 
VAL HG11 H  N N 466 
VAL HG12 H  N N 467 
VAL HG13 H  N N 468 
VAL HG21 H  N N 469 
VAL HG22 H  N N 470 
VAL HG23 H  N N 471 
VAL HXT  H  N N 472 
# 
loop_
_chem_comp_bond.comp_id 
_chem_comp_bond.atom_id_1 
_chem_comp_bond.atom_id_2 
_chem_comp_bond.value_order 
_chem_comp_bond.pdbx_aromatic_flag 
_chem_comp_bond.pdbx_stereo_config 
_chem_comp_bond.pdbx_ordinal 
ALA N   CA   sing N N 1   
ALA N   H    sing N N 2   
ALA N   H2   sing N N 3   
ALA CA  C    sing N N 4   
ALA CA  CB   sing N N 5   
ALA CA  HA   sing N N 6   
ALA C   O    doub N N 7   
ALA C   OXT  sing N N 8   
ALA CB  HB1  sing N N 9   
ALA CB  HB2  sing N N 10  
ALA CB  HB3  sing N N 11  
ALA OXT HXT  sing N N 12  
ARG N   CA   sing N N 13  
ARG N   H    sing N N 14  
ARG N   H2   sing N N 15  
ARG CA  C    sing N N 16  
ARG CA  CB   sing N N 17  
ARG CA  HA   sing N N 18  
ARG C   O    doub N N 19  
ARG C   OXT  sing N N 20  
ARG CB  CG   sing N N 21  
ARG CB  HB2  sing N N 22  
ARG CB  HB3  sing N N 23  
ARG CG  CD   sing N N 24  
ARG CG  HG2  sing N N 25  
ARG CG  HG3  sing N N 26  
ARG CD  NE   sing N N 27  
ARG CD  HD2  sing N N 28  
ARG CD  HD3  sing N N 29  
ARG NE  CZ   sing N N 30  
ARG NE  HE   sing N N 31  
ARG CZ  NH1  sing N N 32  
ARG CZ  NH2  doub N N 33  
ARG NH1 HH11 sing N N 34  
ARG NH1 HH12 sing N N 35  
ARG NH2 HH21 sing N N 36  
ARG NH2 HH22 sing N N 37  
ARG OXT HXT  sing N N 38  
ASN N   CA   sing N N 39  
ASN N   H    sing N N 40  
ASN N   H2   sing N N 41  
ASN CA  C    sing N N 42  
ASN CA  CB   sing N N 43  
ASN CA  HA   sing N N 44  
ASN C   O    doub N N 45  
ASN C   OXT  sing N N 46  
ASN CB  CG   sing N N 47  
ASN CB  HB2  sing N N 48  
ASN CB  HB3  sing N N 49  
ASN CG  OD1  doub N N 50  
ASN CG  ND2  sing N N 51  
ASN ND2 HD21 sing N N 52  
ASN ND2 HD22 sing N N 53  
ASN OXT HXT  sing N N 54  
ASP N   CA   sing N N 55  
ASP N   H    sing N N 56  
ASP N   H2   sing N N 57  
ASP CA  C    sing N N 58  
ASP CA  CB   sing N N 59  
ASP CA  HA   sing N N 60  
ASP C   O    doub N N 61  
ASP C   OXT  sing N N 62  
ASP CB  CG   sing N N 63  
ASP CB  HB2  sing N N 64  
ASP CB  HB3  sing N N 65  
ASP CG  OD1  doub N N 66  
ASP CG  OD2  sing N N 67  
ASP OD2 HD2  sing N N 68  
ASP OXT HXT  sing N N 69  
CYS N   CA   sing N N 70  
CYS N   H    sing N N 71  
CYS N   H2   sing N N 72  
CYS CA  C    sing N N 73  
CYS CA  CB   sing N N 74  
CYS CA  HA   sing N N 75  
CYS C   O    doub N N 76  
CYS C   OXT  sing N N 77  
CYS CB  SG   sing N N 78  
CYS CB  HB2  sing N N 79  
CYS CB  HB3  sing N N 80  
CYS SG  HG   sing N N 81  
CYS OXT HXT  sing N N 82  
GLN N   CA   sing N N 83  
GLN N   H    sing N N 84  
GLN N   H2   sing N N 85  
GLN CA  C    sing N N 86  
GLN CA  CB   sing N N 87  
GLN CA  HA   sing N N 88  
GLN C   O    doub N N 89  
GLN C   OXT  sing N N 90  
GLN CB  CG   sing N N 91  
GLN CB  HB2  sing N N 92  
GLN CB  HB3  sing N N 93  
GLN CG  CD   sing N N 94  
GLN CG  HG2  sing N N 95  
GLN CG  HG3  sing N N 96  
GLN CD  OE1  doub N N 97  
GLN CD  NE2  sing N N 98  
GLN NE2 HE21 sing N N 99  
GLN NE2 HE22 sing N N 100 
GLN OXT HXT  sing N N 101 
GLU N   CA   sing N N 102 
GLU N   H    sing N N 103 
GLU N   H2   sing N N 104 
GLU CA  C    sing N N 105 
GLU CA  CB   sing N N 106 
GLU CA  HA   sing N N 107 
GLU C   O    doub N N 108 
GLU C   OXT  sing N N 109 
GLU CB  CG   sing N N 110 
GLU CB  HB2  sing N N 111 
GLU CB  HB3  sing N N 112 
GLU CG  CD   sing N N 113 
GLU CG  HG2  sing N N 114 
GLU CG  HG3  sing N N 115 
GLU CD  OE1  doub N N 116 
GLU CD  OE2  sing N N 117 
GLU OE2 HE2  sing N N 118 
GLU OXT HXT  sing N N 119 
GLY N   CA   sing N N 120 
GLY N   H    sing N N 121 
GLY N   H2   sing N N 122 
GLY CA  C    sing N N 123 
GLY CA  HA2  sing N N 124 
GLY CA  HA3  sing N N 125 
GLY C   O    doub N N 126 
GLY C   OXT  sing N N 127 
GLY OXT HXT  sing N N 128 
HEC FE  NA   sing N N 129 
HEC FE  NB   sing N N 130 
HEC FE  NC   sing N N 131 
HEC FE  ND   sing N N 132 
HEC CHA C1A  doub N N 133 
HEC CHA C4D  sing N N 134 
HEC CHA HHA  sing N N 135 
HEC CHB C4A  doub N N 136 
HEC CHB C1B  sing N N 137 
HEC CHB HHB  sing N N 138 
HEC CHC C4B  doub N N 139 
HEC CHC C1C  sing N N 140 
HEC CHC HHC  sing N N 141 
HEC CHD C4C  doub N N 142 
HEC CHD C1D  sing N N 143 
HEC CHD HHD  sing N N 144 
HEC NA  C1A  sing Y N 145 
HEC NA  C4A  sing Y N 146 
HEC C1A C2A  sing Y N 147 
HEC C2A C3A  doub Y N 148 
HEC C2A CAA  sing N N 149 
HEC C3A C4A  sing Y N 150 
HEC C3A CMA  sing N N 151 
HEC CMA HMA1 sing N N 152 
HEC CMA HMA2 sing N N 153 
HEC CMA HMA3 sing N N 154 
HEC CAA CBA  sing N N 155 
HEC CAA HAA1 sing N N 156 
HEC CAA HAA2 sing N N 157 
HEC CBA CGA  sing N N 158 
HEC CBA HBA1 sing N N 159 
HEC CBA HBA2 sing N N 160 
HEC CGA O1A  doub N N 161 
HEC CGA O2A  sing N N 162 
HEC O2A H2A  sing N N 163 
HEC NB  C1B  sing Y N 164 
HEC NB  C4B  sing Y N 165 
HEC C1B C2B  doub Y N 166 
HEC C2B C3B  sing Y N 167 
HEC C2B CMB  sing N N 168 
HEC C3B C4B  sing Y N 169 
HEC C3B CAB  doub N E 170 
HEC CMB HMB1 sing N N 171 
HEC CMB HMB2 sing N N 172 
HEC CMB HMB3 sing N N 173 
HEC CAB CBB  sing N N 174 
HEC CAB HAB  sing N N 175 
HEC CBB HBB1 sing N N 176 
HEC CBB HBB2 sing N N 177 
HEC CBB HBB3 sing N N 178 
HEC NC  C1C  sing Y N 179 
HEC NC  C4C  sing Y N 180 
HEC C1C C2C  doub Y N 181 
HEC C2C C3C  sing Y N 182 
HEC C2C CMC  sing N N 183 
HEC C3C C4C  sing Y N 184 
HEC C3C CAC  doub N E 185 
HEC CMC HMC1 sing N N 186 
HEC CMC HMC2 sing N N 187 
HEC CMC HMC3 sing N N 188 
HEC CAC CBC  sing N N 189 
HEC CAC HAC  sing N N 190 
HEC CBC HBC1 sing N N 191 
HEC CBC HBC2 sing N N 192 
HEC CBC HBC3 sing N N 193 
HEC ND  C1D  sing Y N 194 
HEC ND  C4D  sing Y N 195 
HEC C1D C2D  doub Y N 196 
HEC C2D C3D  sing Y N 197 
HEC C2D CMD  sing N N 198 
HEC C3D C4D  doub Y N 199 
HEC C3D CAD  sing N N 200 
HEC CMD HMD1 sing N N 201 
HEC CMD HMD2 sing N N 202 
HEC CMD HMD3 sing N N 203 
HEC CAD CBD  sing N N 204 
HEC CAD HAD1 sing N N 205 
HEC CAD HAD2 sing N N 206 
HEC CBD CGD  sing N N 207 
HEC CBD HBD1 sing N N 208 
HEC CBD HBD2 sing N N 209 
HEC CGD O1D  doub N N 210 
HEC CGD O2D  sing N N 211 
HEC O2D H2D  sing N N 212 
HIS N   CA   sing N N 213 
HIS N   H    sing N N 214 
HIS N   H2   sing N N 215 
HIS CA  C    sing N N 216 
HIS CA  CB   sing N N 217 
HIS CA  HA   sing N N 218 
HIS C   O    doub N N 219 
HIS C   OXT  sing N N 220 
HIS CB  CG   sing N N 221 
HIS CB  HB2  sing N N 222 
HIS CB  HB3  sing N N 223 
HIS CG  ND1  sing Y N 224 
HIS CG  CD2  doub Y N 225 
HIS ND1 CE1  doub Y N 226 
HIS ND1 HD1  sing N N 227 
HIS CD2 NE2  sing Y N 228 
HIS CD2 HD2  sing N N 229 
HIS CE1 NE2  sing Y N 230 
HIS CE1 HE1  sing N N 231 
HIS NE2 HE2  sing N N 232 
HIS OXT HXT  sing N N 233 
HOH O   H1   sing N N 234 
HOH O   H2   sing N N 235 
ILE N   CA   sing N N 236 
ILE N   H    sing N N 237 
ILE N   H2   sing N N 238 
ILE CA  C    sing N N 239 
ILE CA  CB   sing N N 240 
ILE CA  HA   sing N N 241 
ILE C   O    doub N N 242 
ILE C   OXT  sing N N 243 
ILE CB  CG1  sing N N 244 
ILE CB  CG2  sing N N 245 
ILE CB  HB   sing N N 246 
ILE CG1 CD1  sing N N 247 
ILE CG1 HG12 sing N N 248 
ILE CG1 HG13 sing N N 249 
ILE CG2 HG21 sing N N 250 
ILE CG2 HG22 sing N N 251 
ILE CG2 HG23 sing N N 252 
ILE CD1 HD11 sing N N 253 
ILE CD1 HD12 sing N N 254 
ILE CD1 HD13 sing N N 255 
ILE OXT HXT  sing N N 256 
LEU N   CA   sing N N 257 
LEU N   H    sing N N 258 
LEU N   H2   sing N N 259 
LEU CA  C    sing N N 260 
LEU CA  CB   sing N N 261 
LEU CA  HA   sing N N 262 
LEU C   O    doub N N 263 
LEU C   OXT  sing N N 264 
LEU CB  CG   sing N N 265 
LEU CB  HB2  sing N N 266 
LEU CB  HB3  sing N N 267 
LEU CG  CD1  sing N N 268 
LEU CG  CD2  sing N N 269 
LEU CG  HG   sing N N 270 
LEU CD1 HD11 sing N N 271 
LEU CD1 HD12 sing N N 272 
LEU CD1 HD13 sing N N 273 
LEU CD2 HD21 sing N N 274 
LEU CD2 HD22 sing N N 275 
LEU CD2 HD23 sing N N 276 
LEU OXT HXT  sing N N 277 
LYS N   CA   sing N N 278 
LYS N   H    sing N N 279 
LYS N   H2   sing N N 280 
LYS CA  C    sing N N 281 
LYS CA  CB   sing N N 282 
LYS CA  HA   sing N N 283 
LYS C   O    doub N N 284 
LYS C   OXT  sing N N 285 
LYS CB  CG   sing N N 286 
LYS CB  HB2  sing N N 287 
LYS CB  HB3  sing N N 288 
LYS CG  CD   sing N N 289 
LYS CG  HG2  sing N N 290 
LYS CG  HG3  sing N N 291 
LYS CD  CE   sing N N 292 
LYS CD  HD2  sing N N 293 
LYS CD  HD3  sing N N 294 
LYS CE  NZ   sing N N 295 
LYS CE  HE2  sing N N 296 
LYS CE  HE3  sing N N 297 
LYS NZ  HZ1  sing N N 298 
LYS NZ  HZ2  sing N N 299 
LYS NZ  HZ3  sing N N 300 
LYS OXT HXT  sing N N 301 
MET N   CA   sing N N 302 
MET N   H    sing N N 303 
MET N   H2   sing N N 304 
MET CA  C    sing N N 305 
MET CA  CB   sing N N 306 
MET CA  HA   sing N N 307 
MET C   O    doub N N 308 
MET C   OXT  sing N N 309 
MET CB  CG   sing N N 310 
MET CB  HB2  sing N N 311 
MET CB  HB3  sing N N 312 
MET CG  SD   sing N N 313 
MET CG  HG2  sing N N 314 
MET CG  HG3  sing N N 315 
MET SD  CE   sing N N 316 
MET CE  HE1  sing N N 317 
MET CE  HE2  sing N N 318 
MET CE  HE3  sing N N 319 
MET OXT HXT  sing N N 320 
PHE N   CA   sing N N 321 
PHE N   H    sing N N 322 
PHE N   H2   sing N N 323 
PHE CA  C    sing N N 324 
PHE CA  CB   sing N N 325 
PHE CA  HA   sing N N 326 
PHE C   O    doub N N 327 
PHE C   OXT  sing N N 328 
PHE CB  CG   sing N N 329 
PHE CB  HB2  sing N N 330 
PHE CB  HB3  sing N N 331 
PHE CG  CD1  doub Y N 332 
PHE CG  CD2  sing Y N 333 
PHE CD1 CE1  sing Y N 334 
PHE CD1 HD1  sing N N 335 
PHE CD2 CE2  doub Y N 336 
PHE CD2 HD2  sing N N 337 
PHE CE1 CZ   doub Y N 338 
PHE CE1 HE1  sing N N 339 
PHE CE2 CZ   sing Y N 340 
PHE CE2 HE2  sing N N 341 
PHE CZ  HZ   sing N N 342 
PHE OXT HXT  sing N N 343 
PRO N   CA   sing N N 344 
PRO N   CD   sing N N 345 
PRO N   H    sing N N 346 
PRO CA  C    sing N N 347 
PRO CA  CB   sing N N 348 
PRO CA  HA   sing N N 349 
PRO C   O    doub N N 350 
PRO C   OXT  sing N N 351 
PRO CB  CG   sing N N 352 
PRO CB  HB2  sing N N 353 
PRO CB  HB3  sing N N 354 
PRO CG  CD   sing N N 355 
PRO CG  HG2  sing N N 356 
PRO CG  HG3  sing N N 357 
PRO CD  HD2  sing N N 358 
PRO CD  HD3  sing N N 359 
PRO OXT HXT  sing N N 360 
SER N   CA   sing N N 361 
SER N   H    sing N N 362 
SER N   H2   sing N N 363 
SER CA  C    sing N N 364 
SER CA  CB   sing N N 365 
SER CA  HA   sing N N 366 
SER C   O    doub N N 367 
SER C   OXT  sing N N 368 
SER CB  OG   sing N N 369 
SER CB  HB2  sing N N 370 
SER CB  HB3  sing N N 371 
SER OG  HG   sing N N 372 
SER OXT HXT  sing N N 373 
SO4 S   O1   doub N N 374 
SO4 S   O2   doub N N 375 
SO4 S   O3   sing N N 376 
SO4 S   O4   sing N N 377 
THR N   CA   sing N N 378 
THR N   H    sing N N 379 
THR N   H2   sing N N 380 
THR CA  C    sing N N 381 
THR CA  CB   sing N N 382 
THR CA  HA   sing N N 383 
THR C   O    doub N N 384 
THR C   OXT  sing N N 385 
THR CB  OG1  sing N N 386 
THR CB  CG2  sing N N 387 
THR CB  HB   sing N N 388 
THR OG1 HG1  sing N N 389 
THR CG2 HG21 sing N N 390 
THR CG2 HG22 sing N N 391 
THR CG2 HG23 sing N N 392 
THR OXT HXT  sing N N 393 
TRP N   CA   sing N N 394 
TRP N   H    sing N N 395 
TRP N   H2   sing N N 396 
TRP CA  C    sing N N 397 
TRP CA  CB   sing N N 398 
TRP CA  HA   sing N N 399 
TRP C   O    doub N N 400 
TRP C   OXT  sing N N 401 
TRP CB  CG   sing N N 402 
TRP CB  HB2  sing N N 403 
TRP CB  HB3  sing N N 404 
TRP CG  CD1  doub Y N 405 
TRP CG  CD2  sing Y N 406 
TRP CD1 NE1  sing Y N 407 
TRP CD1 HD1  sing N N 408 
TRP CD2 CE2  doub Y N 409 
TRP CD2 CE3  sing Y N 410 
TRP NE1 CE2  sing Y N 411 
TRP NE1 HE1  sing N N 412 
TRP CE2 CZ2  sing Y N 413 
TRP CE3 CZ3  doub Y N 414 
TRP CE3 HE3  sing N N 415 
TRP CZ2 CH2  doub Y N 416 
TRP CZ2 HZ2  sing N N 417 
TRP CZ3 CH2  sing Y N 418 
TRP CZ3 HZ3  sing N N 419 
TRP CH2 HH2  sing N N 420 
TRP OXT HXT  sing N N 421 
TYR N   CA   sing N N 422 
TYR N   H    sing N N 423 
TYR N   H2   sing N N 424 
TYR CA  C    sing N N 425 
TYR CA  CB   sing N N 426 
TYR CA  HA   sing N N 427 
TYR C   O    doub N N 428 
TYR C   OXT  sing N N 429 
TYR CB  CG   sing N N 430 
TYR CB  HB2  sing N N 431 
TYR CB  HB3  sing N N 432 
TYR CG  CD1  doub Y N 433 
TYR CG  CD2  sing Y N 434 
TYR CD1 CE1  sing Y N 435 
TYR CD1 HD1  sing N N 436 
TYR CD2 CE2  doub Y N 437 
TYR CD2 HD2  sing N N 438 
TYR CE1 CZ   doub Y N 439 
TYR CE1 HE1  sing N N 440 
TYR CE2 CZ   sing Y N 441 
TYR CE2 HE2  sing N N 442 
TYR CZ  OH   sing N N 443 
TYR OH  HH   sing N N 444 
TYR OXT HXT  sing N N 445 
VAL N   CA   sing N N 446 
VAL N   H    sing N N 447 
VAL N   H2   sing N N 448 
VAL CA  C    sing N N 449 
VAL CA  CB   sing N N 450 
VAL CA  HA   sing N N 451 
VAL C   O    doub N N 452 
VAL C   OXT  sing N N 453 
VAL CB  CG1  sing N N 454 
VAL CB  CG2  sing N N 455 
VAL CB  HB   sing N N 456 
VAL CG1 HG11 sing N N 457 
VAL CG1 HG12 sing N N 458 
VAL CG1 HG13 sing N N 459 
VAL CG2 HG21 sing N N 460 
VAL CG2 HG22 sing N N 461 
VAL CG2 HG23 sing N N 462 
VAL OXT HXT  sing N N 463 
# 
_atom_sites.entry_id                    3DP5 
_atom_sites.fract_transf_matrix[1][1]   -0.01007457 
_atom_sites.fract_transf_matrix[1][2]   -0.00910955 
_atom_sites.fract_transf_matrix[1][3]   -0.01285337 
_atom_sites.fract_transf_matrix[2][1]   -0.01201049 
_atom_sites.fract_transf_matrix[2][2]   -0.01223668 
_atom_sites.fract_transf_matrix[2][3]   0.01808640 
_atom_sites.fract_transf_matrix[3][1]   -0.01641920 
_atom_sites.fract_transf_matrix[3][2]   0.01716085 
_atom_sites.fract_transf_matrix[3][3]   0.00070711 
_atom_sites.fract_transf_vector[1]      0.747364 
_atom_sites.fract_transf_vector[2]      0.154494 
_atom_sites.fract_transf_vector[3]      0.725310 
# 
loop_
_atom_type.symbol 
C  
FE 
N  
O  
S  
# 
loop_
_atom_site.group_PDB 
_atom_site.id 
_atom_site.type_symbol 
_atom_site.label_atom_id 
_atom_site.label_alt_id 
_atom_site.label_comp_id 
_atom_site.label_asym_id 
_atom_site.label_entity_id 
_atom_site.label_seq_id 
_atom_site.pdbx_PDB_ins_code 
_atom_site.Cartn_x 
_atom_site.Cartn_y 
_atom_site.Cartn_z 
_atom_site.occupancy 
_atom_site.B_iso_or_equiv 
_atom_site.pdbx_formal_charge 
_atom_site.auth_seq_id 
_atom_site.auth_comp_id 
_atom_site.auth_asym_id 
_atom_site.auth_atom_id 
_atom_site.pdbx_PDB_model_num 
ATOM   1   N  N   . ALA A 1 1  ? 32.922  1.352   11.455  1.00 35.76 ? -20 ALA A N   1 
ATOM   2   C  CA  . ALA A 1 1  ? 33.537  2.621   11.929  1.00 34.10 ? -20 ALA A CA  1 
ATOM   3   C  C   . ALA A 1 1  ? 34.529  2.397   13.079  1.00 33.51 ? -20 ALA A C   1 
ATOM   4   O  O   . ALA A 1 1  ? 34.268  2.748   14.248  1.00 33.25 ? -20 ALA A O   1 
ATOM   5   C  CB  . ALA A 1 1  ? 32.457  3.654   12.280  1.00 35.16 ? -20 ALA A CB  1 
ATOM   6   N  N   . ALA A 1 2  ? 35.672  1.805   12.734  1.00 32.08 ? -19 ALA A N   1 
ATOM   7   C  CA  . ALA A 1 2  ? 36.801  1.728   13.652  1.00 31.23 ? -19 ALA A CA  1 
ATOM   8   C  C   . ALA A 1 2  ? 37.589  3.044   13.561  1.00 31.38 ? -19 ALA A C   1 
ATOM   9   O  O   . ALA A 1 2  ? 37.322  3.871   12.669  1.00 30.99 ? -19 ALA A O   1 
ATOM   10  C  CB  . ALA A 1 2  ? 37.678  0.536   13.326  1.00 30.75 ? -19 ALA A CB  1 
ATOM   11  N  N   . SER A 1 3  ? 38.556  3.235   14.466  1.00 30.75 ? -18 SER A N   1 
ATOM   12  C  CA  . SER A 1 3  ? 39.340  4.483   14.522  1.00 31.95 ? -18 SER A CA  1 
ATOM   13  C  C   . SER A 1 3  ? 40.062  4.703   13.210  1.00 31.34 ? -18 SER A C   1 
ATOM   14  O  O   . SER A 1 3  ? 40.249  5.834   12.766  1.00 31.37 ? -18 SER A O   1 
ATOM   15  C  CB  . SER A 1 3  ? 40.373  4.406   15.640  1.00 32.41 ? -18 SER A CB  1 
ATOM   16  O  OG  . SER A 1 3  ? 39.735  4.563   16.893  1.00 36.87 ? -18 SER A OG  1 
ATOM   17  N  N   . TRP A 1 4  ? 40.451  3.586   12.608  1.00 30.68 ? -17 TRP A N   1 
ATOM   18  C  CA  . TRP A 1 4  ? 41.182  3.550   11.365  1.00 30.61 ? -17 TRP A CA  1 
ATOM   19  C  C   . TRP A 1 4  ? 40.319  3.479   10.093  1.00 31.20 ? -17 TRP A C   1 
ATOM   20  O  O   . TRP A 1 4  ? 40.872  3.403   8.984   1.00 31.87 ? -17 TRP A O   1 
ATOM   21  C  CB  . TRP A 1 4  ? 42.136  2.363   11.398  1.00 29.22 ? -17 TRP A CB  1 
ATOM   22  C  CG  . TRP A 1 4  ? 41.462  1.039   11.533  1.00 28.53 ? -17 TRP A CG  1 
ATOM   23  C  CD1 . TRP A 1 4  ? 40.783  0.341   10.561  1.00 27.65 ? -17 TRP A CD1 1 
ATOM   24  C  CD2 . TRP A 1 4  ? 41.428  0.223   12.712  1.00 26.17 ? -17 TRP A CD2 1 
ATOM   25  N  NE1 . TRP A 1 4  ? 40.332  -0.887  11.070  1.00 22.70 ? -17 TRP A NE1 1 
ATOM   26  C  CE2 . TRP A 1 4  ? 40.705  -0.966  12.389  1.00 28.50 ? -17 TRP A CE2 1 
ATOM   27  C  CE3 . TRP A 1 4  ? 41.936  0.375   14.010  1.00 26.98 ? -17 TRP A CE3 1 
ATOM   28  C  CZ2 . TRP A 1 4  ? 40.479  -1.989  13.334  1.00 28.74 ? -17 TRP A CZ2 1 
ATOM   29  C  CZ3 . TRP A 1 4  ? 41.710  -0.648  14.951  1.00 27.25 ? -17 TRP A CZ3 1 
ATOM   30  C  CH2 . TRP A 1 4  ? 40.999  -1.817  14.594  1.00 29.22 ? -17 TRP A CH2 1 
ATOM   31  N  N   . SER A 1 5  ? 38.989  3.478   10.237  1.00 31.33 ? -16 SER A N   1 
ATOM   32  C  CA  . SER A 1 5  ? 38.105  3.401   9.064   1.00 31.91 ? -16 SER A CA  1 
ATOM   33  C  C   . SER A 1 5  ? 38.290  4.646   8.178   1.00 32.24 ? -16 SER A C   1 
ATOM   34  O  O   . SER A 1 5  ? 38.490  5.761   8.689   1.00 31.82 ? -16 SER A O   1 
ATOM   35  C  CB  . SER A 1 5  ? 36.628  3.208   9.465   1.00 32.37 ? -16 SER A CB  1 
ATOM   36  O  OG  . SER A 1 5  ? 36.409  1.956   10.132  1.00 31.32 ? -16 SER A OG  1 
ATOM   37  N  N   . HIS A 1 6  ? 38.209  4.445   6.862   1.00 32.61 ? -15 HIS A N   1 
ATOM   38  C  CA  . HIS A 1 6  ? 38.551  5.487   5.878   1.00 32.73 ? -15 HIS A CA  1 
ATOM   39  C  C   . HIS A 1 6  ? 37.328  6.172   5.325   1.00 32.14 ? -15 HIS A C   1 
ATOM   40  O  O   . HIS A 1 6  ? 36.247  5.569   5.312   1.00 31.59 ? -15 HIS A O   1 
ATOM   41  C  CB  . HIS A 1 6  ? 39.392  4.880   4.740   1.00 33.38 ? -15 HIS A CB  1 
ATOM   42  C  CG  . HIS A 1 6  ? 40.653  4.261   5.238   1.00 35.51 ? -15 HIS A CG  1 
ATOM   43  N  ND1 . HIS A 1 6  ? 40.705  2.963   5.701   1.00 38.75 ? -15 HIS A ND1 1 
ATOM   44  C  CD2 . HIS A 1 6  ? 41.878  4.796   5.466   1.00 36.73 ? -15 HIS A CD2 1 
ATOM   45  C  CE1 . HIS A 1 6  ? 41.921  2.713   6.155   1.00 37.73 ? -15 HIS A CE1 1 
ATOM   46  N  NE2 . HIS A 1 6  ? 42.647  3.813   6.035   1.00 38.08 ? -15 HIS A NE2 1 
ATOM   47  N  N   . PRO A 1 7  ? 37.490  7.426   4.849   1.00 31.53 ? -14 PRO A N   1 
ATOM   48  C  CA  . PRO A 1 7  ? 36.364  8.080   4.161   1.00 31.34 ? -14 PRO A CA  1 
ATOM   49  C  C   . PRO A 1 7  ? 35.966  7.278   2.909   1.00 31.10 ? -14 PRO A C   1 
ATOM   50  O  O   . PRO A 1 7  ? 36.771  6.467   2.413   1.00 29.91 ? -14 PRO A O   1 
ATOM   51  C  CB  . PRO A 1 7  ? 36.920  9.471   3.798   1.00 31.00 ? -14 PRO A CB  1 
ATOM   52  C  CG  . PRO A 1 7  ? 38.384  9.337   3.835   1.00 31.48 ? -14 PRO A CG  1 
ATOM   53  C  CD  . PRO A 1 7  ? 38.682  8.292   4.901   1.00 31.82 ? -14 PRO A CD  1 
ATOM   54  N  N   . GLN A 1 8  ? 34.735  7.459   2.440   1.00 30.90 ? -13 GLN A N   1 
ATOM   55  C  CA  . GLN A 1 8  ? 34.261  6.749   1.246   1.00 31.42 ? -13 GLN A CA  1 
ATOM   56  C  C   . GLN A 1 8  ? 33.800  7.779   0.258   1.00 30.63 ? -13 GLN A C   1 
ATOM   57  O  O   . GLN A 1 8  ? 33.374  8.851   0.651   1.00 31.04 ? -13 GLN A O   1 
ATOM   58  C  CB  . GLN A 1 8  ? 33.023  5.876   1.510   1.00 31.86 ? -13 GLN A CB  1 
ATOM   59  C  CG  . GLN A 1 8  ? 33.000  4.936   2.683   1.00 35.32 ? -13 GLN A CG  1 
ATOM   60  C  CD  . GLN A 1 8  ? 31.560  4.695   3.164   1.00 36.53 ? -13 GLN A CD  1 
ATOM   61  O  OE1 . GLN A 1 8  ? 31.346  4.078   4.207   1.00 40.76 ? -13 GLN A OE1 1 
ATOM   62  N  NE2 . GLN A 1 8  ? 30.573  5.189   2.407   1.00 38.26 ? -13 GLN A NE2 1 
ATOM   63  N  N   . PHE A 1 9  ? 33.863  7.448   -1.025  1.00 29.95 ? -12 PHE A N   1 
ATOM   64  C  CA  . PHE A 1 9  ? 33.190  8.258   -2.018  1.00 29.31 ? -12 PHE A CA  1 
ATOM   65  C  C   . PHE A 1 9  ? 31.809  7.642   -2.272  1.00 28.74 ? -12 PHE A C   1 
ATOM   66  O  O   . PHE A 1 9  ? 30.902  8.310   -2.781  1.00 28.06 ? -12 PHE A O   1 
ATOM   67  C  CB  . PHE A 1 9  ? 34.027  8.378   -3.316  1.00 29.48 ? -12 PHE A CB  1 
ATOM   68  C  CG  . PHE A 1 9  ? 34.147  7.098   -4.081  1.00 29.56 ? -12 PHE A CG  1 
ATOM   69  C  CD1 . PHE A 1 9  ? 35.199  6.236   -3.846  1.00 29.96 ? -12 PHE A CD1 1 
ATOM   70  C  CD2 . PHE A 1 9  ? 33.210  6.752   -5.040  1.00 28.96 ? -12 PHE A CD2 1 
ATOM   71  C  CE1 . PHE A 1 9  ? 35.309  5.046   -4.563  1.00 28.57 ? -12 PHE A CE1 1 
ATOM   72  C  CE2 . PHE A 1 9  ? 33.322  5.568   -5.751  1.00 29.32 ? -12 PHE A CE2 1 
ATOM   73  C  CZ  . PHE A 1 9  ? 34.379  4.713   -5.498  1.00 28.21 ? -12 PHE A CZ  1 
ATOM   74  N  N   . GLU A 1 10 ? 31.654  6.365   -1.936  1.00 28.70 ? -11 GLU A N   1 
ATOM   75  C  CA  . GLU A 1 10 ? 30.394  5.706   -2.256  1.00 29.24 ? -11 GLU A CA  1 
ATOM   76  C  C   . GLU A 1 10 ? 29.222  6.116   -1.328  1.00 29.82 ? -11 GLU A C   1 
ATOM   77  O  O   . GLU A 1 10 ? 29.434  6.475   -0.168  1.00 29.55 ? -11 GLU A O   1 
ATOM   78  C  CB  . GLU A 1 10 ? 30.497  4.195   -2.635  1.00 29.80 ? -11 GLU A CB  1 
ATOM   79  C  CG  . GLU A 1 10 ? 31.434  3.187   -1.941  1.00 30.53 ? -11 GLU A CG  1 
ATOM   80  C  CD  . GLU A 1 10 ? 32.935  3.442   -1.999  1.00 28.36 ? -11 GLU A CD  1 
ATOM   81  O  OE1 . GLU A 1 10 ? 33.722  2.653   -2.625  1.00 27.00 ? -11 GLU A OE1 1 
ATOM   82  O  OE2 . GLU A 1 10 ? 33.345  4.375   -1.309  1.00 26.57 ? -11 GLU A OE2 1 
ATOM   83  N  N   . LYS A 1 11 ? 28.013  6.150   -1.876  1.00 29.96 ? -10 LYS A N   1 
ATOM   84  C  CA  . LYS A 1 11 ? 26.846  6.711   -1.173  1.00 30.48 ? -10 LYS A CA  1 
ATOM   85  C  C   . LYS A 1 11 ? 25.588  5.979   -1.640  1.00 29.52 ? -10 LYS A C   1 
ATOM   86  O  O   . LYS A 1 11 ? 25.526  5.519   -2.786  1.00 27.67 ? -10 LYS A O   1 
ATOM   87  C  CB  . LYS A 1 11 ? 26.681  8.220   -1.487  1.00 31.01 ? -10 LYS A CB  1 
ATOM   88  C  CG  . LYS A 1 11 ? 27.831  9.135   -1.043  1.00 34.24 ? -10 LYS A CG  1 
ATOM   89  C  CD  . LYS A 1 11 ? 28.160  8.993   0.460   1.00 38.22 ? -10 LYS A CD  1 
ATOM   90  C  CE  . LYS A 1 11 ? 29.354  9.870   0.907   1.00 37.28 ? -10 LYS A CE  1 
ATOM   91  N  NZ  . LYS A 1 11 ? 30.492  9.945   -0.058  1.00 40.13 ? -10 LYS A NZ  1 
ATOM   92  N  N   . GLY A 1 12 ? 24.586  5.907   -0.758  1.00 29.26 ? -9  GLY A N   1 
ATOM   93  C  CA  . GLY A 1 12 ? 23.259  5.440   -1.143  1.00 28.72 ? -9  GLY A CA  1 
ATOM   94  C  C   . GLY A 1 12 ? 23.030  3.945   -1.081  1.00 28.54 ? -9  GLY A C   1 
ATOM   95  O  O   . GLY A 1 12 ? 21.965  3.474   -1.506  1.00 28.74 ? -9  GLY A O   1 
ATOM   96  N  N   . ALA A 1 13 ? 24.001  3.194   -0.537  1.00 27.74 ? -8  ALA A N   1 
ATOM   97  C  CA  . ALA A 1 13 ? 23.813  1.745   -0.276  1.00 28.09 ? -8  ALA A CA  1 
ATOM   98  C  C   . ALA A 1 13 ? 22.510  1.448   0.471   1.00 28.54 ? -8  ALA A C   1 
ATOM   99  O  O   . ALA A 1 13 ? 21.834  0.456   0.189   1.00 27.15 ? -8  ALA A O   1 
ATOM   100 C  CB  . ALA A 1 13 ? 25.006  1.155   0.477   1.00 27.71 ? -8  ALA A CB  1 
ATOM   101 N  N   . GLU A 1 14 ? 22.154  2.337   1.408   1.00 29.59 ? -7  GLU A N   1 
ATOM   102 C  CA  . GLU A 1 14 ? 20.980  2.180   2.271   1.00 29.86 ? -7  GLU A CA  1 
ATOM   103 C  C   . GLU A 1 14 ? 19.668  2.045   1.502   1.00 29.71 ? -7  GLU A C   1 
ATOM   104 O  O   . GLU A 1 14 ? 18.736  1.336   1.929   1.00 29.71 ? -7  GLU A O   1 
ATOM   105 C  CB  . GLU A 1 14 ? 20.839  3.392   3.216   1.00 30.73 ? -7  GLU A CB  1 
ATOM   106 C  CG  . GLU A 1 14 ? 21.965  3.611   4.189   1.00 34.24 ? -7  GLU A CG  1 
ATOM   107 C  CD  . GLU A 1 14 ? 23.218  4.221   3.545   1.00 39.16 ? -7  GLU A CD  1 
ATOM   108 O  OE1 . GLU A 1 14 ? 23.132  4.792   2.422   1.00 38.39 ? -7  GLU A OE1 1 
ATOM   109 O  OE2 . GLU A 1 14 ? 24.300  4.128   4.177   1.00 42.02 ? -7  GLU A OE2 1 
ATOM   110 N  N   . THR A 1 15 ? 19.592  2.749   0.381   1.00 28.78 ? -6  THR A N   1 
ATOM   111 C  CA  . THR A 1 15 ? 18.361  2.835   -0.371  1.00 28.28 ? -6  THR A CA  1 
ATOM   112 C  C   . THR A 1 15 ? 18.333  1.867   -1.555  1.00 27.51 ? -6  THR A C   1 
ATOM   113 O  O   . THR A 1 15 ? 17.368  1.882   -2.337  1.00 25.47 ? -6  THR A O   1 
ATOM   114 C  CB  . THR A 1 15 ? 18.085  4.281   -0.836  1.00 27.97 ? -6  THR A CB  1 
ATOM   115 O  OG1 . THR A 1 15 ? 19.190  4.757   -1.617  1.00 29.36 ? -6  THR A OG1 1 
ATOM   116 C  CG2 . THR A 1 15 ? 17.909  5.202   0.372   1.00 28.83 ? -6  THR A CG2 1 
ATOM   117 N  N   . ALA A 1 16 ? 19.365  1.013   -1.665  1.00 26.14 ? -5  ALA A N   1 
ATOM   118 C  CA  . ALA A 1 16 ? 19.423  -0.005  -2.732  1.00 26.19 ? -5  ALA A CA  1 
ATOM   119 C  C   . ALA A 1 16 ? 18.571  -1.222  -2.350  1.00 26.22 ? -5  ALA A C   1 
ATOM   120 O  O   . ALA A 1 16 ? 19.072  -2.311  -2.148  1.00 24.47 ? -5  ALA A O   1 
ATOM   121 C  CB  . ALA A 1 16 ? 20.877  -0.439  -3.018  1.00 25.75 ? -5  ALA A CB  1 
ATOM   122 N  N   . VAL A 1 17 ? 17.261  -1.027  -2.265  1.00 26.97 ? -4  VAL A N   1 
ATOM   123 C  CA  . VAL A 1 17 ? 16.371  -2.113  -1.827  1.00 27.82 ? -4  VAL A CA  1 
ATOM   124 C  C   . VAL A 1 17 ? 15.531  -2.615  -3.001  1.00 28.33 ? -4  VAL A C   1 
ATOM   125 O  O   . VAL A 1 17 ? 15.312  -1.872  -3.991  1.00 28.31 ? -4  VAL A O   1 
ATOM   126 C  CB  . VAL A 1 17 ? 15.527  -1.698  -0.602  1.00 28.41 ? -4  VAL A CB  1 
ATOM   127 C  CG1 . VAL A 1 17 ? 16.452  -1.364  0.567   1.00 29.86 ? -4  VAL A CG1 1 
ATOM   128 C  CG2 . VAL A 1 17 ? 14.634  -0.481  -0.920  1.00 28.93 ? -4  VAL A CG2 1 
ATOM   129 N  N   . PRO A 1 18 ? 15.114  -3.897  -2.955  1.00 28.36 ? -3  PRO A N   1 
ATOM   130 C  CA  . PRO A 1 18 ? 14.188  -4.336  -4.003  1.00 28.90 ? -3  PRO A CA  1 
ATOM   131 C  C   . PRO A 1 18 ? 12.847  -3.604  -3.836  1.00 29.69 ? -3  PRO A C   1 
ATOM   132 O  O   . PRO A 1 18 ? 12.525  -3.164  -2.729  1.00 29.74 ? -3  PRO A O   1 
ATOM   133 C  CB  . PRO A 1 18 ? 14.009  -5.840  -3.718  1.00 28.69 ? -3  PRO A CB  1 
ATOM   134 C  CG  . PRO A 1 18 ? 14.457  -6.030  -2.265  1.00 28.51 ? -3  PRO A CG  1 
ATOM   135 C  CD  . PRO A 1 18 ? 15.462  -4.966  -1.996  1.00 29.05 ? -3  PRO A CD  1 
ATOM   136 N  N   . ASN A 1 19 ? 12.104  -3.465  -4.928  1.00 30.31 ? -2  ASN A N   1 
ATOM   137 C  CA  . ASN A 1 19 ? 10.715  -2.989  -4.886  1.00 31.19 ? -2  ASN A CA  1 
ATOM   138 C  C   . ASN A 1 19 ? 9.865   -4.088  -4.258  1.00 30.76 ? -2  ASN A C   1 
ATOM   139 O  O   . ASN A 1 19 ? 9.865   -5.210  -4.754  1.00 30.59 ? -2  ASN A O   1 
ATOM   140 C  CB  . ASN A 1 19 ? 10.234  -2.685  -6.306  1.00 32.26 ? -2  ASN A CB  1 
ATOM   141 C  CG  . ASN A 1 19 ? 11.237  -1.833  -7.088  1.00 33.92 ? -2  ASN A CG  1 
ATOM   142 O  OD1 . ASN A 1 19 ? 11.744  -0.830  -6.568  1.00 35.71 ? -2  ASN A OD1 1 
ATOM   143 N  ND2 . ASN A 1 19 ? 11.557  -2.257  -8.329  1.00 35.33 ? -2  ASN A ND2 1 
ATOM   144 N  N   . SER A 1 20 ? 9.181   -3.791  -3.152  1.00 30.43 ? -1  SER A N   1 
ATOM   145 C  CA  . SER A 1 20 ? 8.337   -4.792  -2.494  1.00 29.58 ? -1  SER A CA  1 
ATOM   146 C  C   . SER A 1 20 ? 7.146   -5.168  -3.401  1.00 28.40 ? -1  SER A C   1 
ATOM   147 O  O   . SER A 1 20 ? 6.761   -4.388  -4.279  1.00 28.32 ? -1  SER A O   1 
ATOM   148 C  CB  . SER A 1 20 ? 7.907   -4.317  -1.097  1.00 30.95 ? -1  SER A CB  1 
ATOM   149 O  OG  . SER A 1 20 ? 8.140   -2.904  -0.933  1.00 34.38 ? -1  SER A OG  1 
ATOM   150 N  N   . GLY A 1 21 ? 6.623   -6.385  -3.240  1.00 26.33 ? 26  GLY A N   1 
ATOM   151 C  CA  . GLY A 1 21 ? 5.493   -6.837  -4.037  1.00 24.94 ? 26  GLY A CA  1 
ATOM   152 C  C   . GLY A 1 21 ? 4.174   -6.366  -3.444  1.00 23.88 ? 26  GLY A C   1 
ATOM   153 O  O   . GLY A 1 21 ? 4.057   -6.190  -2.227  1.00 23.57 ? 26  GLY A O   1 
ATOM   154 N  N   . GLY A 1 22 ? 3.179   -6.196  -4.302  1.00 23.71 ? 27  GLY A N   1 
ATOM   155 C  CA  . GLY A 1 22 ? 1.840   -5.729  -3.871  1.00 22.90 ? 27  GLY A CA  1 
ATOM   156 C  C   . GLY A 1 22 ? 1.142   -6.704  -2.945  1.00 21.97 ? 27  GLY A C   1 
ATOM   157 O  O   . GLY A 1 22 ? 0.520   -6.306  -1.962  1.00 21.19 ? 27  GLY A O   1 
ATOM   158 N  N   . GLY A 1 23 ? 1.217   -7.992  -3.265  1.00 21.58 ? 28  GLY A N   1 
ATOM   159 C  CA  . GLY A 1 23 ? 0.608   -9.008  -2.404  1.00 21.48 ? 28  GLY A CA  1 
ATOM   160 C  C   . GLY A 1 23 ? 1.170   -9.020  -0.995  1.00 21.61 ? 28  GLY A C   1 
ATOM   161 O  O   . GLY A 1 23 ? 0.427   -9.131  -0.026  1.00 20.52 ? 28  GLY A O   1 
ATOM   162 N  N   . GLU A 1 24 ? 2.495   -8.933  -0.868  1.00 22.38 ? 29  GLU A N   1 
ATOM   163 C  CA  . GLU A 1 24 ? 3.097   -8.869  0.470   1.00 23.86 ? 29  GLU A CA  1 
ATOM   164 C  C   . GLU A 1 24 ? 2.700   -7.607  1.237   1.00 20.87 ? 29  GLU A C   1 
ATOM   165 O  O   . GLU A 1 24 ? 2.387   -7.664  2.436   1.00 20.24 ? 29  GLU A O   1 
ATOM   166 C  CB  . GLU A 1 24 ? 4.617   -9.065  0.431   1.00 24.50 ? 29  GLU A CB  1 
ATOM   167 C  CG  . GLU A 1 24 ? 5.436   -7.901  -0.044  1.00 28.96 ? 29  GLU A CG  1 
ATOM   168 C  CD  . GLU A 1 24 ? 6.928   -8.083  0.236   1.00 30.92 ? 29  GLU A CD  1 
ATOM   169 O  OE1 . GLU A 1 24 ? 7.679   -8.416  -0.726  1.00 37.95 ? 29  GLU A OE1 1 
ATOM   170 O  OE2 . GLU A 1 24 ? 7.335   -7.907  1.417   1.00 38.20 ? 29  GLU A OE2 1 
ATOM   171 N  N   . LEU A 1 25 ? 2.729   -6.474  0.550   1.00 19.17 ? 30  LEU A N   1 
ATOM   172 C  CA  . LEU A 1 25 ? 2.308   -5.198  1.160   1.00 18.13 ? 30  LEU A CA  1 
ATOM   173 C  C   . LEU A 1 25 ? 0.839   -5.238  1.587   1.00 17.65 ? 30  LEU A C   1 
ATOM   174 O  O   . LEU A 1 25 ? 0.471   -4.766  2.671   1.00 18.16 ? 30  LEU A O   1 
ATOM   175 C  CB  . LEU A 1 25 ? 2.530   -4.045  0.179   1.00 18.38 ? 30  LEU A CB  1 
ATOM   176 C  CG  . LEU A 1 25 ? 4.004   -3.650  -0.096  1.00 19.67 ? 30  LEU A CG  1 
ATOM   177 C  CD1 . LEU A 1 25 ? 4.105   -2.819  -1.379  1.00 20.00 ? 30  LEU A CD1 1 
ATOM   178 C  CD2 . LEU A 1 25 ? 4.606   -2.878  1.096   1.00 20.06 ? 30  LEU A CD2 1 
ATOM   179 N  N   . PHE A 1 26 ? -0.008  -5.766  0.716   1.00 16.22 ? 31  PHE A N   1 
ATOM   180 C  CA  . PHE A 1 26 ? -1.400  -5.985  1.085   1.00 16.59 ? 31  PHE A CA  1 
ATOM   181 C  C   . PHE A 1 26 ? -1.553  -6.859  2.325   1.00 16.37 ? 31  PHE A C   1 
ATOM   182 O  O   . PHE A 1 26 ? -2.283  -6.491  3.253   1.00 14.86 ? 31  PHE A O   1 
ATOM   183 C  CB  . PHE A 1 26 ? -2.188  -6.600  -0.050  1.00 16.16 ? 31  PHE A CB  1 
ATOM   184 C  CG  . PHE A 1 26 ? -3.671  -6.600  0.200   1.00 15.47 ? 31  PHE A CG  1 
ATOM   185 C  CD1 . PHE A 1 26 ? -4.418  -5.454  -0.077  1.00 13.87 ? 31  PHE A CD1 1 
ATOM   186 C  CD2 . PHE A 1 26 ? -4.316  -7.737  0.746   1.00 15.27 ? 31  PHE A CD2 1 
ATOM   187 C  CE1 . PHE A 1 26 ? -5.816  -5.441  0.167   1.00 13.71 ? 31  PHE A CE1 1 
ATOM   188 C  CE2 . PHE A 1 26 ? -5.694  -7.727  0.995   1.00 14.59 ? 31  PHE A CE2 1 
ATOM   189 C  CZ  . PHE A 1 26 ? -6.449  -6.561  0.706   1.00 14.29 ? 31  PHE A CZ  1 
ATOM   190 N  N   . ALA A 1 27 ? -0.883  -8.022  2.337   1.00 18.18 ? 32  ALA A N   1 
ATOM   191 C  CA  . ALA A 1 27 ? -0.897  -8.900  3.537   1.00 19.22 ? 32  ALA A CA  1 
ATOM   192 C  C   . ALA A 1 27 ? -0.508  -8.165  4.845   1.00 19.48 ? 32  ALA A C   1 
ATOM   193 O  O   . ALA A 1 27 ? -1.175  -8.314  5.876   1.00 20.95 ? 32  ALA A O   1 
ATOM   194 C  CB  . ALA A 1 27 ? 0.029   -10.111 3.320   1.00 18.95 ? 32  ALA A CB  1 
ATOM   195 N  N   . THR A 1 28 ? 0.585   -7.402  4.795   1.00 20.00 ? 33  THR A N   1 
ATOM   196 C  CA  . THR A 1 28 ? 1.084   -6.611  5.909   1.00 20.23 ? 33  THR A CA  1 
ATOM   197 C  C   . THR A 1 28 ? 0.143   -5.478  6.386   1.00 20.52 ? 33  THR A C   1 
ATOM   198 O  O   . THR A 1 28 ? -0.171  -5.395  7.590   1.00 20.26 ? 33  THR A O   1 
ATOM   199 C  CB  . THR A 1 28 ? 2.452   -6.020  5.556   1.00 21.44 ? 33  THR A CB  1 
ATOM   200 O  OG1 . THR A 1 28 ? 3.368   -7.097  5.284   1.00 23.51 ? 33  THR A OG1 1 
ATOM   201 C  CG2 . THR A 1 28 ? 2.979   -5.151  6.692   1.00 22.49 ? 33  THR A CG2 1 
ATOM   202 N  N   . HIS A 1 29 ? -0.331  -4.643  5.459   1.00 18.91 ? 34  HIS A N   1 
ATOM   203 C  CA  . HIS A 1 29 ? -1.063  -3.426  5.851   1.00 18.68 ? 34  HIS A CA  1 
ATOM   204 C  C   . HIS A 1 29 ? -2.588  -3.508  5.760   1.00 17.16 ? 34  HIS A C   1 
ATOM   205 O  O   . HIS A 1 29 ? -3.281  -2.700  6.404   1.00 18.23 ? 34  HIS A O   1 
ATOM   206 C  CB  . HIS A 1 29 ? -0.592  -2.228  5.035   1.00 19.60 ? 34  HIS A CB  1 
ATOM   207 C  CG  . HIS A 1 29 ? 0.886   -1.974  5.126   1.00 21.61 ? 34  HIS A CG  1 
ATOM   208 N  ND1 . HIS A 1 29 ? 1.497   -1.541  6.280   1.00 24.48 ? 34  HIS A ND1 1 
ATOM   209 C  CD2 . HIS A 1 29 ? 1.869   -2.088  4.201   1.00 25.43 ? 34  HIS A CD2 1 
ATOM   210 C  CE1 . HIS A 1 29 ? 2.794   -1.383  6.061   1.00 23.23 ? 34  HIS A CE1 1 
ATOM   211 N  NE2 . HIS A 1 29 ? 3.045   -1.709  4.807   1.00 21.02 ? 34  HIS A NE2 1 
ATOM   212 N  N   . CYS A 1 30 ? -3.115  -4.440  4.964   1.00 15.61 ? 35  CYS A N   1 
ATOM   213 C  CA  . CYS A 1 30 ? -4.555  -4.370  4.620   1.00 15.21 ? 35  CYS A CA  1 
ATOM   214 C  C   . CYS A 1 30 ? -5.397  -5.619  4.907   1.00 14.39 ? 35  CYS A C   1 
ATOM   215 O  O   . CYS A 1 30 ? -6.616  -5.496  5.184   1.00 14.70 ? 35  CYS A O   1 
ATOM   216 C  CB  . CYS A 1 30 ? -4.721  -4.073  3.130   1.00 13.65 ? 35  CYS A CB  1 
ATOM   217 S  SG  . CYS A 1 30 ? -3.564  -2.904  2.415   1.00 14.38 ? 35  CYS A SG  1 
ATOM   218 N  N   . ALA A 1 31 ? -4.794  -6.803  4.756   1.00 15.36 ? 36  ALA A N   1 
ATOM   219 C  CA  . ALA A 1 31 ? -5.568  -8.057  4.773   1.00 15.53 ? 36  ALA A CA  1 
ATOM   220 C  C   . ALA A 1 31 ? -6.209  -8.387  6.138   1.00 16.32 ? 36  ALA A C   1 
ATOM   221 O  O   . ALA A 1 31 ? -7.201  -9.121  6.194   1.00 16.28 ? 36  ALA A O   1 
ATOM   222 C  CB  . ALA A 1 31 ? -4.713  -9.225  4.232   1.00 16.12 ? 36  ALA A CB  1 
ATOM   223 N  N   . GLY A 1 32 ? -5.666  -7.818  7.220   1.00 15.89 ? 37  GLY A N   1 
ATOM   224 C  CA  . GLY A 1 32 ? -6.239  -7.962  8.559   1.00 16.57 ? 37  GLY A CA  1 
ATOM   225 C  C   . GLY A 1 32 ? -7.690  -7.491  8.584   1.00 17.08 ? 37  GLY A C   1 
ATOM   226 O  O   . GLY A 1 32 ? -8.580  -8.214  9.055   1.00 17.10 ? 37  GLY A O   1 
ATOM   227 N  N   . CYS A 1 33 ? -7.940  -6.330  7.980   1.00 16.10 ? 38  CYS A N   1 
ATOM   228 C  CA  . CYS A 1 33 ? -9.309  -5.790  7.847   1.00 15.34 ? 38  CYS A CA  1 
ATOM   229 C  C   . CYS A 1 33 ? -10.041 -6.148  6.566   1.00 14.90 ? 38  CYS A C   1 
ATOM   230 O  O   . CYS A 1 33 ? -11.281 -6.108  6.541   1.00 13.69 ? 38  CYS A O   1 
ATOM   231 C  CB  . CYS A 1 33 ? -9.289  -4.266  7.988   1.00 15.82 ? 38  CYS A CB  1 
ATOM   232 S  SG  . CYS A 1 33 ? -8.586  -3.753  9.557   1.00 18.04 ? 38  CYS A SG  1 
ATOM   233 N  N   . HIS A 1 34 ? -9.286  -6.504  5.511   1.00 14.17 ? 39  HIS A N   1 
ATOM   234 C  CA  . HIS A 1 34 ? -9.880  -6.827  4.204   1.00 13.94 ? 39  HIS A CA  1 
ATOM   235 C  C   . HIS A 1 34 ? -9.525  -8.274  3.737   1.00 14.26 ? 39  HIS A C   1 
ATOM   236 O  O   . HIS A 1 34 ? -8.954  -8.487  2.640   1.00 14.29 ? 39  HIS A O   1 
ATOM   237 C  CB  . HIS A 1 34 ? -9.432  -5.804  3.162   1.00 13.76 ? 39  HIS A CB  1 
ATOM   238 C  CG  . HIS A 1 34 ? -9.892  -4.412  3.433   1.00 14.68 ? 39  HIS A CG  1 
ATOM   239 N  ND1 . HIS A 1 34 ? -11.218 -4.023  3.344   1.00 16.81 ? 39  HIS A ND1 1 
ATOM   240 C  CD2 . HIS A 1 34 ? -9.186  -3.289  3.716   1.00 14.64 ? 39  HIS A CD2 1 
ATOM   241 C  CE1 . HIS A 1 34 ? -11.309 -2.732  3.599   1.00 18.47 ? 39  HIS A CE1 1 
ATOM   242 N  NE2 . HIS A 1 34 ? -10.093 -2.261  3.828   1.00 15.34 ? 39  HIS A NE2 1 
ATOM   243 N  N   . PRO A 1 35 ? -9.805  -9.273  4.593   1.00 13.93 ? 40  PRO A N   1 
ATOM   244 C  CA  . PRO A 1 35 ? -9.310  -10.617 4.199   1.00 14.85 ? 40  PRO A CA  1 
ATOM   245 C  C   . PRO A 1 35 ? -10.089 -11.119 3.000   1.00 14.39 ? 40  PRO A C   1 
ATOM   246 O  O   . PRO A 1 35 ? -11.326 -10.992 2.960   1.00 13.46 ? 40  PRO A O   1 
ATOM   247 C  CB  . PRO A 1 35 ? -9.553  -11.459 5.441   1.00 14.97 ? 40  PRO A CB  1 
ATOM   248 C  CG  . PRO A 1 35 ? -10.791 -10.791 6.103   1.00 14.96 ? 40  PRO A CG  1 
ATOM   249 C  CD  . PRO A 1 35 ? -10.502 -9.297  5.898   1.00 13.53 ? 40  PRO A CD  1 
ATOM   250 N  N   . GLN A 1 36 ? -9.352  -11.622 2.018   1.00 15.88 ? 41  GLN A N   1 
ATOM   251 C  CA  . GLN A 1 36 ? -9.926  -12.059 0.721   1.00 16.94 ? 41  GLN A CA  1 
ATOM   252 C  C   . GLN A 1 36 ? -10.748 -10.957 0.017   1.00 16.41 ? 41  GLN A C   1 
ATOM   253 O  O   . GLN A 1 36 ? -11.682 -11.239 -0.778  1.00 15.55 ? 41  GLN A O   1 
ATOM   254 C  CB  . GLN A 1 36 ? -10.708 -13.366 0.922   1.00 17.00 ? 41  GLN A CB  1 
ATOM   255 C  CG  . GLN A 1 36 ? -9.740  -14.465 1.261   1.00 22.78 ? 41  GLN A CG  1 
ATOM   256 C  CD  . GLN A 1 36 ? -10.340 -15.688 1.910   1.00 30.61 ? 41  GLN A CD  1 
ATOM   257 O  OE1 . GLN A 1 36 ? -11.411 -15.639 2.529   1.00 32.29 ? 41  GLN A OE1 1 
ATOM   258 N  NE2 . GLN A 1 36 ? -9.636  -16.814 1.774   1.00 32.39 ? 41  GLN A NE2 1 
ATOM   259 N  N   . GLY A 1 37 ? -10.386 -9.707  0.308   1.00 16.32 ? 42  GLY A N   1 
ATOM   260 C  CA  . GLY A 1 37 ? -11.059 -8.532  -0.242  1.00 15.36 ? 42  GLY A CA  1 
ATOM   261 C  C   . GLY A 1 37 ? -12.412 -8.240  0.397   1.00 15.92 ? 42  GLY A C   1 
ATOM   262 O  O   . GLY A 1 37 ? -13.233 -7.551  -0.196  1.00 15.39 ? 42  GLY A O   1 
ATOM   263 N  N   . GLY A 1 38 ? -12.648 -8.740  1.613   1.00 14.79 ? 43  GLY A N   1 
ATOM   264 C  CA  . GLY A 1 38 ? -13.907 -8.466  2.309   1.00 14.80 ? 43  GLY A CA  1 
ATOM   265 C  C   . GLY A 1 38 ? -13.677 -7.228  3.177   1.00 14.84 ? 43  GLY A C   1 
ATOM   266 O  O   . GLY A 1 38 ? -12.865 -6.358  2.839   1.00 14.40 ? 43  GLY A O   1 
ATOM   267 N  N   . ASN A 1 39 ? -14.365 -7.157  4.315   1.00 15.18 ? 44  ASN A N   1 
ATOM   268 C  CA  . ASN A 1 39 ? -14.188 -6.061  5.285   1.00 15.57 ? 44  ASN A CA  1 
ATOM   269 C  C   . ASN A 1 39 ? -14.761 -6.498  6.622   1.00 16.31 ? 44  ASN A C   1 
ATOM   270 O  O   . ASN A 1 39 ? -15.969 -6.625  6.772   1.00 17.78 ? 44  ASN A O   1 
ATOM   271 C  CB  . ASN A 1 39 ? -14.848 -4.760  4.802   1.00 15.44 ? 44  ASN A CB  1 
ATOM   272 C  CG  . ASN A 1 39 ? -14.464 -3.512  5.660   1.00 16.10 ? 44  ASN A CG  1 
ATOM   273 O  OD1 . ASN A 1 39 ? -14.244 -3.568  6.907   1.00 15.18 ? 44  ASN A OD1 1 
ATOM   274 N  ND2 . ASN A 1 39 ? -14.411 -2.352  4.977   1.00 12.57 ? 44  ASN A ND2 1 
ATOM   275 N  N   . THR A 1 40 ? -13.884 -6.731  7.584   1.00 16.59 ? 45  THR A N   1 
ATOM   276 C  CA  . THR A 1 40 ? -14.328 -7.206  8.887   1.00 17.94 ? 45  THR A CA  1 
ATOM   277 C  C   . THR A 1 40 ? -14.761 -6.082  9.832   1.00 16.42 ? 45  THR A C   1 
ATOM   278 O  O   . THR A 1 40 ? -15.300 -6.394  10.880  1.00 17.66 ? 45  THR A O   1 
ATOM   279 C  CB  . THR A 1 40 ? -13.239 -8.034  9.608   1.00 17.58 ? 45  THR A CB  1 
ATOM   280 O  OG1 . THR A 1 40 ? -12.141 -7.185  9.932   1.00 20.27 ? 45  THR A OG1 1 
ATOM   281 C  CG2 . THR A 1 40 ? -12.772 -9.181  8.732   1.00 20.39 ? 45  THR A CG2 1 
ATOM   282 N  N   . VAL A 1 41 ? -14.481 -4.811  9.494   1.00 15.55 ? 46  VAL A N   1 
ATOM   283 C  CA  . VAL A 1 41 ? -14.766 -3.658  10.358  1.00 14.75 ? 46  VAL A CA  1 
ATOM   284 C  C   . VAL A 1 41 ? -16.101 -2.997  9.974   1.00 14.70 ? 46  VAL A C   1 
ATOM   285 O  O   . VAL A 1 41 ? -16.971 -2.718  10.840  1.00 14.54 ? 46  VAL A O   1 
ATOM   286 C  CB  . VAL A 1 41 ? -13.549 -2.631  10.376  1.00 14.35 ? 46  VAL A CB  1 
ATOM   287 C  CG1 . VAL A 1 41 ? -13.904 -1.302  11.098  1.00 13.28 ? 46  VAL A CG1 1 
ATOM   288 C  CG2 . VAL A 1 41 ? -12.308 -3.270  11.040  1.00 15.79 ? 46  VAL A CG2 1 
ATOM   289 N  N   . HIS A 1 42 ? -16.272 -2.796  8.665   1.00 14.22 ? 47  HIS A N   1 
ATOM   290 C  CA  . HIS A 1 42 ? -17.535 -2.331  8.056   1.00 15.26 ? 47  HIS A CA  1 
ATOM   291 C  C   . HIS A 1 42 ? -17.915 -3.329  6.932   1.00 14.34 ? 47  HIS A C   1 
ATOM   292 O  O   . HIS A 1 42 ? -17.494 -3.160  5.779   1.00 15.26 ? 47  HIS A O   1 
ATOM   293 C  CB  . HIS A 1 42 ? -17.372 -0.899  7.487   1.00 13.93 ? 47  HIS A CB  1 
ATOM   294 C  CG  . HIS A 1 42 ? -18.660 -0.260  7.067   1.00 15.20 ? 47  HIS A CG  1 
ATOM   295 N  ND1 . HIS A 1 42 ? -19.849 -0.966  6.943   1.00 16.66 ? 47  HIS A ND1 1 
ATOM   296 C  CD2 . HIS A 1 42 ? -18.937 1.012   6.681   1.00 14.48 ? 47  HIS A CD2 1 
ATOM   297 C  CE1 . HIS A 1 42 ? -20.807 -0.144  6.544   1.00 14.94 ? 47  HIS A CE1 1 
ATOM   298 N  NE2 . HIS A 1 42 ? -20.276 1.057   6.359   1.00 16.77 ? 47  HIS A NE2 1 
ATOM   299 N  N   . PRO A 1 43 ? -18.716 -4.369  7.266   1.00 15.77 ? 48  PRO A N   1 
ATOM   300 C  CA  . PRO A 1 43 ? -19.129 -5.453  6.373   1.00 16.79 ? 48  PRO A CA  1 
ATOM   301 C  C   . PRO A 1 43 ? -19.669 -5.019  4.988   1.00 17.51 ? 48  PRO A C   1 
ATOM   302 O  O   . PRO A 1 43 ? -19.455 -5.727  4.009   1.00 18.60 ? 48  PRO A O   1 
ATOM   303 C  CB  . PRO A 1 43 ? -20.186 -6.194  7.206   1.00 17.17 ? 48  PRO A CB  1 
ATOM   304 C  CG  . PRO A 1 43 ? -19.654 -6.016  8.639   1.00 17.40 ? 48  PRO A CG  1 
ATOM   305 C  CD  . PRO A 1 43 ? -19.269 -4.557  8.627   1.00 15.76 ? 48  PRO A CD  1 
ATOM   306 N  N   . GLU A 1 44 ? -20.322 -3.862  4.901   1.00 18.17 ? 49  GLU A N   1 
ATOM   307 C  CA  . GLU A 1 44 ? -20.821 -3.374  3.601   1.00 18.87 ? 49  GLU A CA  1 
ATOM   308 C  C   . GLU A 1 44 ? -19.739 -2.753  2.690   1.00 19.53 ? 49  GLU A C   1 
ATOM   309 O  O   . GLU A 1 44 ? -20.006 -2.499  1.526   1.00 22.72 ? 49  GLU A O   1 
ATOM   310 C  CB  . GLU A 1 44 ? -21.929 -2.337  3.792   1.00 19.46 ? 49  GLU A CB  1 
ATOM   311 C  CG  . GLU A 1 44 ? -23.084 -2.822  4.647   1.00 19.36 ? 49  GLU A CG  1 
ATOM   312 C  CD  . GLU A 1 44 ? -24.067 -1.728  4.872   1.00 22.37 ? 49  GLU A CD  1 
ATOM   313 O  OE1 . GLU A 1 44 ? -24.905 -1.477  3.976   1.00 21.58 ? 49  GLU A OE1 1 
ATOM   314 O  OE2 . GLU A 1 44 ? -23.984 -1.114  5.941   1.00 22.66 ? 49  GLU A OE2 1 
ATOM   315 N  N   . LYS A 1 45 ? -18.541 -2.522  3.184   1.00 17.38 ? 50  LYS A N   1 
ATOM   316 C  CA  . LYS A 1 45 ? -17.541 -1.819  2.376   1.00 16.92 ? 50  LYS A CA  1 
ATOM   317 C  C   . LYS A 1 45 ? -16.419 -2.758  1.929   1.00 14.80 ? 50  LYS A C   1 
ATOM   318 O  O   . LYS A 1 45 ? -15.267 -2.536  2.276   1.00 15.05 ? 50  LYS A O   1 
ATOM   319 C  CB  . LYS A 1 45 ? -16.999 -0.614  3.159   1.00 17.02 ? 50  LYS A CB  1 
ATOM   320 C  CG  . LYS A 1 45 ? -17.995 0.560   3.319   1.00 21.11 ? 50  LYS A CG  1 
ATOM   321 C  CD  . LYS A 1 45 ? -18.060 1.382   2.053   1.00 25.24 ? 50  LYS A CD  1 
ATOM   322 C  CE  . LYS A 1 45 ? -18.742 2.714   2.240   1.00 28.83 ? 50  LYS A CE  1 
ATOM   323 N  NZ  . LYS A 1 45 ? -18.367 3.597   1.087   1.00 31.76 ? 50  LYS A NZ  1 
ATOM   324 N  N   . THR A 1 46 ? -16.775 -3.789  1.148   1.00 14.94 ? 51  THR A N   1 
ATOM   325 C  CA  . THR A 1 46 ? -15.806 -4.802  0.678   1.00 15.25 ? 51  THR A CA  1 
ATOM   326 C  C   . THR A 1 46 ? -15.003 -4.165  -0.460  1.00 14.73 ? 51  THR A C   1 
ATOM   327 O  O   . THR A 1 46 ? -15.374 -3.078  -0.963  1.00 16.07 ? 51  THR A O   1 
ATOM   328 C  CB  . THR A 1 46 ? -16.514 -6.090  0.158   1.00 15.15 ? 51  THR A CB  1 
ATOM   329 O  OG1 . THR A 1 46 ? -17.173 -5.809  -1.074  1.00 15.90 ? 51  THR A OG1 1 
ATOM   330 C  CG2 . THR A 1 46 ? -17.571 -6.639  1.239   1.00 13.57 ? 51  THR A CG2 1 
ATOM   331 N  N   . LEU A 1 47 ? -13.949 -4.850  -0.873  1.00 14.98 ? 52  LEU A N   1 
ATOM   332 C  CA  . LEU A 1 47 ? -13.075 -4.396  -1.962  1.00 14.98 ? 52  LEU A CA  1 
ATOM   333 C  C   . LEU A 1 47 ? -13.536 -4.945  -3.315  1.00 14.30 ? 52  LEU A C   1 
ATOM   334 O  O   . LEU A 1 47 ? -12.824 -4.829  -4.311  1.00 15.42 ? 52  LEU A O   1 
ATOM   335 C  CB  . LEU A 1 47 ? -11.624 -4.819  -1.669  1.00 14.79 ? 52  LEU A CB  1 
ATOM   336 C  CG  . LEU A 1 47 ? -10.986 -4.376  -0.340  1.00 15.87 ? 52  LEU A CG  1 
ATOM   337 C  CD1 . LEU A 1 47 ? -9.443  -4.620  -0.399  1.00 17.46 ? 52  LEU A CD1 1 
ATOM   338 C  CD2 . LEU A 1 47 ? -11.280 -2.905  -0.090  1.00 14.33 ? 52  LEU A CD2 1 
ATOM   339 N  N   . ALA A 1 48 ? -14.708 -5.588  -3.354  1.00 15.57 ? 53  ALA A N   1 
ATOM   340 C  CA  . ALA A 1 48 ? -15.292 -6.070  -4.615  1.00 15.52 ? 53  ALA A CA  1 
ATOM   341 C  C   . ALA A 1 48 ? -15.318 -4.923  -5.644  1.00 15.71 ? 53  ALA A C   1 
ATOM   342 O  O   . ALA A 1 48 ? -15.680 -3.799  -5.296  1.00 15.66 ? 53  ALA A O   1 
ATOM   343 C  CB  . ALA A 1 48 ? -16.738 -6.577  -4.390  1.00 16.00 ? 53  ALA A CB  1 
ATOM   344 N  N   . ARG A 1 49 ? -14.920 -5.210  -6.875  1.00 15.04 ? 54  ARG A N   1 
ATOM   345 C  CA  . ARG A 1 49 ? -14.809 -4.147  -7.871  1.00 16.48 ? 54  ARG A CA  1 
ATOM   346 C  C   . ARG A 1 49 ? -16.012 -3.204  -7.946  1.00 15.57 ? 54  ARG A C   1 
ATOM   347 O  O   . ARG A 1 49 ? -15.826 -1.971  -7.890  1.00 15.53 ? 54  ARG A O   1 
ATOM   348 C  CB  . ARG A 1 49 ? -14.481 -4.712  -9.255  1.00 16.38 ? 54  ARG A CB  1 
ATOM   349 C  CG  . ARG A 1 49 ? -14.212 -3.580  -10.248 1.00 16.20 ? 54  ARG A CG  1 
ATOM   350 C  CD  . ARG A 1 49 ? -14.089 -4.109  -11.722 1.00 19.14 ? 54  ARG A CD  1 
ATOM   351 N  NE  . ARG A 1 49 ? -15.119 -5.108  -11.964 1.00 23.37 ? 54  ARG A NE  1 
ATOM   352 C  CZ  . ARG A 1 49 ? -16.394 -4.850  -12.177 1.00 25.96 ? 54  ARG A CZ  1 
ATOM   353 N  NH1 . ARG A 1 49 ? -16.807 -3.592  -12.244 1.00 31.15 ? 54  ARG A NH1 1 
ATOM   354 N  NH2 . ARG A 1 49 ? -17.254 -5.867  -12.346 1.00 28.69 ? 54  ARG A NH2 1 
ATOM   355 N  N   . ALA A 1 50 ? -17.224 -3.765  -8.065  1.00 15.22 ? 55  ALA A N   1 
ATOM   356 C  CA  . ALA A 1 50 ? -18.438 -2.943  -8.189  1.00 16.46 ? 55  ALA A CA  1 
ATOM   357 C  C   . ALA A 1 50 ? -18.632 -2.030  -7.004  1.00 16.23 ? 55  ALA A C   1 
ATOM   358 O  O   . ALA A 1 50 ? -19.091 -0.906  -7.163  1.00 17.60 ? 55  ALA A O   1 
ATOM   359 C  CB  . ALA A 1 50 ? -19.690 -3.787  -8.408  1.00 16.00 ? 55  ALA A CB  1 
ATOM   360 N  N   . ARG A 1 51 ? -18.247 -2.494  -5.823  1.00 16.44 ? 56  ARG A N   1 
ATOM   361 C  CA  . ARG A 1 51 ? -18.398 -1.701  -4.606  1.00 16.79 ? 56  ARG A CA  1 
ATOM   362 C  C   . ARG A 1 51 ? -17.376 -0.536  -4.539  1.00 16.96 ? 56  ARG A C   1 
ATOM   363 O  O   . ARG A 1 51 ? -17.765 0.589   -4.209  1.00 17.94 ? 56  ARG A O   1 
ATOM   364 C  CB  . ARG A 1 51 ? -18.329 -2.598  -3.341  1.00 15.95 ? 56  ARG A CB  1 
ATOM   365 C  CG  . ARG A 1 51 ? -19.451 -3.667  -3.245  1.00 18.58 ? 56  ARG A CG  1 
ATOM   366 C  CD  . ARG A 1 51 ? -20.860 -3.148  -3.687  1.00 25.13 ? 56  ARG A CD  1 
ATOM   367 N  NE  . ARG A 1 51 ? -21.227 -1.932  -2.957  1.00 30.43 ? 56  ARG A NE  1 
ATOM   368 C  CZ  . ARG A 1 51 ? -21.927 -0.921  -3.462  1.00 29.48 ? 56  ARG A CZ  1 
ATOM   369 N  NH1 . ARG A 1 51 ? -22.395 -0.960  -4.711  1.00 32.83 ? 56  ARG A NH1 1 
ATOM   370 N  NH2 . ARG A 1 51 ? -22.180 0.121   -2.697  1.00 31.61 ? 56  ARG A NH2 1 
ATOM   371 N  N   . ARG A 1 52 ? -16.097 -0.811  -4.864  1.00 17.19 ? 57  ARG A N   1 
ATOM   372 C  CA  . ARG A 1 52 ? -15.046 0.229   -4.892  1.00 16.81 ? 57  ARG A CA  1 
ATOM   373 C  C   . ARG A 1 52 ? -15.444 1.314   -5.880  1.00 16.87 ? 57  ARG A C   1 
ATOM   374 O  O   . ARG A 1 52 ? -15.300 2.513   -5.590  1.00 15.13 ? 57  ARG A O   1 
ATOM   375 C  CB  . ARG A 1 52 ? -13.672 -0.290  -5.381  1.00 18.06 ? 57  ARG A CB  1 
ATOM   376 C  CG  . ARG A 1 52 ? -13.129 -1.542  -4.798  1.00 17.94 ? 57  ARG A CG  1 
ATOM   377 C  CD  . ARG A 1 52 ? -11.669 -1.774  -5.214  1.00 16.48 ? 57  ARG A CD  1 
ATOM   378 N  NE  . ARG A 1 52 ? -11.402 -1.953  -6.644  1.00 17.96 ? 57  ARG A NE  1 
ATOM   379 C  CZ  . ARG A 1 52 ? -11.328 -3.129  -7.260  1.00 19.36 ? 57  ARG A CZ  1 
ATOM   380 N  NH1 . ARG A 1 52 ? -11.552 -4.261  -6.595  1.00 20.05 ? 57  ARG A NH1 1 
ATOM   381 N  NH2 . ARG A 1 52 ? -11.035 -3.180  -8.558  1.00 21.71 ? 57  ARG A NH2 1 
ATOM   382 N  N   . GLU A 1 53 ? -15.913 0.873   -7.057  1.00 16.15 ? 58  GLU A N   1 
ATOM   383 C  CA  . GLU A 1 53 ? -16.301 1.769   -8.140  1.00 17.96 ? 58  GLU A CA  1 
ATOM   384 C  C   . GLU A 1 53 ? -17.557 2.599   -7.860  1.00 19.51 ? 58  GLU A C   1 
ATOM   385 O  O   . GLU A 1 53 ? -17.727 3.686   -8.440  1.00 20.62 ? 58  GLU A O   1 
ATOM   386 C  CB  . GLU A 1 53 ? -16.398 1.010   -9.476  1.00 17.50 ? 58  GLU A CB  1 
ATOM   387 C  CG  . GLU A 1 53 ? -15.066 0.342   -9.890  1.00 15.83 ? 58  GLU A CG  1 
ATOM   388 C  CD  . GLU A 1 53 ? -14.993 -0.014  -11.403 1.00 17.37 ? 58  GLU A CD  1 
ATOM   389 O  OE1 . GLU A 1 53 ? -14.200 -0.874  -11.831 1.00 19.95 ? 58  GLU A OE1 1 
ATOM   390 O  OE2 . GLU A 1 53 ? -15.762 0.545   -12.176 1.00 16.85 ? 58  GLU A OE2 1 
ATOM   391 N  N   . ALA A 1 54 ? -18.407 2.117   -6.954  1.00 20.52 ? 59  ALA A N   1 
ATOM   392 C  CA  . ALA A 1 54 ? -19.577 2.877   -6.515  1.00 22.32 ? 59  ALA A CA  1 
ATOM   393 C  C   . ALA A 1 54 ? -19.189 4.169   -5.786  1.00 22.89 ? 59  ALA A C   1 
ATOM   394 O  O   . ALA A 1 54 ? -19.947 5.147   -5.767  1.00 24.09 ? 59  ALA A O   1 
ATOM   395 C  CB  . ALA A 1 54 ? -20.513 1.988   -5.645  1.00 22.38 ? 59  ALA A CB  1 
ATOM   396 N  N   . ASN A 1 55 ? -17.999 4.179   -5.192  1.00 23.16 ? 60  ASN A N   1 
ATOM   397 C  CA  . ASN A 1 55 ? -17.472 5.384   -4.572  1.00 23.94 ? 60  ASN A CA  1 
ATOM   398 C  C   . ASN A 1 55 ? -16.402 6.076   -5.439  1.00 22.41 ? 60  ASN A C   1 
ATOM   399 O  O   . ASN A 1 55 ? -15.639 6.896   -4.956  1.00 22.92 ? 60  ASN A O   1 
ATOM   400 C  CB  . ASN A 1 55 ? -16.918 5.039   -3.181  1.00 25.47 ? 60  ASN A CB  1 
ATOM   401 C  CG  . ASN A 1 55 ? -16.930 6.230   -2.249  1.00 31.74 ? 60  ASN A CG  1 
ATOM   402 O  OD1 . ASN A 1 55 ? -17.676 7.202   -2.483  1.00 37.01 ? 60  ASN A OD1 1 
ATOM   403 N  ND2 . ASN A 1 55 ? -16.109 6.180   -1.185  1.00 33.45 ? 60  ASN A ND2 1 
ATOM   404 N  N   . GLY A 1 56 ? -16.362 5.755   -6.723  1.00 21.25 ? 61  GLY A N   1 
ATOM   405 C  CA  . GLY A 1 56 ? -15.371 6.352   -7.636  1.00 20.16 ? 61  GLY A CA  1 
ATOM   406 C  C   . GLY A 1 56 ? -13.937 5.867   -7.481  1.00 19.54 ? 61  GLY A C   1 
ATOM   407 O  O   . GLY A 1 56 ? -13.018 6.479   -8.065  1.00 19.13 ? 61  GLY A O   1 
ATOM   408 N  N   . ILE A 1 57 ? -13.726 4.766   -6.746  1.00 17.34 ? 62  ILE A N   1 
ATOM   409 C  CA  . ILE A 1 57 ? -12.361 4.158   -6.601  1.00 17.15 ? 62  ILE A CA  1 
ATOM   410 C  C   . ILE A 1 57 ? -12.174 3.095   -7.705  1.00 17.33 ? 62  ILE A C   1 
ATOM   411 O  O   . ILE A 1 57 ? -12.505 1.920   -7.504  1.00 16.79 ? 62  ILE A O   1 
ATOM   412 C  CB  . ILE A 1 57 ? -12.090 3.521   -5.162  1.00 17.37 ? 62  ILE A CB  1 
ATOM   413 C  CG1 . ILE A 1 57 ? -12.369 4.549   -4.038  1.00 17.73 ? 62  ILE A CG1 1 
ATOM   414 C  CG2 . ILE A 1 57 ? -10.656 3.021   -5.053  1.00 16.41 ? 62  ILE A CG2 1 
ATOM   415 C  CD1 . ILE A 1 57 ? -12.715 3.924   -2.680  1.00 17.27 ? 62  ILE A CD1 1 
ATOM   416 N  N   . ARG A 1 58 ? -11.724 3.539   -8.886  1.00 16.33 ? 63  ARG A N   1 
ATOM   417 C  CA  . ARG A 1 58 ? -11.730 2.700   -10.098 1.00 17.30 ? 63  ARG A CA  1 
ATOM   418 C  C   . ARG A 1 58 ? -10.345 2.196   -10.531 1.00 16.75 ? 63  ARG A C   1 
ATOM   419 O  O   . ARG A 1 58 ? -10.206 1.064   -11.000 1.00 18.42 ? 63  ARG A O   1 
ATOM   420 C  CB  . ARG A 1 58 ? -12.381 3.473   -11.261 1.00 17.03 ? 63  ARG A CB  1 
ATOM   421 C  CG  . ARG A 1 58 ? -13.744 4.181   -10.893 1.00 17.63 ? 63  ARG A CG  1 
ATOM   422 C  CD  . ARG A 1 58 ? -14.618 4.505   -12.135 1.00 18.52 ? 63  ARG A CD  1 
ATOM   423 N  NE  . ARG A 1 58 ? -14.971 3.298   -12.873 1.00 19.34 ? 63  ARG A NE  1 
ATOM   424 C  CZ  . ARG A 1 58 ? -14.932 3.156   -14.203 1.00 18.44 ? 63  ARG A CZ  1 
ATOM   425 N  NH1 . ARG A 1 58 ? -14.581 4.181   -14.975 1.00 16.92 ? 63  ARG A NH1 1 
ATOM   426 N  NH2 . ARG A 1 58 ? -15.217 1.966   -14.752 1.00 18.71 ? 63  ARG A NH2 1 
ATOM   427 N  N   . THR A 1 59 ? -9.337  3.042   -10.432 1.00 15.96 ? 64  THR A N   1 
ATOM   428 C  CA  . THR A 1 59 ? -7.974  2.708   -10.943 1.00 15.12 ? 64  THR A CA  1 
ATOM   429 C  C   . THR A 1 59 ? -6.959  2.410   -9.831  1.00 14.92 ? 64  THR A C   1 
ATOM   430 O  O   . THR A 1 59 ? -7.189  2.662   -8.661  1.00 14.58 ? 64  THR A O   1 
ATOM   431 C  CB  . THR A 1 59 ? -7.430  3.903   -11.734 1.00 15.15 ? 64  THR A CB  1 
ATOM   432 O  OG1 . THR A 1 59 ? -7.273  5.018   -10.825 1.00 13.39 ? 64  THR A OG1 1 
ATOM   433 C  CG2 . THR A 1 59 ? -8.393  4.307   -12.836 1.00 15.44 ? 64  THR A CG2 1 
ATOM   434 N  N   . VAL A 1 60 ? -5.806  1.899   -10.224 1.00 14.29 ? 65  VAL A N   1 
ATOM   435 C  CA  . VAL A 1 60 ? -4.671  1.816   -9.327  1.00 14.62 ? 65  VAL A CA  1 
ATOM   436 C  C   . VAL A 1 60 ? -4.384  3.125   -8.564  1.00 13.79 ? 65  VAL A C   1 
ATOM   437 O  O   . VAL A 1 60 ? -4.207  3.103   -7.311  1.00 12.12 ? 65  VAL A O   1 
ATOM   438 C  CB  . VAL A 1 60 ? -3.404  1.302   -10.059 1.00 14.23 ? 65  VAL A CB  1 
ATOM   439 C  CG1 . VAL A 1 60 ? -2.126  1.515   -9.213  1.00 14.59 ? 65  VAL A CG1 1 
ATOM   440 C  CG2 . VAL A 1 60 ? -3.564  -0.150  -10.336 1.00 14.61 ? 65  VAL A CG2 1 
ATOM   441 N  N   A ARG A 1 61 ? -4.367  4.253   -9.269  0.50 12.78 ? 66  ARG A N   1 
ATOM   442 N  N   B ARG A 1 61 ? -4.331  4.234   -9.305  0.50 13.09 ? 66  ARG A N   1 
ATOM   443 C  CA  A ARG A 1 61 ? -4.003  5.525   -8.628  0.50 13.13 ? 66  ARG A CA  1 
ATOM   444 C  CA  B ARG A 1 61 ? -4.008  5.531   -8.712  0.50 14.00 ? 66  ARG A CA  1 
ATOM   445 C  C   A ARG A 1 61 ? -5.144  6.082   -7.773  0.50 13.19 ? 66  ARG A C   1 
ATOM   446 C  C   B ARG A 1 61 ? -5.101  5.917   -7.716  0.50 13.38 ? 66  ARG A C   1 
ATOM   447 O  O   A ARG A 1 61 ? -4.918  6.881   -6.865  0.50 13.43 ? 66  ARG A O   1 
ATOM   448 O  O   B ARG A 1 61 ? -4.783  6.417   -6.641  0.50 13.39 ? 66  ARG A O   1 
ATOM   449 C  CB  A ARG A 1 61 ? -3.511  6.533   -9.664  0.50 13.11 ? 66  ARG A CB  1 
ATOM   450 C  CB  B ARG A 1 61 ? -3.791  6.616   -9.782  0.50 13.56 ? 66  ARG A CB  1 
ATOM   451 C  CG  A ARG A 1 61 ? -2.191  6.075   -10.295 0.50 11.80 ? 66  ARG A CG  1 
ATOM   452 C  CG  B ARG A 1 61 ? -2.327  6.721   -10.291 0.50 14.84 ? 66  ARG A CG  1 
ATOM   453 C  CD  A ARG A 1 61 ? -1.775  6.926   -11.462 0.50 13.54 ? 66  ARG A CD  1 
ATOM   454 C  CD  B ARG A 1 61 ? -2.202  7.521   -11.613 0.50 15.83 ? 66  ARG A CD  1 
ATOM   455 N  NE  A ARG A 1 61 ? -0.395  6.651   -11.813 0.50 11.87 ? 66  ARG A NE  1 
ATOM   456 N  NE  B ARG A 1 61 ? -3.000  8.755   -11.589 0.50 17.63 ? 66  ARG A NE  1 
ATOM   457 C  CZ  A ARG A 1 61 ? -0.031  5.702   -12.661 0.50 11.28 ? 66  ARG A CZ  1 
ATOM   458 C  CZ  B ARG A 1 61 ? -2.506  9.985   -11.467 0.50 14.64 ? 66  ARG A CZ  1 
ATOM   459 N  NH1 A ARG A 1 61 ? -0.959  4.962   -13.259 0.50 12.05 ? 66  ARG A NH1 1 
ATOM   460 N  NH1 B ARG A 1 61 ? -1.208  10.171  -11.387 0.50 15.95 ? 66  ARG A NH1 1 
ATOM   461 N  NH2 A ARG A 1 61 ? 1.253   5.518   -12.927 0.50 11.73 ? 66  ARG A NH2 1 
ATOM   462 N  NH2 B ARG A 1 61 ? -3.315  11.030  -11.467 0.50 16.73 ? 66  ARG A NH2 1 
ATOM   463 N  N   . ASP A 1 62 ? -6.371  5.658   -8.060  1.00 13.01 ? 67  ASP A N   1 
ATOM   464 C  CA  . ASP A 1 62 ? -7.489  5.965   -7.131  1.00 12.99 ? 67  ASP A CA  1 
ATOM   465 C  C   . ASP A 1 62 ? -7.266  5.280   -5.775  1.00 13.41 ? 67  ASP A C   1 
ATOM   466 O  O   . ASP A 1 62 ? -7.477  5.921   -4.711  1.00 12.97 ? 67  ASP A O   1 
ATOM   467 C  CB  . ASP A 1 62 ? -8.851  5.539   -7.682  1.00 13.25 ? 67  ASP A CB  1 
ATOM   468 C  CG  . ASP A 1 62 ? -9.296  6.338   -8.904  1.00 15.71 ? 67  ASP A CG  1 
ATOM   469 O  OD1 . ASP A 1 62 ? -8.789  7.464   -9.171  1.00 18.23 ? 67  ASP A OD1 1 
ATOM   470 O  OD2 . ASP A 1 62 ? -10.190 5.817   -9.605  1.00 15.35 ? 67  ASP A OD2 1 
ATOM   471 N  N   . VAL A 1 63 ? -6.927  3.982   -5.807  1.00 12.75 ? 68  VAL A N   1 
ATOM   472 C  CA  . VAL A 1 63 ? -6.562  3.210   -4.586  1.00 14.50 ? 68  VAL A CA  1 
ATOM   473 C  C   . VAL A 1 63 ? -5.478  4.013   -3.852  1.00 14.33 ? 68  VAL A C   1 
ATOM   474 O  O   . VAL A 1 63 ? -5.534  4.140   -2.613  1.00 14.08 ? 68  VAL A O   1 
ATOM   475 C  CB  . VAL A 1 63 ? -6.350  1.688   -4.817  1.00 13.35 ? 68  VAL A CB  1 
ATOM   476 C  CG1 . VAL A 1 63 ? -6.031  1.039   -3.481  1.00 14.70 ? 68  VAL A CG1 1 
ATOM   477 C  CG2 . VAL A 1 63 ? -7.605  1.075   -5.433  1.00 16.84 ? 68  VAL A CG2 1 
ATOM   478 N  N   . ALA A 1 64 ? -4.435  4.493   -4.563  1.00 13.26 ? 69  ALA A N   1 
ATOM   479 C  CA  . ALA A 1 64 ? -3.133  4.768   -3.978  1.00 13.97 ? 69  ALA A CA  1 
ATOM   480 C  C   . ALA A 1 64 ? -3.467  6.138   -3.246  1.00 12.90 ? 69  ALA A C   1 
ATOM   481 O  O   . ALA A 1 64 ? -2.883  6.488   -2.235  1.00 14.02 ? 69  ALA A O   1 
ATOM   482 C  CB  . ALA A 1 64 ? -2.100  5.028   -5.073  1.00 11.52 ? 69  ALA A CB  1 
ATOM   483 N  N   . ALA A 1 65 ? -4.419  6.898   -3.795  1.00 13.24 ? 70  ALA A N   1 
ATOM   484 C  CA  . ALA A 1 65 ? -4.912  8.158   -3.244  1.00 13.41 ? 70  ALA A CA  1 
ATOM   485 C  C   . ALA A 1 65 ? -5.870  7.897   -2.040  1.00 12.99 ? 70  ALA A C   1 
ATOM   486 O  O   . ALA A 1 65 ? -5.803  8.546   -1.017  1.00 11.89 ? 70  ALA A O   1 
ATOM   487 C  CB  . ALA A 1 65 ? -5.661  8.967   -4.354  1.00 13.58 ? 70  ALA A CB  1 
ATOM   488 N  N   . TYR A 1 66 ? -6.782  6.959   -2.207  1.00 13.74 ? 71  TYR A N   1 
ATOM   489 C  CA  . TYR A 1 66 ? -7.790  6.690   -1.169  1.00 13.33 ? 71  TYR A CA  1 
ATOM   490 C  C   . TYR A 1 66 ? -7.129  6.435   0.202   1.00 13.44 ? 71  TYR A C   1 
ATOM   491 O  O   . TYR A 1 66 ? -7.608  6.892   1.233   1.00 11.82 ? 71  TYR A O   1 
ATOM   492 C  CB  . TYR A 1 66 ? -8.646  5.480   -1.598  1.00 13.72 ? 71  TYR A CB  1 
ATOM   493 C  CG  . TYR A 1 66 ? -9.660  5.170   -0.498  1.00 13.47 ? 71  TYR A CG  1 
ATOM   494 C  CD1 . TYR A 1 66 ? -10.817 5.938   -0.358  1.00 14.43 ? 71  TYR A CD1 1 
ATOM   495 C  CD2 . TYR A 1 66 ? -9.415  4.149   0.432   1.00 15.90 ? 71  TYR A CD2 1 
ATOM   496 C  CE1 . TYR A 1 66 ? -11.729 5.684   0.701   1.00 16.06 ? 71  TYR A CE1 1 
ATOM   497 C  CE2 . TYR A 1 66 ? -10.321 3.882   1.491   1.00 16.76 ? 71  TYR A CE2 1 
ATOM   498 C  CZ  . TYR A 1 66 ? -11.482 4.659   1.599   1.00 14.98 ? 71  TYR A CZ  1 
ATOM   499 O  OH  . TYR A 1 66 ? -12.369 4.444   2.665   1.00 17.30 ? 71  TYR A OH  1 
ATOM   500 N  N   . ILE A 1 67 ? -6.040  5.657   0.214   1.00 13.36 ? 72  ILE A N   1 
ATOM   501 C  CA  . ILE A 1 67 ? -5.395  5.252   1.493   1.00 13.49 ? 72  ILE A CA  1 
ATOM   502 C  C   . ILE A 1 67 ? -4.774  6.429   2.274   1.00 13.64 ? 72  ILE A C   1 
ATOM   503 O  O   . ILE A 1 67 ? -4.510  6.305   3.452   1.00 13.24 ? 72  ILE A O   1 
ATOM   504 C  CB  . ILE A 1 67 ? -4.384  4.069   1.271   1.00 13.15 ? 72  ILE A CB  1 
ATOM   505 C  CG1 . ILE A 1 67 ? -3.088  4.526   0.551   1.00 13.74 ? 72  ILE A CG1 1 
ATOM   506 C  CG2 . ILE A 1 67 ? -5.091  2.902   0.535   1.00 11.84 ? 72  ILE A CG2 1 
ATOM   507 C  CD1 . ILE A 1 67 ? -1.889  3.479   0.606   1.00 15.45 ? 72  ILE A CD1 1 
ATOM   508 N  N   . ARG A 1 68 ? -4.585  7.571   1.612   1.00 13.49 ? 73  ARG A N   1 
ATOM   509 C  CA  . ARG A 1 68 ? -4.087  8.787   2.273   1.00 13.78 ? 73  ARG A CA  1 
ATOM   510 C  C   . ARG A 1 68 ? -5.095  9.452   3.220   1.00 13.75 ? 73  ARG A C   1 
ATOM   511 O  O   . ARG A 1 68 ? -4.694  10.147  4.140   1.00 13.80 ? 73  ARG A O   1 
ATOM   512 C  CB  . ARG A 1 68 ? -3.582  9.810   1.229   1.00 13.92 ? 73  ARG A CB  1 
ATOM   513 C  CG  . ARG A 1 68 ? -2.545  9.188   0.219   1.00 12.25 ? 73  ARG A CG  1 
ATOM   514 C  CD  . ARG A 1 68 ? -1.374  8.592   0.913   1.00 13.09 ? 73  ARG A CD  1 
ATOM   515 N  NE  . ARG A 1 68 ? -0.323  8.256   -0.047  1.00 14.90 ? 73  ARG A NE  1 
ATOM   516 C  CZ  . ARG A 1 68 ? 0.734   7.511   0.251   1.00 17.22 ? 73  ARG A CZ  1 
ATOM   517 N  NH1 . ARG A 1 68 ? 0.891   7.012   1.493   1.00 13.24 ? 73  ARG A NH1 1 
ATOM   518 N  NH2 . ARG A 1 68 ? 1.627   7.269   -0.690  1.00 13.82 ? 73  ARG A NH2 1 
ATOM   519 N  N   . ASN A 1 69 ? -6.386  9.239   3.007   1.00 14.02 ? 74  ASN A N   1 
ATOM   520 C  CA  . ASN A 1 69 ? -7.384  9.896   3.874   1.00 13.47 ? 74  ASN A CA  1 
ATOM   521 C  C   . ASN A 1 69 ? -8.715  9.111   3.845   1.00 13.58 ? 74  ASN A C   1 
ATOM   522 O  O   . ASN A 1 69 ? -9.746  9.610   3.348   1.00 13.79 ? 74  ASN A O   1 
ATOM   523 C  CB  . ASN A 1 69 ? -7.591  11.356  3.445   1.00 14.30 ? 74  ASN A CB  1 
ATOM   524 C  CG  . ASN A 1 69 ? -8.278  12.190  4.544   1.00 16.91 ? 74  ASN A CG  1 
ATOM   525 O  OD1 . ASN A 1 69 ? -8.345  11.764  5.706   1.00 17.20 ? 74  ASN A OD1 1 
ATOM   526 N  ND2 . ASN A 1 69 ? -8.823  13.345  4.167   1.00 16.97 ? 74  ASN A ND2 1 
ATOM   527 N  N   . PRO A 1 70 ? -8.689  7.882   4.366   1.00 13.38 ? 75  PRO A N   1 
ATOM   528 C  CA  . PRO A 1 70 ? -9.848  7.001   4.126   1.00 13.97 ? 75  PRO A CA  1 
ATOM   529 C  C   . PRO A 1 70 ? -11.007 7.208   5.129   1.00 14.11 ? 75  PRO A C   1 
ATOM   530 O  O   . PRO A 1 70 ? -10.937 8.084   6.025   1.00 16.31 ? 75  PRO A O   1 
ATOM   531 C  CB  . PRO A 1 70 ? -9.248  5.603   4.325   1.00 13.15 ? 75  PRO A CB  1 
ATOM   532 C  CG  . PRO A 1 70 ? -8.196  5.798   5.405   1.00 13.19 ? 75  PRO A CG  1 
ATOM   533 C  CD  . PRO A 1 70 ? -7.593  7.186   5.083   1.00 14.11 ? 75  PRO A CD  1 
ATOM   534 N  N   . GLY A 1 71 ? -12.016 6.366   5.001   1.00 14.65 ? 76  GLY A N   1 
ATOM   535 C  CA  . GLY A 1 71 ? -13.256 6.466   5.781   1.00 14.14 ? 76  GLY A CA  1 
ATOM   536 C  C   . GLY A 1 71 ? -13.075 5.991   7.220   1.00 14.18 ? 76  GLY A C   1 
ATOM   537 O  O   . GLY A 1 71 ? -11.990 5.497   7.614   1.00 13.55 ? 76  GLY A O   1 
ATOM   538 N  N   . PRO A 1 72 ? -14.150 6.119   8.024   1.00 14.62 ? 77  PRO A N   1 
ATOM   539 C  CA  . PRO A 1 72 ? -14.096 5.747   9.466   1.00 15.02 ? 77  PRO A CA  1 
ATOM   540 C  C   . PRO A 1 72 ? -13.684 4.286   9.686   1.00 13.97 ? 77  PRO A C   1 
ATOM   541 O  O   . PRO A 1 72 ? -14.117 3.387   8.942   1.00 13.59 ? 77  PRO A O   1 
ATOM   542 C  CB  . PRO A 1 72 ? -15.542 6.075   9.986   1.00 14.74 ? 77  PRO A CB  1 
ATOM   543 C  CG  . PRO A 1 72 ? -16.070 7.102   8.936   1.00 15.63 ? 77  PRO A CG  1 
ATOM   544 C  CD  . PRO A 1 72 ? -15.466 6.660   7.611   1.00 14.22 ? 77  PRO A CD  1 
ATOM   545 N  N   . GLY A 1 73 ? -12.791 4.081   10.644  1.00 14.96 ? 78  GLY A N   1 
ATOM   546 C  CA  . GLY A 1 73 ? -12.349 2.746   11.047  1.00 15.41 ? 78  GLY A CA  1 
ATOM   547 C  C   . GLY A 1 73 ? -11.161 2.237   10.232  1.00 17.11 ? 78  GLY A C   1 
ATOM   548 O  O   . GLY A 1 73 ? -10.659 1.148   10.522  1.00 17.83 ? 78  GLY A O   1 
ATOM   549 N  N   . MET A 1 74 ? -10.742 2.994   9.199   1.00 15.83 ? 79  MET A N   1 
ATOM   550 C  CA  . MET A 1 74 ? -9.525  2.681   8.442   1.00 15.00 ? 79  MET A CA  1 
ATOM   551 C  C   . MET A 1 74 ? -8.447  3.716   8.739   1.00 14.96 ? 79  MET A C   1 
ATOM   552 O  O   . MET A 1 74 ? -8.695  4.905   8.674   1.00 15.26 ? 79  MET A O   1 
ATOM   553 C  CB  . MET A 1 74 ? -9.793  2.620   6.919   1.00 14.13 ? 79  MET A CB  1 
ATOM   554 C  CG  . MET A 1 74 ? -8.558  2.312   6.061   1.00 12.40 ? 79  MET A CG  1 
ATOM   555 S  SD  . MET A 1 74 ? -9.140  2.014   4.401   1.00 12.99 ? 79  MET A SD  1 
ATOM   556 C  CE  . MET A 1 74 ? -7.596  2.290   3.456   1.00 13.46 ? 79  MET A CE  1 
ATOM   557 N  N   . PRO A 1 75 ? -7.239  3.269   9.065   1.00 15.37 ? 80  PRO A N   1 
ATOM   558 C  CA  . PRO A 1 75 ? -6.234  4.296   9.305   1.00 16.60 ? 80  PRO A CA  1 
ATOM   559 C  C   . PRO A 1 75 ? -5.727  4.935   8.010   1.00 15.95 ? 80  PRO A C   1 
ATOM   560 O  O   . PRO A 1 75 ? -5.723  4.301   6.955   1.00 15.12 ? 80  PRO A O   1 
ATOM   561 C  CB  . PRO A 1 75 ? -5.095  3.517   9.986   1.00 15.88 ? 80  PRO A CB  1 
ATOM   562 C  CG  . PRO A 1 75 ? -5.242  2.121   9.456   1.00 15.93 ? 80  PRO A CG  1 
ATOM   563 C  CD  . PRO A 1 75 ? -6.689  1.900   9.240   1.00 16.53 ? 80  PRO A CD  1 
ATOM   564 N  N   . ALA A 1 76 ? -5.298  6.191   8.122   1.00 17.36 ? 81  ALA A N   1 
ATOM   565 C  CA  . ALA A 1 76 ? -4.638  6.852   7.004   1.00 17.23 ? 81  ALA A CA  1 
ATOM   566 C  C   . ALA A 1 76 ? -3.178  6.383   6.942   1.00 17.91 ? 81  ALA A C   1 
ATOM   567 O  O   . ALA A 1 76 ? -2.562  6.134   7.964   1.00 17.80 ? 81  ALA A O   1 
ATOM   568 C  CB  . ALA A 1 76 ? -4.709  8.338   7.169   1.00 17.17 ? 81  ALA A CB  1 
ATOM   569 N  N   . PHE A 1 77 ? -2.649  6.215   5.732   1.00 17.67 ? 82  PHE A N   1 
ATOM   570 C  CA  . PHE A 1 77 ? -1.290  5.762   5.558   1.00 18.13 ? 82  PHE A CA  1 
ATOM   571 C  C   . PHE A 1 77 ? -0.545  6.927   4.916   1.00 18.66 ? 82  PHE A C   1 
ATOM   572 O  O   . PHE A 1 77 ? -0.874  7.357   3.809   1.00 18.31 ? 82  PHE A O   1 
ATOM   573 C  CB  . PHE A 1 77 ? -1.260  4.543   4.648   1.00 17.97 ? 82  PHE A CB  1 
ATOM   574 C  CG  . PHE A 1 77 ? -1.936  3.322   5.215   1.00 18.14 ? 82  PHE A CG  1 
ATOM   575 C  CD1 . PHE A 1 77 ? -3.317  3.104   5.027   1.00 14.81 ? 82  PHE A CD1 1 
ATOM   576 C  CD2 . PHE A 1 77 ? -1.198  2.393   5.945   1.00 18.41 ? 82  PHE A CD2 1 
ATOM   577 C  CE1 . PHE A 1 77 ? -3.953  1.943   5.555   1.00 14.31 ? 82  PHE A CE1 1 
ATOM   578 C  CE2 . PHE A 1 77 ? -1.804  1.223   6.470   1.00 18.77 ? 82  PHE A CE2 1 
ATOM   579 C  CZ  . PHE A 1 77 ? -3.177  1.006   6.277   1.00 17.50 ? 82  PHE A CZ  1 
ATOM   580 N  N   . GLY A 1 78 ? 0.439   7.506   5.588   1.00 20.40 ? 83  GLY A N   1 
ATOM   581 C  CA  . GLY A 1 78 ? 1.165   8.561   4.861   1.00 21.23 ? 83  GLY A CA  1 
ATOM   582 C  C   . GLY A 1 78 ? 2.468   7.985   4.389   1.00 20.44 ? 83  GLY A C   1 
ATOM   583 O  O   . GLY A 1 78 ? 2.558   6.772   4.210   1.00 20.68 ? 83  GLY A O   1 
ATOM   584 N  N   . GLU A 1 79 ? 3.392   8.796   3.906   1.00 21.87 ? 84  GLU A N   1 
ATOM   585 C  CA  . GLU A 1 79 ? 4.066   8.540   2.647   1.00 21.85 ? 84  GLU A CA  1 
ATOM   586 C  C   . GLU A 1 79 ? 5.354   7.906   3.277   1.00 21.78 ? 84  GLU A C   1 
ATOM   587 O  O   . GLU A 1 79 ? 6.078   7.148   2.626   1.00 22.62 ? 84  GLU A O   1 
ATOM   588 C  CB  . GLU A 1 79 ? 4.395   9.790   1.841   1.00 21.85 ? 84  GLU A CB  1 
ATOM   589 C  CG  . GLU A 1 79 ? 3.265   10.158  0.859   1.00 21.72 ? 84  GLU A CG  1 
ATOM   590 C  CD  . GLU A 1 79 ? 3.754   10.949  -0.365  1.00 22.76 ? 84  GLU A CD  1 
ATOM   591 O  OE1 . GLU A 1 79 ? 2.908   11.306  -1.192  1.00 22.26 ? 84  GLU A OE1 1 
ATOM   592 O  OE2 . GLU A 1 79 ? 4.983   11.184  -0.517  1.00 23.15 ? 84  GLU A OE2 1 
ATOM   593 N  N   . ALA A 1 80 ? 5.609   8.194   4.562   1.00 22.92 ? 85  ALA A N   1 
ATOM   594 C  CA  . ALA A 1 80 ? 6.728   7.564   5.316   1.00 24.23 ? 85  ALA A CA  1 
ATOM   595 C  C   . ALA A 1 80 ? 6.464   6.090   5.446   1.00 25.67 ? 85  ALA A C   1 
ATOM   596 O  O   . ALA A 1 80 ? 7.350   5.273   5.194   1.00 26.75 ? 85  ALA A O   1 
ATOM   597 C  CB  . ALA A 1 80 ? 6.902   8.179   6.722   1.00 24.26 ? 85  ALA A CB  1 
ATOM   598 N  N   . MET A 1 81 ? 5.254   5.742   5.861   1.00 25.92 ? 86  MET A N   1 
ATOM   599 C  CA  . MET A 1 81 ? 4.885   4.335   5.967   1.00 27.80 ? 86  MET A CA  1 
ATOM   600 C  C   . MET A 1 81 ? 4.702   3.627   4.619   1.00 25.69 ? 86  MET A C   1 
ATOM   601 O  O   . MET A 1 81 ? 5.221   2.511   4.409   1.00 25.51 ? 86  MET A O   1 
ATOM   602 C  CB  . MET A 1 81 ? 3.625   4.189   6.783   1.00 27.70 ? 86  MET A CB  1 
ATOM   603 C  CG  . MET A 1 81 ? 3.339   2.731   7.135   1.00 30.20 ? 86  MET A CG  1 
ATOM   604 S  SD  . MET A 1 81 ? 1.910   2.696   8.213   1.00 35.36 ? 86  MET A SD  1 
ATOM   605 C  CE  . MET A 1 81 ? 2.669   3.180   9.781   1.00 35.37 ? 86  MET A CE  1 
ATOM   606 N  N   . ILE A 1 82 ? 3.959   4.271   3.713   1.00 23.15 ? 87  ILE A N   1 
ATOM   607 C  CA  . ILE A 1 82 ? 3.688   3.692   2.392   1.00 20.68 ? 87  ILE A CA  1 
ATOM   608 C  C   . ILE A 1 82 ? 4.113   4.732   1.347   1.00 19.57 ? 87  ILE A C   1 
ATOM   609 O  O   . ILE A 1 82 ? 3.319   5.629   0.963   1.00 17.96 ? 87  ILE A O   1 
ATOM   610 C  CB  . ILE A 1 82 ? 2.194   3.240   2.224   1.00 20.11 ? 87  ILE A CB  1 
ATOM   611 C  CG1 . ILE A 1 82 ? 1.783   2.259   3.341   1.00 20.25 ? 87  ILE A CG1 1 
ATOM   612 C  CG2 . ILE A 1 82 ? 1.967   2.624   0.813   1.00 18.58 ? 87  ILE A CG2 1 
ATOM   613 C  CD1 . ILE A 1 82 ? 0.440   1.555   3.129   1.00 23.16 ? 87  ILE A CD1 1 
ATOM   614 N  N   . PRO A 1 83 ? 5.380   4.655   0.917   1.00 19.43 ? 88  PRO A N   1 
ATOM   615 C  CA  . PRO A 1 83 ? 5.841   5.602   -0.094  1.00 18.80 ? 88  PRO A CA  1 
ATOM   616 C  C   . PRO A 1 83 ? 5.052   5.463   -1.398  1.00 17.87 ? 88  PRO A C   1 
ATOM   617 O  O   . PRO A 1 83 ? 4.422   4.435   -1.614  1.00 18.04 ? 88  PRO A O   1 
ATOM   618 C  CB  . PRO A 1 83 ? 7.312   5.199   -0.314  1.00 19.54 ? 88  PRO A CB  1 
ATOM   619 C  CG  . PRO A 1 83 ? 7.722   4.499   0.952   1.00 20.26 ? 88  PRO A CG  1 
ATOM   620 C  CD  . PRO A 1 83 ? 6.466   3.767   1.383   1.00 18.69 ? 88  PRO A CD  1 
ATOM   621 N  N   . PRO A 1 84 ? 5.054   6.509   -2.236  1.00 17.25 ? 89  PRO A N   1 
ATOM   622 C  CA  . PRO A 1 84 ? 4.329   6.494   -3.507  1.00 17.93 ? 89  PRO A CA  1 
ATOM   623 C  C   . PRO A 1 84 ? 4.505   5.208   -4.320  1.00 18.01 ? 89  PRO A C   1 
ATOM   624 O  O   . PRO A 1 84 ? 3.516   4.682   -4.806  1.00 19.00 ? 89  PRO A O   1 
ATOM   625 C  CB  . PRO A 1 84 ? 4.906   7.717   -4.244  1.00 18.19 ? 89  PRO A CB  1 
ATOM   626 C  CG  . PRO A 1 84 ? 5.140   8.664   -3.119  1.00 18.44 ? 89  PRO A CG  1 
ATOM   627 C  CD  . PRO A 1 84 ? 5.675   7.812   -1.996  1.00 17.50 ? 89  PRO A CD  1 
ATOM   628 N  N   . ALA A 1 85 ? 5.734   4.718   -4.491  1.00 17.57 ? 90  ALA A N   1 
ATOM   629 C  CA  . ALA A 1 85 ? 5.942   3.469   -5.271  1.00 18.41 ? 90  ALA A CA  1 
ATOM   630 C  C   . ALA A 1 85 ? 5.160   2.285   -4.638  1.00 17.48 ? 90  ALA A C   1 
ATOM   631 O  O   . ALA A 1 85 ? 4.545   1.480   -5.336  1.00 17.81 ? 90  ALA A O   1 
ATOM   632 C  CB  . ALA A 1 85 ? 7.470   3.141   -5.416  1.00 18.80 ? 90  ALA A CB  1 
ATOM   633 N  N   . ASP A 1 86 ? 5.171   2.216   -3.307  1.00 17.90 ? 91  ASP A N   1 
ATOM   634 C  CA  . ASP A 1 86 ? 4.492   1.137   -2.582  1.00 17.93 ? 91  ASP A CA  1 
ATOM   635 C  C   . ASP A 1 86 ? 2.975   1.261   -2.660  1.00 17.10 ? 91  ASP A C   1 
ATOM   636 O  O   . ASP A 1 86 ? 2.271   0.249   -2.748  1.00 17.53 ? 91  ASP A O   1 
ATOM   637 C  CB  . ASP A 1 86 ? 4.933   1.122   -1.127  1.00 19.14 ? 91  ASP A CB  1 
ATOM   638 C  CG  . ASP A 1 86 ? 6.307   0.487   -0.946  1.00 21.60 ? 91  ASP A CG  1 
ATOM   639 O  OD1 . ASP A 1 86 ? 6.796   0.476   0.200   1.00 24.88 ? 91  ASP A OD1 1 
ATOM   640 O  OD2 . ASP A 1 86 ? 6.857   -0.035  -1.937  1.00 25.63 ? 91  ASP A OD2 1 
ATOM   641 N  N   . ALA A 1 87 ? 2.478   2.493   -2.598  1.00 16.81 ? 92  ALA A N   1 
ATOM   642 C  CA  . ALA A 1 87 ? 1.052   2.749   -2.779  1.00 16.40 ? 92  ALA A CA  1 
ATOM   643 C  C   . ALA A 1 87 ? 0.546   2.249   -4.135  1.00 15.75 ? 92  ALA A C   1 
ATOM   644 O  O   . ALA A 1 87 ? -0.545  1.680   -4.218  1.00 15.08 ? 92  ALA A O   1 
ATOM   645 C  CB  . ALA A 1 87 ? 0.761   4.239   -2.616  1.00 16.15 ? 92  ALA A CB  1 
ATOM   646 N  N   . LEU A 1 88 ? 1.332   2.465   -5.187  1.00 15.96 ? 93  LEU A N   1 
ATOM   647 C  CA  . LEU A 1 88 ? 0.976   1.981   -6.550  1.00 16.49 ? 93  LEU A CA  1 
ATOM   648 C  C   . LEU A 1 88 ? 0.881   0.457   -6.598  1.00 16.05 ? 93  LEU A C   1 
ATOM   649 O  O   . LEU A 1 88 ? -0.075  -0.068  -7.147  1.00 17.31 ? 93  LEU A O   1 
ATOM   650 C  CB  . LEU A 1 88 ? 2.002   2.484   -7.597  1.00 15.80 ? 93  LEU A CB  1 
ATOM   651 C  CG  . LEU A 1 88 ? 1.947   3.984   -7.929  1.00 16.81 ? 93  LEU A CG  1 
ATOM   652 C  CD1 . LEU A 1 88 ? 2.992   4.354   -9.047  1.00 18.83 ? 93  LEU A CD1 1 
ATOM   653 C  CD2 . LEU A 1 88 ? 0.506   4.483   -8.273  1.00 16.30 ? 93  LEU A CD2 1 
ATOM   654 N  N   . LYS A 1 89 ? 1.866   -0.221  -6.000  1.00 16.13 ? 94  LYS A N   1 
ATOM   655 C  CA  . LYS A 1 89 ? 1.899   -1.678  -5.907  1.00 16.57 ? 94  LYS A CA  1 
ATOM   656 C  C   . LYS A 1 89 ? 0.665   -2.208  -5.181  1.00 14.99 ? 94  LYS A C   1 
ATOM   657 O  O   . LYS A 1 89 ? 0.063   -3.181  -5.628  1.00 14.13 ? 94  LYS A O   1 
ATOM   658 C  CB  . LYS A 1 89 ? 3.156   -2.188  -5.180  1.00 17.10 ? 94  LYS A CB  1 
ATOM   659 C  CG  . LYS A 1 89 ? 4.481   -1.934  -5.921  1.00 21.59 ? 94  LYS A CG  1 
ATOM   660 C  CD  . LYS A 1 89 ? 4.491   -2.558  -7.317  1.00 25.93 ? 94  LYS A CD  1 
ATOM   661 C  CE  . LYS A 1 89 ? 4.676   -4.059  -7.280  1.00 31.18 ? 94  LYS A CE  1 
ATOM   662 N  NZ  . LYS A 1 89 ? 4.949   -4.581  -8.653  1.00 34.24 ? 94  LYS A NZ  1 
ATOM   663 N  N   . ILE A 1 90 ? 0.316   -1.583  -4.056  1.00 16.30 ? 95  ILE A N   1 
ATOM   664 C  CA  . ILE A 1 90 ? -0.912  -1.984  -3.323  1.00 16.16 ? 95  ILE A CA  1 
ATOM   665 C  C   . ILE A 1 90 ? -2.145  -1.769  -4.190  1.00 15.35 ? 95  ILE A C   1 
ATOM   666 O  O   . ILE A 1 90 ? -2.999  -2.637  -4.250  1.00 14.98 ? 95  ILE A O   1 
ATOM   667 C  CB  . ILE A 1 90 ? -1.081  -1.281  -1.929  1.00 16.20 ? 95  ILE A CB  1 
ATOM   668 C  CG1 . ILE A 1 90 ? 0.046   -1.685  -0.969  1.00 15.19 ? 95  ILE A CG1 1 
ATOM   669 C  CG2 . ILE A 1 90 ? -2.480  -1.615  -1.288  1.00 17.09 ? 95  ILE A CG2 1 
ATOM   670 C  CD1 . ILE A 1 90 ? 0.172   -0.810  0.241   1.00 16.98 ? 95  ILE A CD1 1 
ATOM   671 N  N   . GLY A 1 91 ? -2.256  -0.596  -4.822  1.00 15.27 ? 96  GLY A N   1 
ATOM   672 C  CA  . GLY A 1 91 ? -3.320  -0.354  -5.819  1.00 15.25 ? 96  GLY A CA  1 
ATOM   673 C  C   . GLY A 1 91 ? -3.393  -1.399  -6.930  1.00 15.89 ? 96  GLY A C   1 
ATOM   674 O  O   . GLY A 1 91 ? -4.457  -1.925  -7.211  1.00 15.34 ? 96  GLY A O   1 
ATOM   675 N  N   . GLU A 1 92 ? -2.257  -1.696  -7.546  1.00 16.30 ? 97  GLU A N   1 
ATOM   676 C  CA  . GLU A 1 92 ? -2.159  -2.790  -8.533  1.00 17.29 ? 97  GLU A CA  1 
ATOM   677 C  C   . GLU A 1 92 ? -2.725  -4.100  -8.020  1.00 16.22 ? 97  GLU A C   1 
ATOM   678 O  O   . GLU A 1 92 ? -3.489  -4.742  -8.724  1.00 15.19 ? 97  GLU A O   1 
ATOM   679 C  CB  . GLU A 1 92 ? -0.707  -3.094  -8.946  1.00 18.03 ? 97  GLU A CB  1 
ATOM   680 C  CG  . GLU A 1 92 ? -0.063  -2.146  -9.848  1.00 24.32 ? 97  GLU A CG  1 
ATOM   681 C  CD  . GLU A 1 92 ? 1.326   -2.663  -10.221 1.00 30.77 ? 97  GLU A CD  1 
ATOM   682 O  OE1 . GLU A 1 92 ? 1.447   -3.500  -11.151 1.00 33.85 ? 97  GLU A OE1 1 
ATOM   683 O  OE2 . GLU A 1 92 ? 2.281   -2.271  -9.534  1.00 36.29 ? 97  GLU A OE2 1 
ATOM   684 N  N   . TYR A 1 93 ? -2.334  -4.502  -6.812  1.00 16.03 ? 98  TYR A N   1 
ATOM   685 C  CA  . TYR A 1 93 ? -2.786  -5.785  -6.260  1.00 16.41 ? 98  TYR A CA  1 
ATOM   686 C  C   . TYR A 1 93 ? -4.306  -5.751  -6.024  1.00 16.51 ? 98  TYR A C   1 
ATOM   687 O  O   . TYR A 1 93 ? -5.014  -6.721  -6.328  1.00 16.34 ? 98  TYR A O   1 
ATOM   688 C  CB  . TYR A 1 93 ? -2.037  -6.088  -4.945  1.00 16.92 ? 98  TYR A CB  1 
ATOM   689 C  CG  . TYR A 1 93 ? -2.391  -7.421  -4.313  1.00 18.10 ? 98  TYR A CG  1 
ATOM   690 C  CD1 . TYR A 1 93 ? -1.862  -8.618  -4.821  1.00 19.53 ? 98  TYR A CD1 1 
ATOM   691 C  CD2 . TYR A 1 93 ? -3.247  -7.484  -3.222  1.00 17.71 ? 98  TYR A CD2 1 
ATOM   692 C  CE1 . TYR A 1 93 ? -2.170  -9.839  -4.241  1.00 21.32 ? 98  TYR A CE1 1 
ATOM   693 C  CE2 . TYR A 1 93 ? -3.559  -8.720  -2.612  1.00 19.69 ? 98  TYR A CE2 1 
ATOM   694 C  CZ  . TYR A 1 93 ? -3.017  -9.874  -3.120  1.00 21.09 ? 98  TYR A CZ  1 
ATOM   695 O  OH  . TYR A 1 93 ? -3.346  -11.092 -2.538  1.00 22.06 ? 98  TYR A OH  1 
ATOM   696 N  N   . VAL A 1 94 ? -4.801  -4.632  -5.485  1.00 15.50 ? 99  VAL A N   1 
ATOM   697 C  CA  . VAL A 1 94 ? -6.263  -4.517  -5.241  1.00 15.68 ? 99  VAL A CA  1 
ATOM   698 C  C   . VAL A 1 94 ? -7.025  -4.701  -6.556  1.00 15.49 ? 99  VAL A C   1 
ATOM   699 O  O   . VAL A 1 94 ? -7.968  -5.491  -6.641  1.00 14.36 ? 99  VAL A O   1 
ATOM   700 C  CB  . VAL A 1 94 ? -6.673  -3.180  -4.526  1.00 14.90 ? 99  VAL A CB  1 
ATOM   701 C  CG1 . VAL A 1 94 ? -8.208  -2.982  -4.580  1.00 16.32 ? 99  VAL A CG1 1 
ATOM   702 C  CG2 . VAL A 1 94 ? -6.120  -3.152  -3.056  1.00 14.05 ? 99  VAL A CG2 1 
ATOM   703 N  N   . VAL A 1 95 ? -6.601  -3.983  -7.592  1.00 15.80 ? 100 VAL A N   1 
ATOM   704 C  CA  . VAL A 1 95 ? -7.286  -4.032  -8.900  1.00 16.53 ? 100 VAL A CA  1 
ATOM   705 C  C   . VAL A 1 95 ? -7.130  -5.417  -9.593  1.00 17.86 ? 100 VAL A C   1 
ATOM   706 O  O   . VAL A 1 95 ? -8.093  -5.949  -10.139 1.00 18.00 ? 100 VAL A O   1 
ATOM   707 C  CB  . VAL A 1 95 ? -6.866  -2.831  -9.818  1.00 18.00 ? 100 VAL A CB  1 
ATOM   708 C  CG1 . VAL A 1 95 ? -7.483  -2.948  -11.240 1.00 16.65 ? 100 VAL A CG1 1 
ATOM   709 C  CG2 . VAL A 1 95 ? -7.293  -1.486  -9.122  1.00 16.25 ? 100 VAL A CG2 1 
ATOM   710 N  N   . ALA A 1 96 ? -5.933  -5.990  -9.517  1.00 17.40 ? 101 ALA A N   1 
ATOM   711 C  CA  . ALA A 1 96 ? -5.654  -7.348  -10.084 1.00 18.59 ? 101 ALA A CA  1 
ATOM   712 C  C   . ALA A 1 96 ? -6.322  -8.481  -9.330  1.00 19.06 ? 101 ALA A C   1 
ATOM   713 O  O   . ALA A 1 96 ? -6.463  -9.569  -9.885  1.00 20.66 ? 101 ALA A O   1 
ATOM   714 C  CB  . ALA A 1 96 ? -4.150  -7.604  -10.153 1.00 18.34 ? 101 ALA A CB  1 
ATOM   715 N  N   . SER A 1 97 ? -6.738  -8.242  -8.083  1.00 18.25 ? 102 SER A N   1 
ATOM   716 C  CA  . SER A 1 97 ? -7.191  -9.318  -7.202  1.00 18.64 ? 102 SER A CA  1 
ATOM   717 C  C   . SER A 1 97 ? -8.686  -9.425  -6.943  1.00 18.41 ? 102 SER A C   1 
ATOM   718 O  O   . SER A 1 97 ? -9.203  -10.521 -6.807  1.00 18.54 ? 102 SER A O   1 
ATOM   719 C  CB  . SER A 1 97 ? -6.465  -9.283  -5.852  1.00 19.12 ? 102 SER A CB  1 
ATOM   720 O  OG  . SER A 1 97 ? -5.092  -9.514  -6.013  1.00 18.03 ? 102 SER A OG  1 
ATOM   721 N  N   . PHE A 1 98 ? -9.385  -8.306  -6.833  1.00 18.49 ? 103 PHE A N   1 
ATOM   722 C  CA  . PHE A 1 98 ? -10.745 -8.390  -6.304  1.00 20.26 ? 103 PHE A CA  1 
ATOM   723 C  C   . PHE A 1 98 ? -11.797 -8.031  -7.334  1.00 21.43 ? 103 PHE A C   1 
ATOM   724 O  O   . PHE A 1 98 ? -11.998 -6.859  -7.586  1.00 22.16 ? 103 PHE A O   1 
ATOM   725 C  CB  . PHE A 1 98 ? -10.864 -7.563  -4.995  1.00 19.70 ? 103 PHE A CB  1 
ATOM   726 C  CG  . PHE A 1 98 ? -9.806  -7.896  -3.979  1.00 19.47 ? 103 PHE A CG  1 
ATOM   727 C  CD1 . PHE A 1 98 ? -9.682  -9.212  -3.488  1.00 20.03 ? 103 PHE A CD1 1 
ATOM   728 C  CD2 . PHE A 1 98 ? -8.913  -6.926  -3.521  1.00 17.97 ? 103 PHE A CD2 1 
ATOM   729 C  CE1 . PHE A 1 98 ? -8.701  -9.531  -2.564  1.00 19.85 ? 103 PHE A CE1 1 
ATOM   730 C  CE2 . PHE A 1 98 ? -7.912  -7.248  -2.553  1.00 19.43 ? 103 PHE A CE2 1 
ATOM   731 C  CZ  . PHE A 1 98 ? -7.809  -8.546  -2.091  1.00 20.14 ? 103 PHE A CZ  1 
ATOM   732 N  N   . PRO A 1 99 ? -12.482 -9.048  -7.921  1.00 22.52 ? 104 PRO A N   1 
ATOM   733 C  CA  . PRO A 1 99 ? -13.455 -8.790  -8.998  1.00 23.25 ? 104 PRO A CA  1 
ATOM   734 C  C   . PRO A 1 99 ? -14.757 -8.251  -8.436  1.00 23.00 ? 104 PRO A C   1 
ATOM   735 O  O   . PRO A 1 99 ? -15.671 -7.862  -9.160  1.00 24.25 ? 104 PRO A O   1 
ATOM   736 C  CB  . PRO A 1 99 ? -13.672 -10.183 -9.601  1.00 22.72 ? 104 PRO A CB  1 
ATOM   737 C  CG  . PRO A 1 99 ? -13.566 -11.094 -8.414  1.00 22.74 ? 104 PRO A CG  1 
ATOM   738 C  CD  . PRO A 1 99 ? -12.400 -10.492 -7.618  1.00 23.09 ? 104 PRO A CD  1 
ATOM   739 O  OXT . PRO A 1 99 ? -14.908 -8.178  -7.217  1.00 24.40 ? 104 PRO A OXT 1 
HETATM 740 S  S   . SO4 B 2 .  ? 2.937   8.669   8.412   1.00 53.38 ? 1   SO4 A S   1 
HETATM 741 O  O1  . SO4 B 2 .  ? 3.550   7.803   7.397   1.00 53.33 ? 1   SO4 A O1  1 
HETATM 742 O  O2  . SO4 B 2 .  ? 3.467   8.282   9.712   1.00 54.08 ? 1   SO4 A O2  1 
HETATM 743 O  O3  . SO4 B 2 .  ? 3.239   10.071  8.185   1.00 53.04 ? 1   SO4 A O3  1 
HETATM 744 O  O4  . SO4 B 2 .  ? 1.493   8.505   8.402   1.00 54.77 ? 1   SO4 A O4  1 
HETATM 745 FE FE  . HEC C 3 .  ? -9.591  -0.304  4.128   1.00 16.16 ? 122 HEC A FE  1 
HETATM 746 C  CHA . HEC C 3 .  ? -12.654 0.837   3.090   1.00 14.27 ? 122 HEC A CHA 1 
HETATM 747 C  CHB . HEC C 3 .  ? -8.520  -0.335  0.866   1.00 15.04 ? 122 HEC A CHB 1 
HETATM 748 C  CHC . HEC C 3 .  ? -6.415  -0.998  5.190   1.00 13.29 ? 122 HEC A CHC 1 
HETATM 749 C  CHD . HEC C 3 .  ? -10.778 -0.828  7.279   1.00 15.27 ? 122 HEC A CHD 1 
HETATM 750 N  NA  . HEC C 3 .  ? -10.439 0.178   2.282   1.00 13.76 ? 122 HEC A NA  1 
HETATM 751 C  C1A . HEC C 3 .  ? -11.728 0.621   2.085   1.00 16.25 ? 122 HEC A C1A 1 
HETATM 752 C  C2A . HEC C 3 .  ? -11.926 0.784   0.633   1.00 15.91 ? 122 HEC A C2A 1 
HETATM 753 C  C3A . HEC C 3 .  ? -10.784 0.470   0.038   1.00 14.30 ? 122 HEC A C3A 1 
HETATM 754 C  C4A . HEC C 3 .  ? -9.816  0.092   1.064   1.00 13.02 ? 122 HEC A C4A 1 
HETATM 755 C  CMA . HEC C 3 .  ? -10.496 0.496   -1.475  1.00 15.55 ? 122 HEC A CMA 1 
HETATM 756 C  CAA . HEC C 3 .  ? -13.246 1.161   -0.093  1.00 18.59 ? 122 HEC A CAA 1 
HETATM 757 C  CBA . HEC C 3 .  ? -13.774 2.517   0.233   1.00 21.04 ? 122 HEC A CBA 1 
HETATM 758 C  CGA . HEC C 3 .  ? -15.203 2.605   -0.292  1.00 19.72 ? 122 HEC A CGA 1 
HETATM 759 O  O1A . HEC C 3 .  ? -15.731 1.701   -1.037  1.00 20.73 ? 122 HEC A O1A 1 
HETATM 760 O  O2A . HEC C 3 .  ? -15.779 3.659   0.051   1.00 22.10 ? 122 HEC A O2A 1 
HETATM 761 N  NB  . HEC C 3 .  ? -7.792  -0.671  3.203   1.00 14.77 ? 122 HEC A NB  1 
HETATM 762 C  C1B . HEC C 3 .  ? -7.579  -0.600  1.841   1.00 13.29 ? 122 HEC A C1B 1 
HETATM 763 C  C2B . HEC C 3 .  ? -6.155  -0.765  1.614   1.00 13.68 ? 122 HEC A C2B 1 
HETATM 764 C  C3B . HEC C 3 .  ? -5.563  -0.953  2.818   1.00 12.55 ? 122 HEC A C3B 1 
HETATM 765 C  C4B . HEC C 3 .  ? -6.592  -0.880  3.834   1.00 14.57 ? 122 HEC A C4B 1 
HETATM 766 C  CMB . HEC C 3 .  ? -5.560  -0.779  0.177   1.00 14.92 ? 122 HEC A CMB 1 
HETATM 767 C  CAB . HEC C 3 .  ? -4.063  -1.151  3.108   1.00 13.82 ? 122 HEC A CAB 1 
HETATM 768 C  CBB . HEC C 3 .  ? -3.153  -0.241  2.581   1.00 16.17 ? 122 HEC A CBB 1 
HETATM 769 N  NC  . HEC C 3 .  ? -8.767  -0.814  5.887   1.00 14.21 ? 122 HEC A NC  1 
HETATM 770 C  C1C . HEC C 3 .  ? -7.414  -1.077  6.125   1.00 13.69 ? 122 HEC A C1C 1 
HETATM 771 C  C2C . HEC C 3 .  ? -7.259  -1.399  7.530   1.00 13.75 ? 122 HEC A C2C 1 
HETATM 772 C  C3C . HEC C 3 .  ? -8.471  -1.340  8.110   1.00 12.33 ? 122 HEC A C3C 1 
HETATM 773 C  C4C . HEC C 3 .  ? -9.421  -0.985  7.091   1.00 14.79 ? 122 HEC A C4C 1 
HETATM 774 C  CMC . HEC C 3 .  ? -5.918  -1.744  8.233   1.00 17.43 ? 122 HEC A CMC 1 
HETATM 775 C  CAC . HEC C 3 .  ? -8.861  -1.657  9.598   1.00 13.98 ? 122 HEC A CAC 1 
HETATM 776 C  CBC . HEC C 3 .  ? -8.283  -1.132  10.721  1.00 16.47 ? 122 HEC A CBC 1 
HETATM 777 N  ND  . HEC C 3 .  ? -11.436 -0.063  5.050   1.00 13.00 ? 122 HEC A ND  1 
HETATM 778 C  C1D . HEC C 3 .  ? -11.661 -0.265  6.403   1.00 13.73 ? 122 HEC A C1D 1 
HETATM 779 C  C2D . HEC C 3 .  ? -12.978 0.266   6.751   1.00 11.82 ? 122 HEC A C2D 1 
HETATM 780 C  C3D . HEC C 3 .  ? -13.533 0.775   5.456   1.00 12.27 ? 122 HEC A C3D 1 
HETATM 781 C  C4D . HEC C 3 .  ? -12.525 0.541   4.449   1.00 14.32 ? 122 HEC A C4D 1 
HETATM 782 C  CMD . HEC C 3 .  ? -13.690 0.306   8.113   1.00 11.46 ? 122 HEC A CMD 1 
HETATM 783 C  CAD . HEC C 3 .  ? -14.918 1.443   5.236   1.00 15.06 ? 122 HEC A CAD 1 
HETATM 784 C  CBD . HEC C 3 .  ? -14.721 2.948   5.482   1.00 16.47 ? 122 HEC A CBD 1 
HETATM 785 C  CGD . HEC C 3 .  ? -16.019 3.639   5.182   1.00 18.31 ? 122 HEC A CGD 1 
HETATM 786 O  O1D . HEC C 3 .  ? -16.103 4.352   4.177   1.00 21.91 ? 122 HEC A O1D 1 
HETATM 787 O  O2D . HEC C 3 .  ? -16.994 3.499   5.925   1.00 16.70 ? 122 HEC A O2D 1 
HETATM 788 O  O   . HOH D 4 .  ? -10.191 10.800  0.780   1.00 34.15 ? 123 HOH A O   1 
HETATM 789 O  O   . HOH D 4 .  ? -4.033  4.494   -12.432 1.00 15.53 ? 124 HOH A O   1 
HETATM 790 O  O   . HOH D 4 .  ? -6.309  8.826   -9.246  1.00 18.94 ? 125 HOH A O   1 
HETATM 791 O  O   . HOH D 4 .  ? -5.777  6.707   -12.593 1.00 15.97 ? 126 HOH A O   1 
HETATM 792 O  O   . HOH D 4 .  ? 1.320   8.244   -3.437  1.00 15.16 ? 127 HOH A O   1 
HETATM 793 O  O   . HOH D 4 .  ? 1.620   6.623   -5.504  1.00 17.26 ? 128 HOH A O   1 
HETATM 794 O  O   . HOH D 4 .  ? 2.154   10.753  -3.822  1.00 18.17 ? 129 HOH A O   1 
HETATM 795 O  O   . HOH D 4 .  ? 0.220   -1.331  8.694   1.00 24.76 ? 130 HOH A O   1 
HETATM 796 O  O   . HOH D 4 .  ? -10.716 -4.948  -10.598 1.00 16.20 ? 131 HOH A O   1 
HETATM 797 O  O   . HOH D 4 .  ? -1.322  8.720   -2.761  1.00 15.82 ? 132 HOH A O   1 
HETATM 798 O  O   . HOH D 4 .  ? 4.678   10.599  5.962   1.00 23.94 ? 133 HOH A O   1 
HETATM 799 O  O   . HOH D 4 .  ? -11.780 -1.114  -10.987 1.00 18.23 ? 134 HOH A O   1 
HETATM 800 O  O   . HOH D 4 .  ? -2.385  -1.812  8.914   1.00 19.00 ? 135 HOH A O   1 
HETATM 801 O  O   . HOH D 4 .  ? -16.830 -0.760  -0.647  1.00 18.47 ? 136 HOH A O   1 
HETATM 802 O  O   . HOH D 4 .  ? -14.762 -8.618  -2.262  1.00 18.64 ? 137 HOH A O   1 
HETATM 803 O  O   . HOH D 4 .  ? -5.243  7.544   10.730  1.00 27.42 ? 138 HOH A O   1 
HETATM 804 O  O   . HOH D 4 .  ? -19.240 -8.392  4.052   1.00 17.98 ? 139 HOH A O   1 
HETATM 805 O  O   . HOH D 4 .  ? 8.123   5.928   -3.773  1.00 24.59 ? 140 HOH A O   1 
HETATM 806 O  O   . HOH D 4 .  ? 3.316   -9.934  4.305   1.00 34.59 ? 141 HOH A O   1 
HETATM 807 O  O   . HOH D 4 .  ? 20.997  4.233   -3.810  1.00 26.57 ? 142 HOH A O   1 
HETATM 808 O  O   . HOH D 4 .  ? -20.032 -4.984  -12.632 1.00 15.78 ? 143 HOH A O   1 
HETATM 809 O  O   . HOH D 4 .  ? 44.937  3.594   6.768   1.00 23.63 ? 144 HOH A O   1 
HETATM 810 O  O   . HOH D 4 .  ? -3.053  -6.780  7.877   1.00 30.29 ? 145 HOH A O   1 
HETATM 811 O  O   . HOH D 4 .  ? -15.262 -9.812  5.264   1.00 29.75 ? 146 HOH A O   1 
HETATM 812 O  O   . HOH D 4 .  ? 6.898   -1.672  -4.165  1.00 41.21 ? 147 HOH A O   1 
HETATM 813 O  O   . HOH D 4 .  ? -9.496  -13.236 -7.486  1.00 29.48 ? 148 HOH A O   1 
HETATM 814 O  O   . HOH D 4 .  ? -17.827 -6.470  -8.709  1.00 17.52 ? 149 HOH A O   1 
HETATM 815 O  O   . HOH D 4 .  ? 8.277   8.229   1.599   1.00 32.61 ? 150 HOH A O   1 
HETATM 816 O  O   . HOH D 4 .  ? -1.118  -9.762  8.113   1.00 37.82 ? 151 HOH A O   1 
HETATM 817 O  O   . HOH D 4 .  ? -8.677  1.769   13.015  1.00 30.51 ? 152 HOH A O   1 
HETATM 818 O  O   . HOH D 4 .  ? -12.452 -11.094 -3.580  1.00 37.36 ? 153 HOH A O   1 
HETATM 819 O  O   . HOH D 4 .  ? -3.583  -4.122  -11.545 1.00 23.35 ? 154 HOH A O   1 
HETATM 820 O  O   . HOH D 4 .  ? -13.539 -11.942 3.802   1.00 29.56 ? 155 HOH A O   1 
HETATM 821 O  O   . HOH D 4 .  ? 7.576   -0.713  -6.921  1.00 36.51 ? 156 HOH A O   1 
HETATM 822 O  O   . HOH D 4 .  ? 30.765  7.905   -7.324  1.00 28.64 ? 157 HOH A O   1 
HETATM 823 O  O   . HOH D 4 .  ? 9.925   3.877   -2.553  1.00 34.70 ? 158 HOH A O   1 
HETATM 824 O  O   . HOH D 4 .  ? 37.094  2.009   5.853   1.00 39.64 ? 159 HOH A O   1 
HETATM 825 O  O   . HOH D 4 .  ? 24.572  6.927   1.931   1.00 41.97 ? 160 HOH A O   1 
HETATM 826 O  O   . HOH D 4 .  ? 5.275   0.174   2.695   1.00 28.75 ? 161 HOH A O   1 
HETATM 827 O  O   . HOH D 4 .  ? 11.926  -3.489  -0.518  1.00 40.47 ? 162 HOH A O   1 
HETATM 828 O  O   . HOH D 4 .  ? -22.772 5.523   -6.775  1.00 40.14 ? 163 HOH A O   1 
HETATM 829 O  O   . HOH D 4 .  ? -10.456 0.298   -7.919  1.00 34.08 ? 164 HOH A O   1 
HETATM 830 O  O   . HOH D 4 .  ? -3.781  -11.369 -7.148  1.00 28.24 ? 165 HOH A O   1 
HETATM 831 O  O   . HOH D 4 .  ? 5.967   12.278  -2.877  1.00 35.16 ? 166 HOH A O   1 
HETATM 832 O  O   . HOH D 4 .  ? -8.774  -10.643 9.453   1.00 25.27 ? 167 HOH A O   1 
HETATM 833 O  O   . HOH D 4 .  ? -5.083  9.006   -11.676 1.00 31.22 ? 168 HOH A O   1 
HETATM 834 O  O   . HOH D 4 .  ? 1.131   5.703   8.059   1.00 31.68 ? 169 HOH A O   1 
HETATM 835 O  O   . HOH D 4 .  ? -5.187  -5.557  -13.116 1.00 35.77 ? 170 HOH A O   1 
HETATM 836 O  O   . HOH D 4 .  ? -17.564 -9.019  -7.118  1.00 39.98 ? 171 HOH A O   1 
HETATM 837 O  O   . HOH D 4 .  ? -2.654  -5.072  9.257   1.00 44.75 ? 172 HOH A O   1 
HETATM 838 O  O   . HOH D 4 .  ? 2.660   8.422   -7.394  1.00 23.51 ? 173 HOH A O   1 
HETATM 839 O  O   . HOH D 4 .  ? -0.983  8.068   9.043   1.00 30.01 ? 174 HOH A O   1 
HETATM 840 O  O   . HOH D 4 .  ? 4.226   -8.145  7.739   1.00 40.30 ? 175 HOH A O   1 
HETATM 841 O  O   . HOH D 4 .  ? 36.002  3.887   2.625   1.00 36.81 ? 176 HOH A O   1 
HETATM 842 O  O   . HOH D 4 .  ? 29.216  7.659   -5.070  1.00 23.27 ? 177 HOH A O   1 
HETATM 843 O  O   . HOH D 4 .  ? 33.366  2.783   8.866   1.00 46.42 ? 178 HOH A O   1 
HETATM 844 O  O   . HOH D 4 .  ? -2.617  11.129  5.468   1.00 29.45 ? 179 HOH A O   1 
HETATM 845 O  O   . HOH D 4 .  ? 5.291   -5.775  3.179   1.00 41.72 ? 180 HOH A O   1 
HETATM 846 O  O   . HOH D 4 .  ? -8.597  6.751   11.204  1.00 43.31 ? 181 HOH A O   1 
HETATM 847 O  O   . HOH D 4 .  ? -17.738 -8.875  6.718   1.00 35.26 ? 182 HOH A O   1 
HETATM 848 O  O   . HOH D 4 .  ? 13.749  -0.036  -4.917  1.00 43.00 ? 183 HOH A O   1 
HETATM 849 O  O   . HOH D 4 .  ? 5.690   -1.842  4.198   1.00 30.32 ? 184 HOH A O   1 
HETATM 850 O  O   . HOH D 4 .  ? 15.031  3.006   -2.314  1.00 38.90 ? 185 HOH A O   1 
HETATM 851 O  O   . HOH D 4 .  ? -1.555  10.134  7.580   1.00 32.52 ? 186 HOH A O   1 
HETATM 852 O  O   . HOH D 4 .  ? -2.952  -8.416  10.015  1.00 49.22 ? 187 HOH A O   1 
HETATM 853 O  O   . HOH D 4 .  ? 8.900   -0.451  -3.666  1.00 41.73 ? 188 HOH A O   1 
HETATM 854 O  O   . HOH D 4 .  ? -1.327  12.488  3.626   1.00 37.91 ? 189 HOH A O   1 
HETATM 855 O  O   . HOH D 4 .  ? 7.643   9.868   -0.502  1.00 41.50 ? 190 HOH A O   1 
HETATM 856 O  O   . HOH D 4 .  ? 30.183  10.692  -2.877  1.00 48.01 ? 191 HOH A O   1 
HETATM 857 O  O   . HOH D 4 .  ? 6.994   -8.553  5.118   1.00 46.84 ? 192 HOH A O   1 
HETATM 858 O  O   . HOH D 4 .  ? 33.541  9.690   4.289   1.00 41.24 ? 193 HOH A O   1 
HETATM 859 O  O   . HOH D 4 .  ? -17.356 -9.963  3.238   1.00 35.57 ? 194 HOH A O   1 
HETATM 860 O  O   . HOH D 4 .  ? -2.188  10.985  -3.882  1.00 13.75 ? 195 HOH A O   1 
HETATM 861 O  O   . HOH D 4 .  ? 2.478   -9.248  9.260   1.00 38.43 ? 196 HOH A O   1 
HETATM 862 O  O   . HOH D 4 .  ? -2.895  8.830   10.616  1.00 24.15 ? 197 HOH A O   1 
HETATM 863 O  O   . HOH D 4 .  ? -1.739  -10.717 -0.017  1.00 30.95 ? 198 HOH A O   1 
HETATM 864 O  O   . HOH D 4 .  ? -6.064  -3.367  -14.352 1.00 21.35 ? 199 HOH A O   1 
HETATM 865 O  O   . HOH D 4 .  ? 33.598  11.481  -2.391  1.00 39.80 ? 200 HOH A O   1 
HETATM 866 O  O   . HOH D 4 .  ? -8.788  -2.056  -14.387 1.00 18.62 ? 202 HOH A O   1 
HETATM 867 O  O   . HOH D 4 .  ? 35.364  12.402  -0.653  1.00 26.44 ? 203 HOH A O   1 
HETATM 868 O  O   . HOH D 4 .  ? 38.746  1.422   16.542  1.00 31.68 ? 204 HOH A O   1 
HETATM 869 O  O   . HOH D 4 .  ? 36.813  0.255   8.135   1.00 27.16 ? 205 HOH A O   1 
HETATM 870 O  O   . HOH D 4 .  ? 3.425   10.366  -6.397  1.00 34.56 ? 206 HOH A O   1 
HETATM 871 O  O   . HOH D 4 .  ? 4.121   -9.790  -3.060  1.00 25.86 ? 207 HOH A O   1 
HETATM 872 O  O   . HOH D 4 .  ? 2.525   -9.224  -5.827  1.00 30.32 ? 208 HOH A O   1 
HETATM 873 O  O   . HOH D 4 .  ? 3.722   -7.506  -6.907  1.00 38.86 ? 209 HOH A O   1 
HETATM 874 O  O   . HOH D 4 .  ? -5.250  -4.989  8.145   1.00 28.10 ? 210 HOH A O   1 
HETATM 875 O  O   . HOH D 4 .  ? -5.376  -4.578  10.771  1.00 34.63 ? 211 HOH A O   1 
HETATM 876 O  O   . HOH D 4 .  ? -16.547 -2.297  13.374  1.00 16.94 ? 212 HOH A O   1 
HETATM 877 O  O   . HOH D 4 .  ? -19.446 -4.425  -0.321  1.00 35.05 ? 213 HOH A O   1 
HETATM 878 O  O   . HOH D 4 .  ? -15.129 -7.462  -11.590 1.00 27.61 ? 215 HOH A O   1 
HETATM 879 O  O   . HOH D 4 .  ? -18.775 -2.488  -12.080 1.00 33.70 ? 216 HOH A O   1 
HETATM 880 O  O   . HOH D 4 .  ? -18.471 2.241   -1.946  1.00 23.97 ? 217 HOH A O   1 
HETATM 881 O  O   . HOH D 4 .  ? -12.851 8.804   -8.979  1.00 26.94 ? 218 HOH A O   1 
HETATM 882 O  O   . HOH D 4 .  ? -10.277 9.665   -9.507  1.00 30.52 ? 219 HOH A O   1 
HETATM 883 O  O   . HOH D 4 .  ? -10.797 -3.050  -12.741 1.00 20.70 ? 221 HOH A O   1 
HETATM 884 O  O   . HOH D 4 .  ? -0.558  10.060  4.185   1.00 46.29 ? 222 HOH A O   1 
HETATM 885 O  O   . HOH D 4 .  ? -1.134  -7.786  -8.692  1.00 37.26 ? 223 HOH A O   1 
HETATM 886 O  O   . HOH D 4 .  ? -13.972 -9.422  -4.865  1.00 31.54 ? 224 HOH A O   1 
HETATM 887 O  O   . HOH D 4 .  ? 38.625  1.129   3.895   1.00 27.02 ? 225 HOH A O   1 
HETATM 888 O  O   . HOH D 4 .  ? 38.967  5.181   1.415   1.00 33.76 ? 226 HOH A O   1 
HETATM 889 O  O   . HOH D 4 .  ? 11.578  -0.061  -2.738  1.00 45.30 ? 227 HOH A O   1 
HETATM 890 O  O   . HOH D 4 .  ? -6.493  -11.294 11.392  1.00 37.86 ? 228 HOH A O   1 
HETATM 891 O  O   . HOH D 4 .  ? -11.766 -14.339 4.204   1.00 37.41 ? 229 HOH A O   1 
HETATM 892 O  O   . HOH D 4 .  ? 24.490  3.031   6.616   1.00 38.54 ? 230 HOH A O   1 
HETATM 893 O  O   . HOH D 4 .  ? -19.575 -0.545  -0.699  1.00 38.89 ? 231 HOH A O   1 
HETATM 894 O  O   . HOH D 4 .  ? -17.533 4.613   -10.841 1.00 37.03 ? 232 HOH A O   1 
HETATM 895 O  O   . HOH D 4 .  ? -15.355 6.847   -14.411 1.00 29.11 ? 233 HOH A O   1 
HETATM 896 O  O   . HOH D 4 .  ? -6.877  4.734   13.357  1.00 43.38 ? 234 HOH A O   1 
HETATM 897 O  O   . HOH D 4 .  ? -2.146  5.366   11.453  1.00 38.19 ? 235 HOH A O   1 
HETATM 898 O  O   . HOH D 4 .  ? -0.914  1.911   10.400  1.00 38.09 ? 236 HOH A O   1 
HETATM 899 O  O   . HOH D 4 .  ? 5.594   6.051   9.928   1.00 37.28 ? 237 HOH A O   1 
HETATM 900 O  O   . HOH D 4 .  ? 0.465   9.978   -11.203 1.00 29.79 ? 238 HOH A O   1 
HETATM 901 O  O   . HOH D 4 .  ? 0.662   -11.077 -6.293  1.00 44.42 ? 239 HOH A O   1 
HETATM 902 O  O   . HOH D 4 .  ? 4.178   -10.997 9.378   1.00 44.02 ? 240 HOH A O   1 
HETATM 903 O  O   . HOH D 4 .  ? 34.840  11.165  1.353   1.00 40.48 ? 241 HOH A O   1 
HETATM 904 O  O   . HOH D 4 .  ? 7.341   9.470   9.550   1.00 41.08 ? 242 HOH A O   1 
# 
